data_8QT5
#
_entry.id   8QT5
#
_cell.length_a   176.052
_cell.length_b   176.052
_cell.length_c   172.031
_cell.angle_alpha   90.000
_cell.angle_beta   90.000
_cell.angle_gamma   120.000
#
_symmetry.space_group_name_H-M   'P 31 2 1'
#
loop_
_entity.id
_entity.type
_entity.pdbx_description
1 polymer '14-3-3-like protein G-BOX factor 14 lambda,Protein BRASSINAZOLE-RESISTANT 1'
2 non-polymer 'ACETATE ION'
3 water water
#
_entity_poly.entity_id   1
_entity_poly.type   'polypeptide(L)'
_entity_poly.pdbx_seq_one_letter_code
;MAATLGRDQYVYMAKLAEQAERYEEMVQFMEQLVTGATPAEELTVEERNLLSVAYKNVIGSLRAAWRIVSSIEQKEESRK
NDEHVSLVKDYRSKVESELSSVCSGILKLLDSHLIPSAGASESKVFYLKMKGDYHRYMAEFKSGDERKTAAEDTMLAYKA
AQDIAAADMAPTHPIRLGLALNFSVFYYEILNSSDKACNMAKQAFEEAIAELDTLGEESYKDSTLIMQLLRDNLTLWTSD
MQEQMDEARISN(SEP)AP
;
_entity_poly.pdbx_strand_id   A,B,C,D,E,F,G
#
loop_
_chem_comp.id
_chem_comp.type
_chem_comp.name
_chem_comp.formula
ACT non-polymer 'ACETATE ION' 'C2 H3 O2 -1'
#
# COMPACT_ATOMS: atom_id res chain seq x y z
N THR A 4 34.13 2.11 -52.00
CA THR A 4 35.39 2.90 -52.01
C THR A 4 35.15 4.32 -52.55
N LEU A 5 35.70 5.30 -51.86
CA LEU A 5 35.61 6.69 -52.27
C LEU A 5 36.89 7.12 -52.96
N GLY A 6 36.87 8.34 -53.48
CA GLY A 6 38.03 8.88 -54.15
C GLY A 6 39.03 9.50 -53.19
N ARG A 7 40.22 9.80 -53.73
CA ARG A 7 41.25 10.43 -52.92
C ARG A 7 40.77 11.76 -52.37
N ASP A 8 40.18 12.60 -53.23
CA ASP A 8 39.71 13.90 -52.79
C ASP A 8 38.55 13.77 -51.81
N GLN A 9 37.79 12.67 -51.87
CA GLN A 9 36.66 12.48 -50.97
C GLN A 9 37.11 12.04 -49.58
N TYR A 10 38.17 11.24 -49.49
CA TYR A 10 38.67 10.84 -48.18
C TYR A 10 39.24 12.05 -47.43
N VAL A 11 39.86 12.98 -48.15
CA VAL A 11 40.32 14.21 -47.50
C VAL A 11 39.14 14.99 -46.95
N TYR A 12 38.02 15.02 -47.69
CA TYR A 12 36.85 15.71 -47.20
C TYR A 12 36.25 14.99 -46.00
N MET A 13 36.27 13.65 -46.00
CA MET A 13 35.71 12.91 -44.88
C MET A 13 36.64 12.98 -43.67
N ALA A 14 37.95 13.01 -43.90
CA ALA A 14 38.88 13.22 -42.79
C ALA A 14 38.64 14.57 -42.13
N LYS A 15 38.56 15.62 -42.94
CA LYS A 15 38.29 16.95 -42.38
C LYS A 15 36.93 16.97 -41.68
N LEU A 16 35.93 16.31 -42.25
CA LEU A 16 34.62 16.25 -41.62
C LEU A 16 34.72 15.59 -40.25
N ALA A 17 35.42 14.46 -40.17
CA ALA A 17 35.62 13.81 -38.88
C ALA A 17 36.43 14.68 -37.94
N GLU A 18 37.39 15.45 -38.48
CA GLU A 18 38.19 16.33 -37.64
C GLU A 18 37.32 17.41 -37.00
N GLN A 19 36.36 17.95 -37.76
CA GLN A 19 35.48 18.97 -37.21
C GLN A 19 34.60 18.40 -36.11
N ALA A 20 34.15 17.16 -36.26
CA ALA A 20 33.33 16.49 -35.26
C ALA A 20 34.14 15.90 -34.12
N GLU A 21 35.47 16.06 -34.15
CA GLU A 21 36.34 15.49 -33.13
C GLU A 21 36.10 14.00 -32.95
N ARG A 22 35.82 13.32 -34.06
CA ARG A 22 35.70 11.87 -34.09
C ARG A 22 36.98 11.34 -34.75
N TYR A 23 38.06 11.35 -33.97
CA TYR A 23 39.39 11.12 -34.54
C TYR A 23 39.62 9.66 -34.90
N GLU A 24 39.05 8.73 -34.14
CA GLU A 24 39.18 7.31 -34.50
C GLU A 24 38.74 7.08 -35.94
N GLU A 25 37.72 7.82 -36.41
CA GLU A 25 37.26 7.69 -37.78
C GLU A 25 38.07 8.55 -38.74
N MET A 26 38.63 9.66 -38.28
CA MET A 26 39.55 10.42 -39.11
C MET A 26 40.75 9.57 -39.50
N VAL A 27 41.21 8.72 -38.58
CA VAL A 27 42.30 7.80 -38.88
C VAL A 27 41.88 6.82 -39.96
N GLN A 28 40.68 6.26 -39.83
CA GLN A 28 40.20 5.29 -40.83
C GLN A 28 40.11 5.92 -42.21
N PHE A 29 39.62 7.17 -42.29
CA PHE A 29 39.48 7.82 -43.58
C PHE A 29 40.85 8.07 -44.22
N MET A 30 41.85 8.40 -43.40
CA MET A 30 43.18 8.66 -43.95
C MET A 30 43.90 7.36 -44.29
N GLU A 31 43.74 6.34 -43.46
CA GLU A 31 44.33 5.03 -43.77
C GLU A 31 43.86 4.53 -45.12
N GLN A 32 42.54 4.63 -45.39
CA GLN A 32 42.01 4.20 -46.67
C GLN A 32 42.60 5.04 -47.81
N LEU A 33 42.76 6.34 -47.59
CA LEU A 33 43.42 7.18 -48.58
C LEU A 33 44.85 6.71 -48.83
N VAL A 34 45.59 6.43 -47.74
CA VAL A 34 46.98 6.02 -47.88
C VAL A 34 47.08 4.71 -48.65
N THR A 35 46.41 3.66 -48.14
CA THR A 35 46.50 2.35 -48.77
C THR A 35 45.99 2.34 -50.20
N GLY A 36 45.30 3.39 -50.63
CA GLY A 36 44.74 3.42 -51.97
C GLY A 36 45.53 4.25 -52.95
N ALA A 37 46.51 5.01 -52.46
CA ALA A 37 47.30 5.89 -53.30
C ALA A 37 48.81 5.68 -53.16
N THR A 38 49.26 4.86 -52.23
CA THR A 38 50.66 4.62 -51.97
C THR A 38 50.96 3.13 -52.05
N PRO A 39 52.23 2.74 -52.24
CA PRO A 39 53.43 3.57 -52.37
C PRO A 39 53.67 4.09 -53.77
N ALA A 40 52.80 3.73 -54.72
CA ALA A 40 52.98 4.17 -56.11
C ALA A 40 53.16 5.68 -56.18
N GLU A 41 52.34 6.43 -55.46
CA GLU A 41 52.40 7.88 -55.42
C GLU A 41 52.72 8.34 -54.01
N GLU A 42 53.04 9.63 -53.90
CA GLU A 42 53.40 10.24 -52.63
C GLU A 42 52.25 11.09 -52.11
N LEU A 43 52.07 11.10 -50.80
CA LEU A 43 51.03 11.92 -50.20
C LEU A 43 51.34 13.40 -50.38
N THR A 44 50.29 14.20 -50.48
CA THR A 44 50.44 15.64 -50.46
C THR A 44 50.75 16.12 -49.05
N VAL A 45 51.31 17.32 -48.95
CA VAL A 45 51.57 17.90 -47.63
C VAL A 45 50.29 17.92 -46.81
N GLU A 46 49.16 18.27 -47.45
CA GLU A 46 47.88 18.28 -46.76
C GLU A 46 47.54 16.91 -46.21
N GLU A 47 47.50 15.90 -47.08
CA GLU A 47 47.19 14.54 -46.63
C GLU A 47 48.21 14.05 -45.61
N ARG A 48 49.47 14.40 -45.81
CA ARG A 48 50.52 14.01 -44.87
C ARG A 48 50.24 14.56 -43.48
N ASN A 49 49.81 15.82 -43.40
CA ASN A 49 49.53 16.42 -42.10
C ASN A 49 48.21 15.93 -41.51
N LEU A 50 47.20 15.66 -42.35
CA LEU A 50 45.94 15.13 -41.84
C LEU A 50 46.13 13.78 -41.18
N LEU A 51 46.94 12.91 -41.80
CA LEU A 51 47.23 11.62 -41.19
C LEU A 51 47.94 11.80 -39.86
N SER A 52 48.99 12.63 -39.84
CA SER A 52 49.73 12.84 -38.60
C SER A 52 48.83 13.43 -37.51
N VAL A 53 47.98 14.39 -37.87
CA VAL A 53 47.07 14.98 -36.89
C VAL A 53 46.10 13.92 -36.38
N ALA A 54 45.58 13.09 -37.27
CA ALA A 54 44.60 12.07 -36.86
C ALA A 54 45.19 11.14 -35.81
N TYR A 55 46.37 10.58 -36.08
CA TYR A 55 46.99 9.67 -35.12
C TYR A 55 47.48 10.39 -33.88
N LYS A 56 47.87 11.66 -34.00
CA LYS A 56 48.31 12.40 -32.83
C LYS A 56 47.18 12.55 -31.81
N ASN A 57 45.96 12.83 -32.28
CA ASN A 57 44.83 13.00 -31.37
C ASN A 57 44.41 11.66 -30.76
N VAL A 58 44.34 10.60 -31.57
CA VAL A 58 43.94 9.30 -31.05
C VAL A 58 44.91 8.82 -29.99
N ILE A 59 46.21 8.85 -30.30
CA ILE A 59 47.20 8.37 -29.34
C ILE A 59 47.35 9.35 -28.18
N GLY A 60 47.24 10.65 -28.48
CA GLY A 60 47.32 11.63 -27.41
C GLY A 60 46.25 11.42 -26.36
N SER A 61 45.04 11.06 -26.79
CA SER A 61 43.96 10.80 -25.84
C SER A 61 44.28 9.60 -24.96
N LEU A 62 44.85 8.54 -25.54
CA LEU A 62 45.20 7.36 -24.75
C LEU A 62 46.40 7.63 -23.85
N ARG A 63 47.37 8.40 -24.34
CA ARG A 63 48.51 8.75 -23.51
C ARG A 63 48.07 9.53 -22.27
N ALA A 64 47.14 10.48 -22.46
CA ALA A 64 46.63 11.24 -21.33
C ALA A 64 45.91 10.34 -20.33
N ALA A 65 45.11 9.39 -20.85
CA ALA A 65 44.43 8.46 -19.96
C ALA A 65 45.43 7.57 -19.23
N TRP A 66 46.45 7.09 -19.93
CA TRP A 66 47.44 6.23 -19.30
C TRP A 66 48.14 6.95 -18.14
N ARG A 67 48.51 8.20 -18.35
CA ARG A 67 49.12 8.98 -17.27
C ARG A 67 48.22 9.00 -16.04
N ILE A 68 46.93 9.27 -16.25
CA ILE A 68 46.00 9.39 -15.12
C ILE A 68 45.86 8.05 -14.40
N VAL A 69 45.68 6.97 -15.17
CA VAL A 69 45.53 5.66 -14.54
C VAL A 69 46.80 5.28 -13.82
N SER A 70 47.95 5.40 -14.49
CA SER A 70 49.23 5.08 -13.87
C SER A 70 49.43 5.90 -12.59
N SER A 71 49.00 7.17 -12.60
CA SER A 71 49.10 7.98 -11.40
C SER A 71 48.21 7.44 -10.29
N ILE A 72 46.99 7.01 -10.63
CA ILE A 72 46.09 6.46 -9.61
C ILE A 72 46.66 5.17 -9.04
N GLU A 73 47.33 4.37 -9.88
CA GLU A 73 47.92 3.12 -9.40
C GLU A 73 48.97 3.39 -8.33
N GLN A 74 49.86 4.34 -8.58
CA GLN A 74 50.85 4.70 -7.57
C GLN A 74 50.20 5.21 -6.30
N LYS A 75 49.08 5.93 -6.43
CA LYS A 75 48.38 6.44 -5.26
C LYS A 75 47.70 5.32 -4.49
N GLU A 76 47.28 4.26 -5.17
CA GLU A 76 46.65 3.13 -4.50
C GLU A 76 47.68 2.17 -3.91
N GLU A 77 48.87 2.08 -4.52
CA GLU A 77 49.91 1.22 -3.95
C GLU A 77 50.56 1.85 -2.73
N SER A 78 50.50 3.17 -2.58
CA SER A 78 50.99 3.82 -1.37
C SER A 78 50.01 3.67 -0.21
N ARG A 79 48.73 3.41 -0.49
CA ARG A 79 47.75 3.16 0.55
C ARG A 79 47.78 1.74 1.06
N LYS A 80 48.47 0.83 0.36
CA LYS A 80 48.47 -0.59 0.68
C LYS A 80 47.09 -1.22 0.43
N ASN A 81 46.33 -0.63 -0.50
CA ASN A 81 45.00 -1.12 -0.84
C ASN A 81 45.16 -2.19 -1.92
N ASP A 82 45.53 -3.39 -1.47
CA ASP A 82 45.78 -4.49 -2.41
C ASP A 82 44.57 -4.73 -3.30
N GLU A 83 43.36 -4.55 -2.77
CA GLU A 83 42.15 -4.77 -3.56
C GLU A 83 42.13 -3.83 -4.77
N HIS A 84 42.20 -2.52 -4.53
CA HIS A 84 42.09 -1.56 -5.61
C HIS A 84 43.26 -1.64 -6.58
N VAL A 85 44.45 -2.00 -6.09
CA VAL A 85 45.61 -2.08 -6.97
C VAL A 85 45.39 -3.14 -8.04
N SER A 86 44.76 -4.26 -7.67
CA SER A 86 44.48 -5.31 -8.66
C SER A 86 43.54 -4.79 -9.74
N LEU A 87 42.51 -4.05 -9.37
CA LEU A 87 41.56 -3.54 -10.35
C LEU A 87 42.20 -2.49 -11.24
N VAL A 88 42.99 -1.57 -10.67
CA VAL A 88 43.56 -0.49 -11.45
C VAL A 88 44.53 -1.04 -12.50
N LYS A 89 45.32 -2.05 -12.13
CA LYS A 89 46.29 -2.58 -13.08
C LYS A 89 45.60 -3.30 -14.23
N ASP A 90 44.49 -3.99 -13.94
CA ASP A 90 43.67 -4.53 -15.03
C ASP A 90 43.26 -3.42 -15.99
N TYR A 91 42.87 -2.26 -15.45
CA TYR A 91 42.41 -1.17 -16.31
C TYR A 91 43.56 -0.58 -17.11
N ARG A 92 44.72 -0.37 -16.48
CA ARG A 92 45.85 0.19 -17.20
C ARG A 92 46.27 -0.70 -18.35
N SER A 93 46.30 -2.01 -18.13
CA SER A 93 46.67 -2.92 -19.22
C SER A 93 45.70 -2.82 -20.39
N LYS A 94 44.42 -2.54 -20.10
CA LYS A 94 43.46 -2.33 -21.19
C LYS A 94 43.83 -1.10 -22.00
N VAL A 95 44.23 -0.01 -21.32
CA VAL A 95 44.66 1.19 -22.03
C VAL A 95 45.96 0.93 -22.78
N GLU A 96 46.84 0.11 -22.21
CA GLU A 96 48.12 -0.18 -22.85
C GLU A 96 47.92 -1.01 -24.12
N SER A 97 47.00 -1.98 -24.09
CA SER A 97 46.74 -2.75 -25.30
C SER A 97 46.18 -1.86 -26.41
N GLU A 98 45.43 -0.82 -26.05
CA GLU A 98 44.94 0.12 -27.06
C GLU A 98 46.06 1.03 -27.56
N LEU A 99 46.91 1.51 -26.65
CA LEU A 99 48.10 2.22 -27.08
C LEU A 99 48.90 1.40 -28.08
N SER A 100 49.07 0.11 -27.79
CA SER A 100 49.80 -0.77 -28.70
C SER A 100 49.06 -0.93 -30.03
N SER A 101 47.73 -1.04 -29.98
CA SER A 101 46.96 -1.20 -31.20
C SER A 101 47.18 -0.02 -32.14
N VAL A 102 47.19 1.19 -31.60
CA VAL A 102 47.30 2.39 -32.45
C VAL A 102 48.72 2.53 -32.98
N CYS A 103 49.72 2.37 -32.11
CA CYS A 103 51.09 2.48 -32.55
C CYS A 103 51.39 1.46 -33.64
N SER A 104 50.94 0.21 -33.46
CA SER A 104 51.17 -0.80 -34.48
C SER A 104 50.51 -0.42 -35.79
N GLY A 105 49.34 0.21 -35.73
CA GLY A 105 48.65 0.60 -36.96
C GLY A 105 49.47 1.55 -37.80
N ILE A 106 49.98 2.62 -37.18
CA ILE A 106 50.73 3.61 -37.95
C ILE A 106 52.12 3.08 -38.30
N LEU A 107 52.75 2.34 -37.39
CA LEU A 107 54.06 1.77 -37.69
C LEU A 107 53.98 0.79 -38.85
N LYS A 108 52.90 0.01 -38.91
CA LYS A 108 52.70 -0.88 -40.05
C LYS A 108 52.48 -0.08 -41.34
N LEU A 109 51.69 1.00 -41.25
CA LEU A 109 51.45 1.83 -42.42
C LEU A 109 52.73 2.54 -42.86
N LEU A 110 53.63 2.84 -41.92
CA LEU A 110 54.86 3.54 -42.28
C LEU A 110 55.81 2.62 -43.05
N ASP A 111 55.94 1.36 -42.64
CA ASP A 111 56.84 0.44 -43.32
C ASP A 111 56.26 -0.01 -44.65
N SER A 112 54.96 -0.31 -44.70
CA SER A 112 54.39 -0.91 -45.89
C SER A 112 54.06 0.11 -46.97
N HIS A 113 53.75 1.35 -46.59
CA HIS A 113 53.26 2.32 -47.57
C HIS A 113 54.02 3.65 -47.56
N LEU A 114 54.08 4.31 -46.41
CA LEU A 114 54.51 5.70 -46.38
C LEU A 114 56.01 5.83 -46.69
N ILE A 115 56.85 5.12 -45.96
CA ILE A 115 58.30 5.22 -46.20
C ILE A 115 58.65 4.77 -47.61
N PRO A 116 58.11 3.67 -48.14
CA PRO A 116 58.36 3.36 -49.56
C PRO A 116 57.93 4.46 -50.51
N SER A 117 56.91 5.24 -50.15
CA SER A 117 56.40 6.29 -51.04
C SER A 117 57.28 7.55 -51.03
N ALA A 118 58.08 7.75 -50.00
CA ALA A 118 58.87 8.97 -49.89
C ALA A 118 59.96 8.99 -50.95
N GLY A 119 59.85 9.91 -51.91
CA GLY A 119 60.84 10.05 -52.95
C GLY A 119 61.69 11.29 -52.79
N ALA A 120 61.85 11.76 -51.56
CA ALA A 120 62.62 12.97 -51.29
C ALA A 120 62.99 12.97 -49.81
N SER A 121 64.06 13.72 -49.50
CA SER A 121 64.53 13.78 -48.12
C SER A 121 63.45 14.30 -47.18
N GLU A 122 62.74 15.35 -47.60
CA GLU A 122 61.71 15.93 -46.74
C GLU A 122 60.69 14.89 -46.29
N SER A 123 60.27 14.02 -47.22
CA SER A 123 59.27 13.01 -46.89
C SER A 123 59.88 11.90 -46.05
N LYS A 124 61.11 11.49 -46.37
CA LYS A 124 61.77 10.46 -45.57
C LYS A 124 61.89 10.90 -44.12
N VAL A 125 62.46 12.08 -43.89
CA VAL A 125 62.64 12.58 -42.53
C VAL A 125 61.29 12.66 -41.81
N PHE A 126 60.24 13.04 -42.53
CA PHE A 126 58.92 13.15 -41.91
C PHE A 126 58.44 11.79 -41.42
N TYR A 127 58.48 10.78 -42.29
CA TYR A 127 57.96 9.47 -41.92
C TYR A 127 58.90 8.75 -40.95
N LEU A 128 60.21 8.93 -41.10
CA LEU A 128 61.15 8.33 -40.16
C LEU A 128 61.00 8.94 -38.77
N LYS A 129 60.90 10.27 -38.71
CA LYS A 129 60.57 10.94 -37.45
C LYS A 129 59.28 10.37 -36.86
N MET A 130 58.24 10.27 -37.70
CA MET A 130 56.98 9.69 -37.25
C MET A 130 57.18 8.26 -36.76
N LYS A 131 58.01 7.49 -37.46
CA LYS A 131 58.29 6.13 -37.03
C LYS A 131 58.96 6.12 -35.66
N GLY A 132 59.90 7.02 -35.44
CA GLY A 132 60.51 7.14 -34.13
C GLY A 132 59.53 7.63 -33.07
N ASP A 133 58.64 8.54 -33.45
CA ASP A 133 57.66 9.07 -32.50
C ASP A 133 56.85 7.94 -31.86
N TYR A 134 56.28 7.06 -32.67
CA TYR A 134 55.36 6.04 -32.15
C TYR A 134 56.10 4.85 -31.56
N HIS A 135 57.37 4.63 -31.91
CA HIS A 135 58.19 3.72 -31.12
C HIS A 135 58.46 4.33 -29.74
N ARG A 136 58.69 5.64 -29.69
CA ARG A 136 58.88 6.31 -28.41
C ARG A 136 57.62 6.21 -27.54
N TYR A 137 56.44 6.35 -28.15
CA TYR A 137 55.22 6.20 -27.38
C TYR A 137 55.09 4.79 -26.84
N MET A 138 55.51 3.79 -27.61
CA MET A 138 55.55 2.42 -27.10
C MET A 138 56.50 2.30 -25.92
N ALA A 139 57.63 3.00 -25.97
CA ALA A 139 58.61 2.93 -24.90
C ALA A 139 58.14 3.62 -23.62
N GLU A 140 57.09 4.42 -23.68
CA GLU A 140 56.67 5.17 -22.49
C GLU A 140 56.00 4.27 -21.46
N PHE A 141 55.31 3.21 -21.89
CA PHE A 141 54.61 2.33 -20.97
C PHE A 141 55.17 0.92 -20.92
N LYS A 142 56.14 0.58 -21.75
CA LYS A 142 56.78 -0.73 -21.67
C LYS A 142 57.79 -0.75 -20.54
N SER A 143 58.03 -1.95 -20.01
CA SER A 143 58.84 -2.12 -18.81
C SER A 143 60.33 -2.26 -19.12
N GLY A 144 60.83 -3.49 -19.21
CA GLY A 144 62.18 -3.76 -19.63
C GLY A 144 62.16 -4.73 -20.81
N ASP A 145 63.32 -4.83 -21.50
CA ASP A 145 63.41 -5.64 -22.72
C ASP A 145 62.44 -5.13 -23.78
N GLU A 146 61.14 -5.21 -23.53
CA GLU A 146 60.17 -4.57 -24.43
C GLU A 146 60.47 -3.08 -24.56
N ARG A 147 60.84 -2.44 -23.46
CA ARG A 147 61.19 -1.02 -23.50
C ARG A 147 62.53 -0.81 -24.21
N LYS A 148 63.53 -1.61 -23.85
CA LYS A 148 64.83 -1.50 -24.51
C LYS A 148 64.69 -1.73 -26.01
N THR A 149 63.90 -2.71 -26.42
CA THR A 149 63.62 -2.91 -27.84
C THR A 149 62.93 -1.68 -28.42
N ALA A 150 61.89 -1.19 -27.73
CA ALA A 150 61.20 0.02 -28.18
C ALA A 150 62.15 1.20 -28.26
N ALA A 151 63.09 1.30 -27.33
CA ALA A 151 64.05 2.40 -27.37
C ALA A 151 65.04 2.24 -28.52
N GLU A 152 65.53 1.02 -28.75
CA GLU A 152 66.45 0.80 -29.87
C GLU A 152 65.79 1.11 -31.19
N ASP A 153 64.54 0.68 -31.37
CA ASP A 153 63.82 1.00 -32.60
C ASP A 153 63.66 2.51 -32.74
N THR A 154 63.41 3.20 -31.64
CA THR A 154 63.34 4.66 -31.67
C THR A 154 64.67 5.25 -32.12
N MET A 155 65.77 4.83 -31.48
CA MET A 155 67.09 5.34 -31.84
C MET A 155 67.37 5.18 -33.33
N LEU A 156 67.02 4.02 -33.88
CA LEU A 156 67.28 3.76 -35.29
C LEU A 156 66.48 4.71 -36.18
N ALA A 157 65.18 4.85 -35.90
CA ALA A 157 64.34 5.68 -36.76
C ALA A 157 64.75 7.14 -36.70
N TYR A 158 65.04 7.65 -35.50
CA TYR A 158 65.40 9.06 -35.37
C TYR A 158 66.76 9.34 -35.99
N LYS A 159 67.77 8.53 -35.65
CA LYS A 159 69.11 8.77 -36.16
C LYS A 159 69.15 8.66 -37.69
N ALA A 160 68.30 7.81 -38.27
CA ALA A 160 68.19 7.78 -39.72
C ALA A 160 67.62 9.09 -40.25
N ALA A 161 66.57 9.60 -39.62
CA ALA A 161 66.00 10.88 -40.04
C ALA A 161 66.98 12.03 -39.81
N GLN A 162 67.78 11.95 -38.75
CA GLN A 162 68.76 13.00 -38.49
C GLN A 162 69.84 13.02 -39.56
N ASP A 163 70.32 11.83 -39.95
CA ASP A 163 71.34 11.76 -41.00
C ASP A 163 70.84 12.41 -42.28
N ILE A 164 69.67 12.00 -42.76
CA ILE A 164 69.13 12.53 -44.01
C ILE A 164 68.91 14.04 -43.89
N ALA A 165 68.28 14.45 -42.78
CA ALA A 165 67.89 15.86 -42.64
C ALA A 165 69.10 16.78 -42.64
N ALA A 166 70.08 16.48 -41.79
CA ALA A 166 71.26 17.35 -41.70
C ALA A 166 71.95 17.51 -43.03
N ALA A 167 71.86 16.52 -43.91
CA ALA A 167 72.57 16.57 -45.18
C ALA A 167 71.79 17.35 -46.25
N ASP A 168 70.46 17.31 -46.20
CA ASP A 168 69.63 17.91 -47.24
C ASP A 168 68.63 18.93 -46.71
N MET A 169 68.05 18.70 -45.54
CA MET A 169 67.09 19.62 -44.97
C MET A 169 67.78 20.87 -44.46
N ALA A 170 67.02 21.97 -44.39
CA ALA A 170 67.57 23.21 -43.84
C ALA A 170 67.35 23.25 -42.33
N PRO A 171 68.28 23.82 -41.57
CA PRO A 171 68.15 23.80 -40.10
C PRO A 171 66.92 24.56 -39.60
N THR A 172 66.29 25.37 -40.44
CA THR A 172 65.09 26.10 -40.07
C THR A 172 63.81 25.42 -40.53
N HIS A 173 63.91 24.25 -41.16
CA HIS A 173 62.72 23.56 -41.64
C HIS A 173 61.98 22.94 -40.46
N PRO A 174 60.66 23.13 -40.35
CA PRO A 174 59.95 22.60 -39.17
C PRO A 174 60.14 21.11 -38.96
N ILE A 175 60.17 20.32 -40.04
CA ILE A 175 60.32 18.88 -39.88
C ILE A 175 61.65 18.54 -39.23
N ARG A 176 62.74 19.12 -39.75
CA ARG A 176 64.04 18.90 -39.13
C ARG A 176 64.06 19.40 -37.69
N LEU A 177 63.50 20.59 -37.45
CA LEU A 177 63.41 21.11 -36.09
C LEU A 177 62.59 20.18 -35.21
N GLY A 178 61.39 19.80 -35.68
CA GLY A 178 60.58 18.86 -34.92
C GLY A 178 61.30 17.56 -34.63
N LEU A 179 62.07 17.07 -35.60
CA LEU A 179 62.86 15.87 -35.38
C LEU A 179 63.82 16.06 -34.22
N ALA A 180 64.59 17.15 -34.24
CA ALA A 180 65.54 17.40 -33.16
C ALA A 180 64.82 17.52 -31.82
N LEU A 181 63.64 18.13 -31.81
CA LEU A 181 62.88 18.26 -30.57
C LEU A 181 62.49 16.89 -30.02
N ASN A 182 61.73 16.12 -30.79
CA ASN A 182 61.27 14.82 -30.32
C ASN A 182 62.45 13.91 -30.01
N PHE A 183 63.53 14.01 -30.80
CA PHE A 183 64.71 13.19 -30.54
C PHE A 183 65.35 13.56 -29.21
N SER A 184 65.41 14.86 -28.90
CA SER A 184 65.97 15.28 -27.62
C SER A 184 65.07 14.86 -26.46
N VAL A 185 63.74 14.88 -26.68
CA VAL A 185 62.82 14.38 -25.67
C VAL A 185 63.05 12.90 -25.44
N PHE A 186 63.46 12.17 -26.49
CA PHE A 186 63.73 10.74 -26.34
C PHE A 186 64.90 10.50 -25.40
N TYR A 187 66.02 11.19 -25.61
CA TYR A 187 67.14 11.05 -24.69
C TYR A 187 66.75 11.45 -23.27
N TYR A 188 65.98 12.53 -23.12
CA TYR A 188 65.69 13.06 -21.80
C TYR A 188 64.75 12.13 -21.04
N GLU A 189 63.66 11.71 -21.67
CA GLU A 189 62.60 11.00 -20.96
C GLU A 189 62.71 9.48 -21.05
N ILE A 190 63.27 8.95 -22.12
CA ILE A 190 63.40 7.51 -22.29
C ILE A 190 64.75 7.00 -21.84
N LEU A 191 65.83 7.75 -22.11
CA LEU A 191 67.18 7.31 -21.79
C LEU A 191 67.80 8.03 -20.61
N ASN A 192 67.14 9.05 -20.06
CA ASN A 192 67.64 9.79 -18.90
C ASN A 192 69.03 10.36 -19.17
N SER A 193 69.20 10.94 -20.35
CA SER A 193 70.46 11.57 -20.76
C SER A 193 70.20 13.07 -20.93
N SER A 194 70.14 13.79 -19.81
CA SER A 194 69.89 15.22 -19.86
C SER A 194 70.99 15.94 -20.63
N ASP A 195 72.24 15.53 -20.44
CA ASP A 195 73.35 16.19 -21.12
C ASP A 195 73.24 16.03 -22.64
N LYS A 196 73.03 14.79 -23.09
CA LYS A 196 72.89 14.55 -24.53
C LYS A 196 71.66 15.25 -25.09
N ALA A 197 70.55 15.19 -24.36
CA ALA A 197 69.31 15.82 -24.84
C ALA A 197 69.46 17.33 -24.95
N CYS A 198 70.11 17.95 -23.96
CA CYS A 198 70.31 19.40 -24.02
C CYS A 198 71.26 19.78 -25.15
N ASN A 199 72.34 19.01 -25.34
CA ASN A 199 73.29 19.33 -26.40
C ASN A 199 72.64 19.23 -27.77
N MET A 200 71.70 18.31 -27.94
CA MET A 200 71.03 18.16 -29.23
C MET A 200 70.07 19.32 -29.47
N ALA A 201 69.20 19.60 -28.49
CA ALA A 201 68.25 20.70 -28.63
C ALA A 201 68.97 22.01 -28.92
N LYS A 202 70.05 22.29 -28.18
CA LYS A 202 70.75 23.56 -28.36
C LYS A 202 71.36 23.66 -29.75
N GLN A 203 71.96 22.58 -30.24
CA GLN A 203 72.58 22.60 -31.56
C GLN A 203 71.55 22.95 -32.64
N ALA A 204 70.41 22.27 -32.62
CA ALA A 204 69.38 22.55 -33.61
C ALA A 204 68.88 23.99 -33.49
N PHE A 205 68.73 24.47 -32.26
CA PHE A 205 68.27 25.84 -32.04
C PHE A 205 69.25 26.85 -32.65
N GLU A 206 70.53 26.72 -32.30
CA GLU A 206 71.52 27.67 -32.81
C GLU A 206 71.65 27.56 -34.32
N GLU A 207 71.54 26.35 -34.86
CA GLU A 207 71.62 26.18 -36.31
C GLU A 207 70.50 26.91 -37.02
N ALA A 208 69.31 26.95 -36.41
CA ALA A 208 68.19 27.66 -37.02
C ALA A 208 68.38 29.17 -36.91
N ILE A 209 68.94 29.64 -35.81
CA ILE A 209 69.15 31.08 -35.63
C ILE A 209 70.07 31.61 -36.72
N ALA A 210 71.14 30.87 -37.03
CA ALA A 210 72.12 31.37 -37.98
C ALA A 210 71.50 31.60 -39.35
N GLU A 211 70.60 30.71 -39.77
CA GLU A 211 69.91 30.81 -41.05
C GLU A 211 68.47 31.28 -40.88
N LEU A 212 68.22 32.10 -39.85
CA LEU A 212 66.85 32.55 -39.58
C LEU A 212 66.39 33.59 -40.59
N ASP A 213 67.32 34.34 -41.19
CA ASP A 213 66.94 35.33 -42.18
C ASP A 213 66.24 34.68 -43.37
N THR A 214 66.75 33.55 -43.84
CA THR A 214 66.16 32.85 -44.98
C THR A 214 64.99 31.96 -44.58
N LEU A 215 64.10 32.46 -43.72
CA LEU A 215 62.91 31.73 -43.28
C LEU A 215 61.68 32.40 -43.88
N GLY A 216 60.85 31.60 -44.56
CA GLY A 216 59.77 32.15 -45.36
C GLY A 216 58.44 32.23 -44.63
N GLU A 217 57.48 32.89 -45.29
CA GLU A 217 56.15 33.07 -44.71
C GLU A 217 55.49 31.73 -44.40
N GLU A 218 55.74 30.72 -45.22
CA GLU A 218 54.98 29.48 -45.12
C GLU A 218 55.23 28.77 -43.80
N SER A 219 56.48 28.75 -43.32
CA SER A 219 56.86 27.90 -42.21
C SER A 219 57.55 28.67 -41.08
N TYR A 220 57.39 29.98 -41.02
CA TYR A 220 58.05 30.74 -39.97
C TYR A 220 57.39 30.50 -38.61
N LYS A 221 56.06 30.45 -38.58
CA LYS A 221 55.38 30.19 -37.31
C LYS A 221 55.59 28.75 -36.86
N ASP A 222 55.48 27.79 -37.78
CA ASP A 222 55.74 26.40 -37.43
C ASP A 222 57.16 26.25 -36.90
N SER A 223 58.15 26.83 -37.60
CA SER A 223 59.53 26.72 -37.17
C SER A 223 59.73 27.41 -35.81
N THR A 224 59.36 28.69 -35.73
CA THR A 224 59.59 29.44 -34.50
C THR A 224 58.88 28.81 -33.31
N LEU A 225 57.70 28.24 -33.54
CA LEU A 225 57.00 27.55 -32.46
C LEU A 225 57.85 26.39 -31.93
N ILE A 226 58.38 25.57 -32.83
CA ILE A 226 59.25 24.48 -32.41
C ILE A 226 60.50 25.03 -31.75
N MET A 227 61.07 26.09 -32.32
CA MET A 227 62.25 26.71 -31.72
C MET A 227 61.97 27.10 -30.26
N GLN A 228 60.79 27.66 -29.99
CA GLN A 228 60.45 28.04 -28.63
CA GLN A 228 60.43 28.04 -28.63
C GLN A 228 60.28 26.80 -27.74
N LEU A 229 59.68 25.74 -28.27
CA LEU A 229 59.54 24.51 -27.50
C LEU A 229 60.90 23.93 -27.15
N LEU A 230 61.86 24.01 -28.08
CA LEU A 230 63.23 23.61 -27.78
C LEU A 230 63.78 24.45 -26.63
N ARG A 231 63.60 25.78 -26.71
CA ARG A 231 64.13 26.65 -25.69
C ARG A 231 63.42 26.45 -24.35
N ASP A 232 62.10 26.23 -24.38
CA ASP A 232 61.37 25.92 -23.15
C ASP A 232 61.93 24.65 -22.51
N ASN A 233 61.95 23.55 -23.27
CA ASN A 233 62.48 22.30 -22.75
C ASN A 233 63.90 22.49 -22.22
N LEU A 234 64.74 23.17 -22.99
CA LEU A 234 66.13 23.37 -22.59
C LEU A 234 66.21 24.13 -21.27
N THR A 235 65.30 25.09 -21.07
CA THR A 235 65.26 25.81 -19.79
C THR A 235 64.80 24.89 -18.67
N LEU A 236 63.69 24.18 -18.88
CA LEU A 236 63.21 23.24 -17.86
C LEU A 236 64.25 22.17 -17.55
N TRP A 237 65.01 21.75 -18.56
CA TRP A 237 66.01 20.72 -18.32
C TRP A 237 67.24 21.28 -17.61
N THR A 238 67.72 22.45 -18.04
CA THR A 238 68.84 23.08 -17.35
C THR A 238 68.43 23.59 -15.97
N SER A 239 67.19 24.05 -15.82
CA SER A 239 66.68 24.39 -14.49
C SER A 239 66.74 23.17 -13.59
N ASP A 240 66.19 22.04 -14.05
CA ASP A 240 66.45 20.78 -13.39
C ASP A 240 67.94 20.43 -13.52
N MET A 241 68.36 19.44 -12.75
CA MET A 241 69.79 19.12 -12.65
C MET A 241 69.94 17.62 -12.55
N GLN A 242 70.44 16.99 -13.61
CA GLN A 242 70.65 15.56 -13.65
C GLN A 242 72.07 15.22 -13.17
N GLU A 243 72.40 13.93 -13.20
CA GLU A 243 73.71 13.44 -12.76
C GLU A 243 74.23 12.47 -13.81
N GLN A 244 75.16 12.95 -14.65
CA GLN A 244 75.77 12.15 -15.71
C GLN A 244 74.77 11.80 -16.80
N MET A 245 75.22 11.10 -17.83
CA MET A 245 74.40 10.81 -19.01
C MET A 245 73.65 12.06 -19.47
N ILE A 250 56.50 16.84 -17.55
CA ILE A 250 56.61 16.25 -18.88
C ILE A 250 57.27 17.27 -19.81
N SER A 251 57.98 16.78 -20.82
CA SER A 251 58.64 17.65 -21.78
C SER A 251 57.70 17.95 -22.94
N ASN A 252 58.04 19.01 -23.68
CA ASN A 252 57.21 19.43 -24.81
C ASN A 252 57.68 18.78 -26.11
N SEP A 253 56.88 17.85 -26.63
CA SEP A 253 57.19 17.26 -27.97
CB SEP A 253 56.60 15.86 -28.09
OG SEP A 253 55.19 15.87 -28.13
C SEP A 253 56.63 18.18 -29.07
O SEP A 253 55.99 19.18 -28.79
P SEP A 253 54.69 14.39 -28.46
O1P SEP A 253 55.25 13.94 -29.91
O2P SEP A 253 53.07 14.32 -28.48
O3P SEP A 253 55.25 13.43 -27.29
H SEP A 253 56.08 18.22 -26.64
HA SEP A 253 58.15 17.18 -28.10
HB2 SEP A 253 56.88 15.33 -27.33
HB3 SEP A 253 56.94 15.46 -28.91
N ALA A 254 56.90 17.82 -30.32
CA ALA A 254 56.56 18.67 -31.45
C ALA A 254 55.05 18.80 -31.66
N PRO A 255 54.63 19.84 -32.41
CA PRO A 255 53.20 20.00 -32.73
C PRO A 255 52.70 18.90 -33.67
N THR B 4 33.00 -11.61 -13.49
CA THR B 4 31.99 -10.74 -12.85
C THR B 4 32.55 -10.09 -11.57
N LEU B 5 32.27 -8.81 -11.39
CA LEU B 5 32.74 -8.06 -10.23
C LEU B 5 31.59 -7.79 -9.28
N GLY B 6 31.94 -7.21 -8.12
CA GLY B 6 30.95 -6.87 -7.12
C GLY B 6 30.40 -5.46 -7.30
N ARG B 7 29.29 -5.20 -6.60
CA ARG B 7 28.66 -3.89 -6.68
C ARG B 7 29.64 -2.78 -6.30
N ASP B 8 30.29 -2.92 -5.15
CA ASP B 8 31.24 -1.91 -4.71
C ASP B 8 32.36 -1.73 -5.72
N GLN B 9 32.78 -2.83 -6.36
CA GLN B 9 33.89 -2.74 -7.31
C GLN B 9 33.46 -2.05 -8.60
N TYR B 10 32.25 -2.35 -9.09
CA TYR B 10 31.76 -1.65 -10.27
C TYR B 10 31.73 -0.15 -10.04
N VAL B 11 31.42 0.28 -8.81
CA VAL B 11 31.47 1.70 -8.50
C VAL B 11 32.89 2.22 -8.60
N TYR B 12 33.86 1.44 -8.12
CA TYR B 12 35.25 1.87 -8.20
C TYR B 12 35.72 1.96 -9.64
N MET B 13 35.33 0.99 -10.47
CA MET B 13 35.74 1.00 -11.87
C MET B 13 35.04 2.13 -12.62
N ALA B 14 33.77 2.37 -12.32
CA ALA B 14 33.06 3.49 -12.92
C ALA B 14 33.74 4.81 -12.56
N LYS B 15 34.07 4.99 -11.28
CA LYS B 15 34.81 6.17 -10.87
C LYS B 15 36.17 6.24 -11.57
N LEU B 16 36.84 5.09 -11.70
CA LEU B 16 38.14 5.07 -12.36
C LEU B 16 38.02 5.49 -13.82
N ALA B 17 37.01 4.99 -14.53
CA ALA B 17 36.81 5.38 -15.92
C ALA B 17 36.49 6.86 -16.03
N GLU B 18 35.70 7.39 -15.08
CA GLU B 18 35.38 8.82 -15.10
C GLU B 18 36.64 9.67 -15.01
N GLN B 19 37.56 9.30 -14.11
CA GLN B 19 38.80 10.05 -13.99
C GLN B 19 39.58 10.03 -15.29
N ALA B 20 39.66 8.87 -15.94
CA ALA B 20 40.35 8.75 -17.22
C ALA B 20 39.55 9.33 -18.38
N GLU B 21 38.32 9.81 -18.12
CA GLU B 21 37.47 10.36 -19.16
C GLU B 21 37.14 9.33 -20.24
N ARG B 22 37.07 8.06 -19.85
CA ARG B 22 36.67 6.97 -20.74
C ARG B 22 35.21 6.67 -20.42
N TYR B 23 34.32 7.49 -20.98
CA TYR B 23 32.92 7.45 -20.56
C TYR B 23 32.16 6.28 -21.15
N GLU B 24 32.51 5.82 -22.35
CA GLU B 24 31.85 4.63 -22.89
C GLU B 24 32.02 3.45 -21.95
N GLU B 25 33.20 3.32 -21.32
CA GLU B 25 33.42 2.24 -20.36
C GLU B 25 32.71 2.53 -19.03
N MET B 26 32.71 3.80 -18.61
CA MET B 26 31.98 4.14 -17.39
C MET B 26 30.53 3.70 -17.47
N VAL B 27 29.93 3.82 -18.66
CA VAL B 27 28.55 3.36 -18.85
C VAL B 27 28.47 1.85 -18.63
N GLN B 28 29.38 1.10 -19.25
CA GLN B 28 29.34 -0.35 -19.12
C GLN B 28 29.47 -0.79 -17.67
N PHE B 29 30.39 -0.18 -16.92
CA PHE B 29 30.54 -0.54 -15.52
C PHE B 29 29.22 -0.34 -14.76
N MET B 30 28.52 0.76 -15.02
CA MET B 30 27.27 1.02 -14.33
C MET B 30 26.15 0.13 -14.85
N GLU B 31 26.08 -0.08 -16.17
CA GLU B 31 25.08 -0.98 -16.73
C GLU B 31 25.12 -2.33 -16.04
N GLN B 32 26.31 -2.88 -15.83
CA GLN B 32 26.43 -4.19 -15.17
C GLN B 32 26.09 -4.08 -13.70
N LEU B 33 26.45 -2.97 -13.05
CA LEU B 33 26.02 -2.74 -11.68
C LEU B 33 24.51 -2.76 -11.57
N VAL B 34 23.82 -2.07 -12.50
CA VAL B 34 22.36 -2.01 -12.44
C VAL B 34 21.75 -3.38 -12.68
N THR B 35 22.15 -4.05 -13.76
CA THR B 35 21.51 -5.31 -14.12
C THR B 35 21.74 -6.41 -13.07
N GLY B 36 22.70 -6.21 -12.17
CA GLY B 36 22.99 -7.21 -11.17
C GLY B 36 22.39 -6.91 -9.81
N ALA B 37 22.11 -5.64 -9.53
CA ALA B 37 21.61 -5.21 -8.24
C ALA B 37 20.11 -4.98 -8.22
N THR B 38 19.55 -4.45 -9.30
CA THR B 38 18.13 -4.14 -9.43
C THR B 38 17.46 -5.22 -10.28
N PRO B 39 16.11 -5.30 -10.24
CA PRO B 39 15.13 -4.46 -9.54
C PRO B 39 14.83 -4.90 -8.12
N ALA B 40 15.44 -5.99 -7.63
CA ALA B 40 15.18 -6.43 -6.26
C ALA B 40 15.48 -5.32 -5.26
N GLU B 41 16.61 -4.64 -5.43
CA GLU B 41 16.99 -3.51 -4.61
C GLU B 41 17.07 -2.26 -5.47
N GLU B 42 17.28 -1.13 -4.82
CA GLU B 42 17.33 0.17 -5.47
C GLU B 42 18.75 0.70 -5.47
N LEU B 43 19.05 1.53 -6.47
CA LEU B 43 20.39 2.13 -6.55
C LEU B 43 20.58 3.16 -5.46
N THR B 44 21.80 3.23 -4.92
CA THR B 44 22.13 4.32 -4.02
C THR B 44 22.20 5.63 -4.79
N VAL B 45 22.08 6.74 -4.06
CA VAL B 45 22.16 8.04 -4.70
C VAL B 45 23.47 8.18 -5.47
N GLU B 46 24.56 7.68 -4.89
CA GLU B 46 25.84 7.71 -5.58
C GLU B 46 25.78 6.94 -6.88
N GLU B 47 25.38 5.66 -6.81
CA GLU B 47 25.26 4.85 -8.01
C GLU B 47 24.30 5.47 -9.01
N ARG B 48 23.16 5.97 -8.53
CA ARG B 48 22.20 6.60 -9.42
C ARG B 48 22.81 7.79 -10.15
N ASN B 49 23.66 8.55 -9.47
CA ASN B 49 24.28 9.71 -10.11
C ASN B 49 25.42 9.29 -11.04
N LEU B 50 26.20 8.27 -10.65
CA LEU B 50 27.25 7.78 -11.53
C LEU B 50 26.68 7.31 -12.86
N LEU B 51 25.54 6.62 -12.83
CA LEU B 51 24.88 6.21 -14.07
C LEU B 51 24.49 7.42 -14.90
N SER B 52 23.89 8.42 -14.27
CA SER B 52 23.42 9.60 -15.00
C SER B 52 24.59 10.34 -15.65
N VAL B 53 25.68 10.53 -14.91
CA VAL B 53 26.84 11.24 -15.47
C VAL B 53 27.41 10.47 -16.64
N ALA B 54 27.54 9.15 -16.51
CA ALA B 54 28.14 8.35 -17.59
C ALA B 54 27.40 8.56 -18.90
N TYR B 55 26.09 8.35 -18.90
CA TYR B 55 25.32 8.51 -20.13
C TYR B 55 25.29 9.96 -20.60
N LYS B 56 25.32 10.92 -19.66
CA LYS B 56 25.29 12.33 -20.05
C LYS B 56 26.47 12.68 -20.94
N ASN B 57 27.67 12.25 -20.54
CA ASN B 57 28.86 12.58 -21.32
C ASN B 57 28.86 11.86 -22.66
N VAL B 58 28.46 10.59 -22.68
CA VAL B 58 28.45 9.85 -23.93
C VAL B 58 27.50 10.50 -24.94
N ILE B 59 26.26 10.74 -24.52
CA ILE B 59 25.28 11.30 -25.45
C ILE B 59 25.61 12.76 -25.74
N GLY B 60 26.16 13.48 -24.76
CA GLY B 60 26.55 14.87 -25.02
C GLY B 60 27.62 14.98 -26.09
N SER B 61 28.61 14.10 -26.05
CA SER B 61 29.67 14.11 -27.06
C SER B 61 29.09 13.92 -28.45
N LEU B 62 28.15 12.99 -28.60
CA LEU B 62 27.56 12.74 -29.92
C LEU B 62 26.61 13.86 -30.31
N ARG B 63 25.80 14.35 -29.35
CA ARG B 63 24.94 15.50 -29.64
C ARG B 63 25.76 16.69 -30.14
N ALA B 64 26.93 16.91 -29.54
CA ALA B 64 27.79 18.01 -29.99
C ALA B 64 28.27 17.76 -31.41
N ALA B 65 28.73 16.54 -31.70
CA ALA B 65 29.18 16.23 -33.06
C ALA B 65 28.03 16.33 -34.05
N TRP B 66 26.82 15.94 -33.64
CA TRP B 66 25.67 15.99 -34.54
C TRP B 66 25.34 17.43 -34.92
N ARG B 67 25.40 18.34 -33.94
CA ARG B 67 25.21 19.75 -34.26
C ARG B 67 26.23 20.24 -35.29
N ILE B 68 27.50 19.86 -35.09
CA ILE B 68 28.55 20.31 -36.00
C ILE B 68 28.33 19.73 -37.40
N VAL B 69 28.13 18.41 -37.48
CA VAL B 69 27.91 17.77 -38.77
C VAL B 69 26.64 18.31 -39.42
N SER B 70 25.56 18.42 -38.64
CA SER B 70 24.32 18.97 -39.17
C SER B 70 24.53 20.39 -39.68
N SER B 71 25.36 21.18 -38.98
CA SER B 71 25.66 22.53 -39.44
C SER B 71 26.46 22.49 -40.73
N ILE B 72 27.41 21.56 -40.84
CA ILE B 72 28.20 21.42 -42.07
C ILE B 72 27.27 21.14 -43.25
N GLU B 73 26.31 20.23 -43.07
CA GLU B 73 25.45 19.84 -44.17
C GLU B 73 24.68 21.03 -44.73
N GLN B 74 24.09 21.83 -43.86
CA GLN B 74 23.32 22.99 -44.31
C GLN B 74 24.16 23.89 -45.21
N LYS B 75 25.36 24.25 -44.77
CA LYS B 75 26.21 25.12 -45.56
C LYS B 75 26.50 24.51 -46.92
N GLU B 76 26.85 23.22 -46.96
CA GLU B 76 27.11 22.56 -48.23
C GLU B 76 25.89 22.66 -49.15
N GLU B 77 24.69 22.46 -48.59
CA GLU B 77 23.48 22.58 -49.40
C GLU B 77 23.29 24.01 -49.91
N SER B 78 23.63 25.00 -49.08
CA SER B 78 23.49 26.38 -49.51
C SER B 78 24.36 26.68 -50.73
N ARG B 79 25.52 26.04 -50.83
CA ARG B 79 26.38 26.18 -51.99
C ARG B 79 25.98 25.27 -53.15
N LYS B 80 25.07 24.32 -52.90
CA LYS B 80 24.63 23.36 -53.92
C LYS B 80 25.78 22.49 -54.39
N ASN B 81 26.70 22.15 -53.47
CA ASN B 81 27.80 21.25 -53.82
C ASN B 81 27.26 19.93 -54.35
N ASP B 82 26.15 19.46 -53.79
CA ASP B 82 25.50 18.22 -54.23
C ASP B 82 26.34 17.01 -53.82
N GLU B 83 27.54 16.88 -54.39
CA GLU B 83 28.41 15.76 -54.01
C GLU B 83 28.74 15.81 -52.51
N HIS B 84 29.34 16.92 -52.06
CA HIS B 84 29.68 17.04 -50.66
C HIS B 84 28.46 16.87 -49.77
N VAL B 85 27.28 17.25 -50.26
CA VAL B 85 26.08 17.12 -49.46
C VAL B 85 25.77 15.65 -49.18
N SER B 86 25.76 14.83 -50.23
CA SER B 86 25.48 13.40 -50.05
C SER B 86 26.49 12.77 -49.10
N LEU B 87 27.74 13.22 -49.15
CA LEU B 87 28.77 12.67 -48.26
C LEU B 87 28.47 13.01 -46.80
N VAL B 88 28.10 14.25 -46.53
CA VAL B 88 27.88 14.67 -45.15
C VAL B 88 26.70 13.93 -44.54
N LYS B 89 25.60 13.80 -45.28
CA LYS B 89 24.42 13.12 -44.74
C LYS B 89 24.75 11.69 -44.36
N ASP B 90 25.45 10.96 -45.24
CA ASP B 90 25.88 9.61 -44.89
C ASP B 90 26.70 9.61 -43.61
N TYR B 91 27.50 10.65 -43.39
CA TYR B 91 28.25 10.74 -42.15
C TYR B 91 27.34 11.08 -40.97
N ARG B 92 26.42 12.04 -41.17
CA ARG B 92 25.48 12.36 -40.11
C ARG B 92 24.64 11.15 -39.73
N SER B 93 24.19 10.39 -40.73
CA SER B 93 23.36 9.22 -40.43
C SER B 93 24.12 8.20 -39.60
N LYS B 94 25.45 8.18 -39.71
CA LYS B 94 26.24 7.30 -38.85
C LYS B 94 26.24 7.80 -37.41
N VAL B 95 26.36 9.12 -37.22
CA VAL B 95 26.28 9.68 -35.88
C VAL B 95 24.88 9.48 -35.31
N GLU B 96 23.86 9.59 -36.16
CA GLU B 96 22.48 9.40 -35.69
C GLU B 96 22.25 7.97 -35.22
N SER B 97 22.78 6.99 -35.96
CA SER B 97 22.65 5.60 -35.53
C SER B 97 23.32 5.37 -34.19
N GLU B 98 24.43 6.07 -33.92
CA GLU B 98 25.08 5.94 -32.61
C GLU B 98 24.25 6.61 -31.52
N LEU B 99 23.75 7.82 -31.79
CA LEU B 99 22.83 8.47 -30.87
C LEU B 99 21.65 7.55 -30.55
N SER B 100 21.09 6.91 -31.57
CA SER B 100 19.98 5.98 -31.35
C SER B 100 20.42 4.82 -30.48
N SER B 101 21.64 4.33 -30.68
CA SER B 101 22.12 3.19 -29.89
C SER B 101 22.25 3.56 -28.42
N VAL B 102 22.83 4.72 -28.14
CA VAL B 102 23.01 5.14 -26.74
C VAL B 102 21.66 5.29 -26.07
N CYS B 103 20.75 6.07 -26.66
CA CYS B 103 19.46 6.32 -26.04
C CYS B 103 18.73 5.02 -25.76
N SER B 104 18.70 4.11 -26.73
CA SER B 104 18.04 2.82 -26.51
C SER B 104 18.66 2.08 -25.34
N GLY B 105 19.97 2.20 -25.17
CA GLY B 105 20.63 1.52 -24.07
C GLY B 105 20.08 1.94 -22.71
N ILE B 106 20.02 3.25 -22.47
CA ILE B 106 19.52 3.74 -21.20
C ILE B 106 18.01 3.58 -21.10
N LEU B 107 17.30 3.82 -22.20
CA LEU B 107 15.86 3.67 -22.19
C LEU B 107 15.45 2.24 -21.85
N LYS B 108 16.14 1.26 -22.43
CA LYS B 108 15.88 -0.13 -22.09
C LYS B 108 16.22 -0.42 -20.63
N LEU B 109 17.34 0.12 -20.15
CA LEU B 109 17.72 -0.06 -18.76
C LEU B 109 16.69 0.57 -17.82
N LEU B 110 16.05 1.65 -18.27
CA LEU B 110 15.07 2.32 -17.41
C LEU B 110 13.79 1.50 -17.28
N ASP B 111 13.29 0.95 -18.39
CA ASP B 111 12.02 0.25 -18.36
C ASP B 111 12.12 -1.17 -17.82
N SER B 112 13.31 -1.77 -17.83
CA SER B 112 13.48 -3.14 -17.42
C SER B 112 14.03 -3.30 -16.01
N HIS B 113 14.73 -2.30 -15.48
CA HIS B 113 15.41 -2.45 -14.21
C HIS B 113 15.20 -1.27 -13.26
N LEU B 114 15.44 -0.06 -13.76
CA LEU B 114 15.52 1.10 -12.87
C LEU B 114 14.14 1.57 -12.39
N ILE B 115 13.23 1.83 -13.32
CA ILE B 115 11.88 2.26 -12.91
C ILE B 115 11.20 1.21 -12.04
N PRO B 116 11.23 -0.09 -12.38
CA PRO B 116 10.68 -1.08 -11.43
C PRO B 116 11.31 -1.01 -10.06
N SER B 117 12.62 -0.72 -9.98
CA SER B 117 13.31 -0.70 -8.68
C SER B 117 12.90 0.49 -7.83
N ALA B 118 12.37 1.55 -8.43
CA ALA B 118 12.07 2.78 -7.70
C ALA B 118 10.93 2.55 -6.72
N GLY B 119 11.24 2.56 -5.43
CA GLY B 119 10.23 2.36 -4.41
C GLY B 119 9.89 3.64 -3.66
N ALA B 120 10.19 4.78 -4.27
CA ALA B 120 9.91 6.08 -3.67
C ALA B 120 9.65 7.09 -4.77
N SER B 121 8.87 8.12 -4.44
CA SER B 121 8.47 9.09 -5.45
C SER B 121 9.67 9.86 -5.99
N GLU B 122 10.64 10.17 -5.13
CA GLU B 122 11.83 10.88 -5.59
C GLU B 122 12.54 10.10 -6.69
N SER B 123 12.79 8.81 -6.44
CA SER B 123 13.47 7.99 -7.44
C SER B 123 12.61 7.83 -8.70
N LYS B 124 11.31 7.62 -8.53
CA LYS B 124 10.42 7.49 -9.69
C LYS B 124 10.53 8.71 -10.59
N VAL B 125 10.50 9.91 -10.01
CA VAL B 125 10.56 11.12 -10.80
C VAL B 125 11.94 11.30 -11.42
N PHE B 126 12.99 10.88 -10.72
CA PHE B 126 14.33 10.96 -11.28
C PHE B 126 14.46 10.03 -12.50
N TYR B 127 13.96 8.80 -12.39
CA TYR B 127 14.08 7.86 -13.50
C TYR B 127 13.12 8.19 -14.63
N LEU B 128 11.92 8.71 -14.31
CA LEU B 128 11.00 9.11 -15.37
C LEU B 128 11.48 10.37 -16.09
N LYS B 129 12.00 11.34 -15.33
CA LYS B 129 12.59 12.51 -15.95
C LYS B 129 13.76 12.13 -16.86
N MET B 130 14.54 11.14 -16.46
CA MET B 130 15.62 10.64 -17.31
C MET B 130 15.07 9.97 -18.57
N LYS B 131 14.00 9.17 -18.40
CA LYS B 131 13.37 8.54 -19.55
C LYS B 131 12.93 9.58 -20.57
N GLY B 132 12.34 10.68 -20.11
CA GLY B 132 11.94 11.73 -21.03
C GLY B 132 13.12 12.43 -21.68
N ASP B 133 14.20 12.62 -20.92
CA ASP B 133 15.36 13.31 -21.46
C ASP B 133 15.89 12.61 -22.70
N TYR B 134 16.01 11.28 -22.66
CA TYR B 134 16.61 10.56 -23.77
C TYR B 134 15.63 10.29 -24.89
N HIS B 135 14.33 10.33 -24.63
CA HIS B 135 13.39 10.39 -25.75
C HIS B 135 13.43 11.76 -26.42
N ARG B 136 13.68 12.81 -25.64
CA ARG B 136 13.84 14.15 -26.23
C ARG B 136 15.09 14.22 -27.11
N TYR B 137 16.16 13.56 -26.69
CA TYR B 137 17.37 13.53 -27.50
C TYR B 137 17.14 12.80 -28.81
N MET B 138 16.31 11.75 -28.79
CA MET B 138 15.89 11.13 -30.04
C MET B 138 15.14 12.13 -30.92
N ALA B 139 14.17 12.84 -30.34
CA ALA B 139 13.37 13.79 -31.08
C ALA B 139 14.21 14.92 -31.69
N GLU B 140 15.42 15.15 -31.18
CA GLU B 140 16.24 16.23 -31.70
C GLU B 140 16.67 15.97 -33.14
N PHE B 141 17.07 14.73 -33.44
CA PHE B 141 17.56 14.39 -34.76
C PHE B 141 16.60 13.54 -35.59
N LYS B 142 15.59 12.94 -34.97
CA LYS B 142 14.59 12.22 -35.75
C LYS B 142 13.79 13.21 -36.60
N SER B 143 13.07 12.67 -37.58
CA SER B 143 12.31 13.50 -38.49
C SER B 143 11.05 12.76 -38.93
N GLY B 144 10.04 13.53 -39.32
CA GLY B 144 8.83 12.94 -39.86
C GLY B 144 8.17 11.99 -38.90
N ASP B 145 7.81 10.81 -39.40
CA ASP B 145 7.04 9.85 -38.61
C ASP B 145 7.76 9.47 -37.34
N GLU B 146 9.04 9.08 -37.45
CA GLU B 146 9.78 8.66 -36.28
C GLU B 146 9.89 9.77 -35.24
N ARG B 147 9.90 11.03 -35.69
CA ARG B 147 10.01 12.15 -34.76
C ARG B 147 8.77 12.24 -33.88
N LYS B 148 7.58 12.22 -34.50
CA LYS B 148 6.35 12.33 -33.73
C LYS B 148 6.26 11.25 -32.66
N THR B 149 6.61 10.01 -33.02
CA THR B 149 6.61 8.93 -32.03
C THR B 149 7.55 9.26 -30.88
N ALA B 150 8.72 9.82 -31.18
CA ALA B 150 9.66 10.20 -30.12
C ALA B 150 9.10 11.34 -29.27
N ALA B 151 8.49 12.33 -29.91
CA ALA B 151 7.91 13.44 -29.15
C ALA B 151 6.78 12.96 -28.25
N GLU B 152 5.98 12.00 -28.74
CA GLU B 152 4.91 11.45 -27.91
C GLU B 152 5.46 10.70 -26.71
N ASP B 153 6.47 9.85 -26.94
CA ASP B 153 7.08 9.12 -25.83
C ASP B 153 7.66 10.07 -24.80
N THR B 154 8.22 11.20 -25.25
CA THR B 154 8.74 12.20 -24.33
C THR B 154 7.62 12.79 -23.47
N MET B 155 6.51 13.16 -24.12
CA MET B 155 5.38 13.74 -23.39
C MET B 155 4.92 12.83 -22.27
N LEU B 156 4.84 11.52 -22.52
CA LEU B 156 4.35 10.60 -21.52
C LEU B 156 5.30 10.49 -20.33
N ALA B 157 6.60 10.40 -20.60
CA ALA B 157 7.56 10.27 -19.51
C ALA B 157 7.57 11.52 -18.65
N TYR B 158 7.60 12.70 -19.27
CA TYR B 158 7.63 13.95 -18.51
C TYR B 158 6.32 14.16 -17.77
N LYS B 159 5.19 13.98 -18.46
CA LYS B 159 3.90 14.19 -17.80
C LYS B 159 3.72 13.22 -16.64
N ALA B 160 4.20 11.99 -16.79
CA ALA B 160 4.14 11.04 -15.68
C ALA B 160 5.00 11.51 -14.51
N ALA B 161 6.21 12.00 -14.80
CA ALA B 161 7.07 12.51 -13.74
C ALA B 161 6.48 13.74 -13.09
N GLN B 162 5.85 14.62 -13.88
CA GLN B 162 5.26 15.82 -13.31
C GLN B 162 4.08 15.48 -12.40
N ASP B 163 3.27 14.50 -12.79
CA ASP B 163 2.15 14.09 -11.96
C ASP B 163 2.63 13.64 -10.59
N ILE B 164 3.64 12.77 -10.56
CA ILE B 164 4.19 12.31 -9.29
C ILE B 164 4.85 13.47 -8.56
N ALA B 165 5.65 14.27 -9.27
CA ALA B 165 6.41 15.33 -8.62
C ALA B 165 5.49 16.33 -7.93
N ALA B 166 4.49 16.84 -8.65
CA ALA B 166 3.61 17.86 -8.08
C ALA B 166 2.84 17.34 -6.87
N ALA B 167 2.73 16.02 -6.71
CA ALA B 167 1.95 15.46 -5.61
C ALA B 167 2.82 15.12 -4.40
N ASP B 168 4.08 14.76 -4.59
CA ASP B 168 4.92 14.28 -3.50
C ASP B 168 6.25 15.02 -3.35
N MET B 169 6.70 15.75 -4.35
CA MET B 169 7.97 16.47 -4.28
C MET B 169 7.73 17.96 -4.10
N ALA B 170 8.64 18.61 -3.37
CA ALA B 170 8.51 20.03 -3.12
C ALA B 170 8.93 20.83 -4.35
N PRO B 171 8.28 21.98 -4.58
CA PRO B 171 8.62 22.78 -5.77
C PRO B 171 10.04 23.30 -5.76
N THR B 172 10.73 23.26 -4.63
CA THR B 172 12.12 23.69 -4.54
C THR B 172 13.11 22.55 -4.75
N HIS B 173 12.64 21.31 -4.83
CA HIS B 173 13.55 20.19 -4.98
C HIS B 173 14.25 20.27 -6.33
N PRO B 174 15.58 20.10 -6.38
CA PRO B 174 16.26 20.21 -7.68
C PRO B 174 15.74 19.26 -8.74
N ILE B 175 15.33 18.05 -8.35
CA ILE B 175 14.85 17.09 -9.33
C ILE B 175 13.56 17.59 -9.98
N ARG B 176 12.64 18.11 -9.17
CA ARG B 176 11.40 18.64 -9.74
C ARG B 176 11.66 19.90 -10.55
N LEU B 177 12.61 20.73 -10.10
CA LEU B 177 12.97 21.91 -10.88
C LEU B 177 13.63 21.53 -12.19
N GLY B 178 14.53 20.55 -12.16
CA GLY B 178 15.14 20.09 -13.39
C GLY B 178 14.13 19.50 -14.37
N LEU B 179 13.18 18.72 -13.85
CA LEU B 179 12.11 18.21 -14.70
C LEU B 179 11.38 19.35 -15.40
N ALA B 180 10.88 20.32 -14.63
CA ALA B 180 10.20 21.46 -15.22
C ALA B 180 11.11 22.16 -16.23
N LEU B 181 12.41 22.23 -15.94
CA LEU B 181 13.34 22.86 -16.87
C LEU B 181 13.40 22.09 -18.18
N ASN B 182 13.77 20.81 -18.11
CA ASN B 182 13.86 20.01 -19.32
C ASN B 182 12.51 19.86 -19.99
N PHE B 183 11.44 19.75 -19.21
CA PHE B 183 10.11 19.64 -19.78
C PHE B 183 9.72 20.91 -20.52
N SER B 184 10.14 22.07 -20.01
CA SER B 184 9.86 23.32 -20.73
C SER B 184 10.70 23.42 -21.99
N VAL B 185 11.96 22.96 -21.93
CA VAL B 185 12.79 22.94 -23.14
C VAL B 185 12.17 22.04 -24.20
N PHE B 186 11.51 20.96 -23.78
CA PHE B 186 10.85 20.08 -24.73
C PHE B 186 9.80 20.84 -25.53
N TYR B 187 8.98 21.65 -24.85
CA TYR B 187 7.94 22.39 -25.55
C TYR B 187 8.52 23.44 -26.48
N TYR B 188 9.64 24.05 -26.09
CA TYR B 188 10.19 25.14 -26.90
C TYR B 188 10.98 24.60 -28.09
N GLU B 189 11.83 23.60 -27.86
CA GLU B 189 12.72 23.14 -28.92
C GLU B 189 12.05 22.12 -29.84
N ILE B 190 11.30 21.19 -29.27
CA ILE B 190 10.72 20.10 -30.05
C ILE B 190 9.35 20.49 -30.63
N LEU B 191 8.46 21.01 -29.79
CA LEU B 191 7.10 21.30 -30.21
C LEU B 191 6.89 22.74 -30.65
N ASN B 192 7.90 23.60 -30.52
CA ASN B 192 7.81 24.99 -30.92
C ASN B 192 6.56 25.65 -30.32
N SER B 193 6.37 25.42 -29.02
CA SER B 193 5.31 26.07 -28.25
C SER B 193 5.97 27.09 -27.34
N SER B 194 6.27 28.27 -27.90
CA SER B 194 6.99 29.29 -27.15
C SER B 194 6.22 29.70 -25.90
N ASP B 195 4.89 29.79 -26.00
CA ASP B 195 4.10 30.27 -24.88
C ASP B 195 4.04 29.23 -23.76
N LYS B 196 3.77 27.97 -24.11
CA LYS B 196 3.66 26.93 -23.09
C LYS B 196 4.99 26.72 -22.38
N ALA B 197 6.10 26.75 -23.12
CA ALA B 197 7.41 26.60 -22.49
C ALA B 197 7.66 27.71 -21.48
N CYS B 198 7.24 28.93 -21.79
CA CYS B 198 7.41 30.04 -20.86
C CYS B 198 6.48 29.89 -19.65
N ASN B 199 5.20 29.61 -19.91
CA ASN B 199 4.25 29.43 -18.81
C ASN B 199 4.72 28.34 -17.85
N MET B 200 5.32 27.28 -18.39
CA MET B 200 5.80 26.19 -17.54
C MET B 200 7.02 26.61 -16.73
N ALA B 201 7.95 27.33 -17.37
CA ALA B 201 9.15 27.76 -16.66
C ALA B 201 8.82 28.75 -15.54
N LYS B 202 8.01 29.77 -15.84
CA LYS B 202 7.67 30.75 -14.84
C LYS B 202 6.97 30.12 -13.64
N GLN B 203 6.04 29.19 -13.89
CA GLN B 203 5.30 28.57 -12.81
C GLN B 203 6.26 27.88 -11.83
N ALA B 204 7.19 27.08 -12.37
CA ALA B 204 8.13 26.37 -11.50
C ALA B 204 9.02 27.35 -10.74
N PHE B 205 9.45 28.43 -11.40
CA PHE B 205 10.28 29.42 -10.73
C PHE B 205 9.48 30.22 -9.70
N GLU B 206 8.18 30.42 -9.95
CA GLU B 206 7.34 31.11 -8.99
C GLU B 206 6.99 30.21 -7.81
N GLU B 207 6.62 28.96 -8.09
CA GLU B 207 6.30 28.04 -7.00
C GLU B 207 7.50 27.80 -6.09
N ALA B 208 8.72 27.88 -6.64
CA ALA B 208 9.91 27.62 -5.85
C ALA B 208 10.30 28.81 -4.99
N ILE B 209 10.27 30.02 -5.55
CA ILE B 209 10.67 31.19 -4.78
C ILE B 209 9.68 31.45 -3.65
N ALA B 210 8.41 31.05 -3.83
CA ALA B 210 7.44 31.18 -2.76
C ALA B 210 7.79 30.31 -1.55
N GLU B 211 8.58 29.26 -1.76
CA GLU B 211 9.05 28.38 -0.69
C GLU B 211 10.56 28.47 -0.48
N LEU B 212 11.24 29.37 -1.19
CA LEU B 212 12.69 29.45 -1.09
C LEU B 212 13.14 30.03 0.25
N ASP B 213 12.29 30.85 0.89
CA ASP B 213 12.66 31.42 2.18
C ASP B 213 12.89 30.33 3.21
N THR B 214 11.96 29.38 3.31
CA THR B 214 12.08 28.28 4.26
C THR B 214 13.14 27.26 3.85
N LEU B 215 13.84 27.48 2.74
CA LEU B 215 14.90 26.57 2.30
C LEU B 215 16.23 27.11 2.80
N GLY B 216 17.02 26.23 3.43
CA GLY B 216 18.30 26.61 3.98
C GLY B 216 19.40 26.66 2.93
N GLU B 217 20.60 27.01 3.39
CA GLU B 217 21.76 27.13 2.53
C GLU B 217 22.36 25.78 2.12
N GLU B 218 21.83 24.67 2.64
CA GLU B 218 22.40 23.37 2.28
C GLU B 218 22.10 23.02 0.84
N SER B 219 20.89 23.31 0.37
CA SER B 219 20.48 23.05 -1.01
C SER B 219 20.10 24.34 -1.73
N TYR B 220 20.36 25.50 -1.13
CA TYR B 220 20.08 26.77 -1.79
C TYR B 220 20.80 26.87 -3.12
N LYS B 221 22.06 26.42 -3.16
CA LYS B 221 22.80 26.42 -4.42
C LYS B 221 22.15 25.50 -5.44
N ASP B 222 21.65 24.35 -4.98
CA ASP B 222 21.02 23.40 -5.89
C ASP B 222 19.76 23.99 -6.51
N SER B 223 18.83 24.43 -5.67
CA SER B 223 17.59 25.00 -6.18
C SER B 223 17.86 26.23 -7.03
N THR B 224 18.57 27.21 -6.47
CA THR B 224 18.76 28.48 -7.18
C THR B 224 19.48 28.29 -8.51
N LEU B 225 20.37 27.30 -8.61
CA LEU B 225 21.09 27.09 -9.85
C LEU B 225 20.14 26.69 -10.98
N ILE B 226 19.28 25.72 -10.73
CA ILE B 226 18.29 25.34 -11.74
C ILE B 226 17.29 26.48 -11.94
N MET B 227 16.93 27.18 -10.87
CA MET B 227 16.07 28.35 -11.00
C MET B 227 16.71 29.38 -11.92
N GLN B 228 18.00 29.64 -11.72
CA GLN B 228 18.70 30.59 -12.59
C GLN B 228 18.71 30.11 -14.04
N LEU B 229 18.71 28.79 -14.25
CA LEU B 229 18.64 28.27 -15.62
C LEU B 229 17.24 28.44 -16.20
N LEU B 230 16.21 28.27 -15.37
CA LEU B 230 14.84 28.50 -15.83
C LEU B 230 14.67 29.92 -16.35
N ARG B 231 15.29 30.89 -15.70
CA ARG B 231 15.17 32.27 -16.13
C ARG B 231 16.14 32.60 -17.27
N ASP B 232 17.30 31.96 -17.31
CA ASP B 232 18.20 32.14 -18.45
C ASP B 232 17.51 31.73 -19.75
N ASN B 233 16.89 30.54 -19.75
CA ASN B 233 16.10 30.14 -20.90
C ASN B 233 14.96 31.12 -21.14
N LEU B 234 14.32 31.58 -20.07
CA LEU B 234 13.18 32.47 -20.19
C LEU B 234 13.60 33.85 -20.69
N THR B 235 14.85 34.25 -20.43
CA THR B 235 15.38 35.46 -21.02
C THR B 235 15.75 35.24 -22.49
N LEU B 236 16.37 34.09 -22.79
CA LEU B 236 16.68 33.75 -24.17
C LEU B 236 15.41 33.71 -25.02
N TRP B 237 14.38 33.03 -24.51
CA TRP B 237 13.16 32.83 -25.30
C TRP B 237 12.48 34.15 -25.61
N THR B 238 12.35 35.03 -24.59
CA THR B 238 11.72 36.33 -24.83
C THR B 238 12.46 37.11 -25.91
N SER B 239 13.79 37.13 -25.83
CA SER B 239 14.57 37.82 -26.86
C SER B 239 14.43 37.12 -28.21
N ASP B 240 14.16 35.81 -28.21
CA ASP B 240 13.99 35.10 -29.47
C ASP B 240 12.71 35.54 -30.17
N MET B 241 11.66 35.83 -29.41
CA MET B 241 10.43 36.38 -29.98
C MET B 241 10.58 37.83 -30.42
N GLN B 242 11.78 38.41 -30.34
CA GLN B 242 12.05 39.74 -30.87
C GLN B 242 12.54 39.65 -32.31
N GLU B 243 11.71 39.03 -33.14
CA GLU B 243 12.03 38.81 -34.55
C GLU B 243 11.94 40.11 -35.33
N ARG B 249 19.78 30.65 -29.14
CA ARG B 249 20.77 29.61 -28.92
C ARG B 249 20.09 28.33 -28.41
N ILE B 250 20.89 27.32 -28.08
CA ILE B 250 20.36 26.10 -27.49
C ILE B 250 19.92 26.39 -26.06
N SER B 251 18.76 25.86 -25.66
CA SER B 251 18.24 26.11 -24.33
C SER B 251 19.07 25.35 -23.29
N ASN B 252 19.18 25.94 -22.10
CA ASN B 252 19.93 25.35 -21.01
C ASN B 252 19.11 24.25 -20.33
N SEP B 253 19.42 23.00 -20.65
CA SEP B 253 18.76 21.86 -19.94
CB SEP B 253 18.91 20.57 -20.74
OG SEP B 253 20.27 20.26 -20.98
C SEP B 253 19.37 21.69 -18.54
O SEP B 253 20.24 22.45 -18.15
P SEP B 253 20.30 19.23 -22.20
O1P SEP B 253 21.86 18.97 -22.59
O2P SEP B 253 19.53 17.88 -21.77
O3P SEP B 253 19.52 19.87 -23.46
H SEP B 253 20.30 22.95 -20.51
HA SEP B 253 17.81 22.04 -19.85
HB2 SEP B 253 18.46 20.68 -21.60
HB3 SEP B 253 18.51 19.84 -20.24
N ALA B 254 18.89 20.68 -17.82
CA ALA B 254 19.28 20.51 -16.42
C ALA B 254 20.68 19.94 -16.29
N PRO B 255 21.34 20.20 -15.14
CA PRO B 255 22.68 19.63 -14.91
C PRO B 255 22.62 18.13 -14.62
N THR C 4 -16.44 12.68 -21.16
CA THR C 4 -15.56 12.04 -20.14
C THR C 4 -16.37 11.68 -18.90
N LEU C 5 -16.03 10.55 -18.29
CA LEU C 5 -16.65 10.07 -17.06
C LEU C 5 -15.64 10.14 -15.92
N GLY C 6 -16.16 9.96 -14.70
CA GLY C 6 -15.31 9.93 -13.53
C GLY C 6 -14.77 8.54 -13.23
N ARG C 7 -13.77 8.50 -12.35
CA ARG C 7 -13.18 7.23 -11.96
C ARG C 7 -14.24 6.25 -11.45
N ASP C 8 -15.16 6.73 -10.62
CA ASP C 8 -16.20 5.87 -10.09
C ASP C 8 -17.11 5.35 -11.20
N GLN C 9 -17.43 6.19 -12.18
CA GLN C 9 -18.34 5.77 -13.24
C GLN C 9 -17.67 4.75 -14.17
N TYR C 10 -16.38 4.93 -14.46
CA TYR C 10 -15.68 3.96 -15.30
C TYR C 10 -15.71 2.58 -14.67
N VAL C 11 -15.52 2.50 -13.36
CA VAL C 11 -15.60 1.21 -12.67
C VAL C 11 -16.99 0.61 -12.86
N TYR C 12 -18.03 1.43 -12.67
CA TYR C 12 -19.39 0.93 -12.87
C TYR C 12 -19.60 0.47 -14.31
N MET C 13 -19.14 1.28 -15.27
CA MET C 13 -19.30 0.91 -16.68
C MET C 13 -18.42 -0.28 -17.04
N ALA C 14 -17.24 -0.39 -16.43
CA ALA C 14 -16.42 -1.58 -16.63
C ALA C 14 -17.14 -2.81 -16.09
N LYS C 15 -17.79 -2.68 -14.94
CA LYS C 15 -18.53 -3.81 -14.38
C LYS C 15 -19.80 -4.08 -15.17
N LEU C 16 -20.48 -3.03 -15.63
CA LEU C 16 -21.66 -3.22 -16.46
C LEU C 16 -21.30 -3.97 -17.74
N ALA C 17 -20.18 -3.60 -18.36
CA ALA C 17 -19.73 -4.30 -19.56
C ALA C 17 -19.31 -5.73 -19.23
N GLU C 18 -18.63 -5.93 -18.11
CA GLU C 18 -18.25 -7.27 -17.70
C GLU C 18 -19.47 -8.18 -17.58
N GLN C 19 -20.50 -7.70 -16.87
CA GLN C 19 -21.73 -8.48 -16.75
C GLN C 19 -22.31 -8.80 -18.13
N ALA C 20 -22.35 -7.81 -19.02
CA ALA C 20 -22.83 -8.02 -20.38
C ALA C 20 -21.83 -8.77 -21.26
N GLU C 21 -20.63 -9.04 -20.74
CA GLU C 21 -19.58 -9.75 -21.49
C GLU C 21 -19.20 -9.00 -22.77
N ARG C 22 -19.36 -7.67 -22.76
CA ARG C 22 -18.89 -6.82 -23.85
C ARG C 22 -17.46 -6.40 -23.49
N TYR C 23 -16.52 -7.32 -23.70
CA TYR C 23 -15.18 -7.13 -23.15
C TYR C 23 -14.38 -6.08 -23.91
N GLU C 24 -14.61 -5.94 -25.22
CA GLU C 24 -13.95 -4.86 -25.95
C GLU C 24 -14.28 -3.51 -25.33
N GLU C 25 -15.53 -3.31 -24.93
CA GLU C 25 -15.93 -2.06 -24.29
C GLU C 25 -15.39 -1.98 -22.87
N MET C 26 -15.35 -3.12 -22.17
CA MET C 26 -14.76 -3.14 -20.83
C MET C 26 -13.31 -2.66 -20.86
N VAL C 27 -12.57 -3.05 -21.90
CA VAL C 27 -11.19 -2.57 -22.05
C VAL C 27 -11.18 -1.05 -22.17
N GLN C 28 -12.06 -0.50 -23.01
CA GLN C 28 -12.08 0.94 -23.23
C GLN C 28 -12.36 1.69 -21.93
N PHE C 29 -13.30 1.19 -21.13
CA PHE C 29 -13.62 1.86 -19.87
C PHE C 29 -12.42 1.86 -18.93
N MET C 30 -11.71 0.74 -18.84
CA MET C 30 -10.55 0.67 -17.96
C MET C 30 -9.36 1.43 -18.53
N GLU C 31 -9.20 1.43 -19.85
CA GLU C 31 -8.15 2.24 -20.46
C GLU C 31 -8.31 3.70 -20.08
N GLN C 32 -9.55 4.22 -20.18
CA GLN C 32 -9.78 5.62 -19.85
C GLN C 32 -9.65 5.86 -18.36
N LEU C 33 -10.05 4.90 -17.52
CA LEU C 33 -9.83 5.04 -16.09
C LEU C 33 -8.35 5.12 -15.76
N VAL C 34 -7.57 4.17 -16.28
CA VAL C 34 -6.13 4.13 -15.98
C VAL C 34 -5.47 5.42 -16.44
N THR C 35 -5.68 5.80 -17.71
CA THR C 35 -5.01 6.98 -18.24
C THR C 35 -5.43 8.27 -17.56
N GLY C 36 -6.42 8.23 -16.67
CA GLY C 36 -6.85 9.41 -15.96
C GLY C 36 -6.40 9.47 -14.52
N ALA C 37 -6.32 8.31 -13.87
CA ALA C 37 -6.00 8.26 -12.44
C ALA C 37 -4.51 8.04 -12.17
N THR C 38 -3.83 7.29 -13.01
CA THR C 38 -2.42 6.98 -12.87
C THR C 38 -1.58 7.91 -13.74
N PRO C 39 -0.28 8.04 -13.45
CA PRO C 39 0.51 7.40 -12.40
C PRO C 39 0.52 8.18 -11.09
N ALA C 40 -0.13 9.34 -11.03
CA ALA C 40 -0.18 10.11 -9.79
C ALA C 40 -0.63 9.24 -8.62
N GLU C 41 -1.69 8.46 -8.83
CA GLU C 41 -2.19 7.53 -7.84
C GLU C 41 -2.10 6.10 -8.39
N GLU C 42 -2.30 5.15 -7.49
CA GLU C 42 -2.23 3.74 -7.84
C GLU C 42 -3.63 3.16 -7.94
N LEU C 43 -3.80 2.19 -8.84
CA LEU C 43 -5.09 1.53 -9.00
C LEU C 43 -5.43 0.71 -7.77
N THR C 44 -6.71 0.72 -7.41
CA THR C 44 -7.18 -0.18 -6.36
C THR C 44 -7.07 -1.62 -6.85
N VAL C 45 -6.99 -2.55 -5.90
CA VAL C 45 -6.97 -3.97 -6.27
C VAL C 45 -8.19 -4.32 -7.11
N GLU C 46 -9.31 -3.64 -6.86
CA GLU C 46 -10.51 -3.86 -7.67
C GLU C 46 -10.26 -3.43 -9.11
N GLU C 47 -9.94 -2.15 -9.32
CA GLU C 47 -9.64 -1.67 -10.66
C GLU C 47 -8.55 -2.51 -11.31
N ARG C 48 -7.50 -2.82 -10.56
CA ARG C 48 -6.41 -3.61 -11.10
C ARG C 48 -6.91 -4.94 -11.66
N ASN C 49 -7.82 -5.60 -10.94
CA ASN C 49 -8.34 -6.87 -11.42
C ASN C 49 -9.26 -6.66 -12.61
N LEU C 50 -10.13 -5.65 -12.56
CA LEU C 50 -11.01 -5.38 -13.69
C LEU C 50 -10.21 -5.20 -14.97
N LEU C 51 -9.10 -4.45 -14.90
CA LEU C 51 -8.26 -4.27 -16.08
C LEU C 51 -7.72 -5.61 -16.55
N SER C 52 -7.19 -6.42 -15.62
CA SER C 52 -6.64 -7.71 -15.99
C SER C 52 -7.71 -8.61 -16.60
N VAL C 53 -8.90 -8.66 -15.98
CA VAL C 53 -9.97 -9.49 -16.50
C VAL C 53 -10.38 -9.03 -17.89
N ALA C 54 -10.45 -7.71 -18.10
CA ALA C 54 -10.92 -7.20 -19.39
C ALA C 54 -10.00 -7.64 -20.52
N TYR C 55 -8.70 -7.40 -20.39
CA TYR C 55 -7.78 -7.75 -21.46
C TYR C 55 -7.66 -9.27 -21.61
N LYS C 56 -7.72 -10.00 -20.51
CA LYS C 56 -7.53 -11.45 -20.58
C LYS C 56 -8.64 -12.11 -21.40
N ASN C 57 -9.88 -11.59 -21.30
CA ASN C 57 -10.97 -12.15 -22.09
C ASN C 57 -10.84 -11.77 -23.56
N VAL C 58 -10.48 -10.52 -23.85
CA VAL C 58 -10.35 -10.08 -25.23
C VAL C 58 -9.25 -10.87 -25.94
N ILE C 59 -8.07 -10.94 -25.32
CA ILE C 59 -6.94 -11.61 -25.97
C ILE C 59 -7.15 -13.11 -25.96
N GLY C 60 -7.75 -13.65 -24.89
CA GLY C 60 -7.98 -15.09 -24.82
C GLY C 60 -8.86 -15.59 -25.93
N SER C 61 -9.87 -14.80 -26.31
CA SER C 61 -10.73 -15.17 -27.42
C SER C 61 -9.95 -15.22 -28.73
N LEU C 62 -9.09 -14.22 -28.96
CA LEU C 62 -8.26 -14.22 -30.16
C LEU C 62 -7.29 -15.38 -30.16
N ARG C 63 -6.64 -15.64 -29.02
CA ARG C 63 -5.70 -16.75 -28.94
C ARG C 63 -6.37 -18.06 -29.33
N ALA C 64 -7.61 -18.26 -28.89
CA ALA C 64 -8.36 -19.44 -29.30
C ALA C 64 -8.52 -19.48 -30.81
N ALA C 65 -9.17 -18.46 -31.38
CA ALA C 65 -9.39 -18.42 -32.82
C ALA C 65 -8.10 -18.62 -33.60
N TRP C 66 -6.99 -18.08 -33.10
CA TRP C 66 -5.72 -18.22 -33.80
C TRP C 66 -5.28 -19.68 -33.88
N ARG C 67 -5.40 -20.41 -32.76
CA ARG C 67 -4.97 -21.80 -32.76
C ARG C 67 -5.87 -22.66 -33.64
N ILE C 68 -7.18 -22.42 -33.62
CA ILE C 68 -8.09 -23.17 -34.49
C ILE C 68 -7.73 -22.92 -35.95
N VAL C 69 -7.51 -21.66 -36.32
CA VAL C 69 -7.15 -21.34 -37.70
C VAL C 69 -5.78 -21.89 -38.03
N SER C 70 -4.80 -21.67 -37.15
CA SER C 70 -3.45 -22.14 -37.42
C SER C 70 -3.42 -23.66 -37.59
N SER C 71 -4.23 -24.38 -36.81
CA SER C 71 -4.29 -25.83 -36.95
C SER C 71 -4.86 -26.23 -38.30
N ILE C 72 -5.93 -25.55 -38.74
CA ILE C 72 -6.53 -25.86 -40.03
C ILE C 72 -5.53 -25.61 -41.15
N GLU C 73 -4.79 -24.50 -41.08
CA GLU C 73 -3.81 -24.19 -42.11
C GLU C 73 -2.79 -25.32 -42.24
N GLN C 74 -2.24 -25.78 -41.11
CA GLN C 74 -1.27 -26.86 -41.17
C GLN C 74 -1.86 -28.12 -41.81
N LYS C 75 -3.14 -28.39 -41.55
CA LYS C 75 -3.80 -29.48 -42.25
C LYS C 75 -3.91 -29.20 -43.74
N GLU C 76 -4.28 -27.97 -44.10
CA GLU C 76 -4.40 -27.60 -45.50
C GLU C 76 -3.04 -27.54 -46.19
N GLU C 77 -1.96 -27.30 -45.44
CA GLU C 77 -0.63 -27.40 -46.03
C GLU C 77 -0.37 -28.83 -46.52
N SER C 78 -0.56 -29.81 -45.65
CA SER C 78 -0.71 -31.17 -46.12
C SER C 78 -1.93 -31.25 -47.03
N ARG C 79 -1.89 -32.19 -47.97
CA ARG C 79 -2.88 -32.27 -49.04
C ARG C 79 -2.55 -31.27 -50.15
N LYS C 80 -1.71 -30.27 -49.84
CA LYS C 80 -1.25 -29.29 -50.82
C LYS C 80 -2.43 -28.60 -51.50
N ASN C 81 -3.34 -28.06 -50.67
CA ASN C 81 -4.47 -27.31 -51.17
C ASN C 81 -4.16 -25.81 -51.07
N ASP C 82 -3.27 -25.37 -51.96
CA ASP C 82 -2.73 -24.02 -51.86
C ASP C 82 -3.81 -22.95 -51.99
N GLU C 83 -4.87 -23.23 -52.75
CA GLU C 83 -5.95 -22.25 -52.86
C GLU C 83 -6.65 -22.06 -51.52
N HIS C 84 -6.68 -23.08 -50.67
CA HIS C 84 -7.31 -22.94 -49.36
C HIS C 84 -6.35 -22.34 -48.35
N VAL C 85 -5.07 -22.71 -48.38
CA VAL C 85 -4.12 -22.17 -47.42
C VAL C 85 -3.99 -20.66 -47.62
N SER C 86 -3.99 -20.21 -48.88
CA SER C 86 -3.95 -18.78 -49.15
C SER C 86 -5.12 -18.07 -48.50
N LEU C 87 -6.31 -18.66 -48.56
CA LEU C 87 -7.46 -18.09 -47.88
C LEU C 87 -7.27 -18.09 -46.37
N VAL C 88 -6.66 -19.16 -45.83
CA VAL C 88 -6.51 -19.28 -44.38
C VAL C 88 -5.40 -18.36 -43.88
N LYS C 89 -4.30 -18.24 -44.63
CA LYS C 89 -3.22 -17.35 -44.22
C LYS C 89 -3.71 -15.91 -44.14
N ASP C 90 -4.45 -15.46 -45.16
CA ASP C 90 -5.05 -14.13 -45.11
C ASP C 90 -5.97 -13.99 -43.91
N TYR C 91 -6.68 -15.06 -43.56
CA TYR C 91 -7.56 -15.02 -42.39
C TYR C 91 -6.75 -15.12 -41.10
N ARG C 92 -5.68 -15.92 -41.12
CA ARG C 92 -4.81 -16.00 -39.94
C ARG C 92 -4.18 -14.65 -39.64
N SER C 93 -3.73 -13.94 -40.68
CA SER C 93 -3.08 -12.65 -40.46
C SER C 93 -4.07 -11.62 -39.91
N LYS C 94 -5.33 -11.67 -40.36
CA LYS C 94 -6.34 -10.77 -39.80
C LYS C 94 -6.46 -10.99 -38.29
N VAL C 95 -6.41 -12.25 -37.85
CA VAL C 95 -6.43 -12.53 -36.42
C VAL C 95 -5.13 -12.06 -35.77
N GLU C 96 -4.01 -12.18 -36.49
CA GLU C 96 -2.73 -11.77 -35.92
C GLU C 96 -2.65 -10.26 -35.77
N SER C 97 -3.13 -9.50 -36.77
CA SER C 97 -3.12 -8.05 -36.65
C SER C 97 -3.95 -7.58 -35.46
N GLU C 98 -4.98 -8.34 -35.09
CA GLU C 98 -5.78 -8.00 -33.91
C GLU C 98 -5.06 -8.41 -32.63
N LEU C 99 -4.49 -9.62 -32.60
CA LEU C 99 -3.67 -10.03 -31.47
C LEU C 99 -2.60 -8.99 -31.19
N SER C 100 -1.91 -8.53 -32.23
CA SER C 100 -0.88 -7.50 -32.06
C SER C 100 -1.49 -6.20 -31.55
N SER C 101 -2.69 -5.87 -32.01
CA SER C 101 -3.30 -4.59 -31.62
C SER C 101 -3.62 -4.56 -30.14
N VAL C 102 -4.15 -5.66 -29.59
CA VAL C 102 -4.56 -5.68 -28.19
C VAL C 102 -3.33 -5.67 -27.28
N CYS C 103 -2.35 -6.52 -27.58
CA CYS C 103 -1.15 -6.58 -26.76
C CYS C 103 -0.48 -5.22 -26.67
N SER C 104 -0.42 -4.49 -27.79
CA SER C 104 0.18 -3.16 -27.77
C SER C 104 -0.61 -2.22 -26.87
N GLY C 105 -1.92 -2.40 -26.78
CA GLY C 105 -2.72 -1.53 -25.93
C GLY C 105 -2.34 -1.63 -24.47
N ILE C 106 -2.22 -2.86 -23.97
CA ILE C 106 -1.95 -3.04 -22.56
C ILE C 106 -0.46 -2.83 -22.26
N LEU C 107 0.41 -3.28 -23.15
CA LEU C 107 1.84 -3.10 -22.93
C LEU C 107 2.20 -1.62 -22.83
N LYS C 108 1.50 -0.76 -23.59
CA LYS C 108 1.75 0.67 -23.48
C LYS C 108 1.30 1.21 -22.12
N LEU C 109 0.09 0.83 -21.70
CA LEU C 109 -0.39 1.25 -20.39
C LEU C 109 0.59 0.85 -19.29
N LEU C 110 1.14 -0.35 -19.38
CA LEU C 110 2.03 -0.84 -18.33
C LEU C 110 3.28 0.05 -18.21
N ASP C 111 3.88 0.38 -19.35
CA ASP C 111 5.12 1.15 -19.32
C ASP C 111 4.87 2.64 -19.09
N SER C 112 3.73 3.16 -19.54
CA SER C 112 3.48 4.59 -19.51
C SER C 112 2.69 5.06 -18.29
N HIS C 113 2.00 4.15 -17.60
CA HIS C 113 1.15 4.55 -16.49
C HIS C 113 1.26 3.62 -15.30
N LEU C 114 0.94 2.34 -15.49
CA LEU C 114 0.75 1.43 -14.37
C LEU C 114 2.07 1.16 -13.64
N ILE C 115 3.07 0.65 -14.35
CA ILE C 115 4.35 0.34 -13.69
C ILE C 115 4.92 1.56 -13.00
N PRO C 116 4.94 2.76 -13.61
CA PRO C 116 5.35 3.94 -12.85
C PRO C 116 4.47 4.20 -11.63
N SER C 117 3.19 3.81 -11.67
CA SER C 117 2.28 4.07 -10.56
C SER C 117 2.52 3.13 -9.40
N ALA C 118 2.90 1.89 -9.67
CA ALA C 118 3.07 0.90 -8.61
C ALA C 118 4.10 1.37 -7.60
N GLY C 119 3.67 1.55 -6.36
CA GLY C 119 4.56 1.92 -5.27
C GLY C 119 4.82 0.81 -4.27
N ALA C 120 4.36 -0.41 -4.52
CA ALA C 120 4.51 -1.51 -3.59
C ALA C 120 4.97 -2.75 -4.36
N SER C 121 5.63 -3.66 -3.65
CA SER C 121 6.18 -4.84 -4.30
C SER C 121 5.08 -5.69 -4.93
N GLU C 122 3.93 -5.81 -4.26
CA GLU C 122 2.86 -6.63 -4.79
C GLU C 122 2.38 -6.10 -6.14
N SER C 123 2.16 -4.80 -6.23
CA SER C 123 1.69 -4.23 -7.49
C SER C 123 2.77 -4.30 -8.56
N LYS C 124 4.02 -4.07 -8.18
CA LYS C 124 5.12 -4.15 -9.14
C LYS C 124 5.21 -5.54 -9.76
N VAL C 125 5.20 -6.57 -8.93
CA VAL C 125 5.24 -7.94 -9.43
C VAL C 125 4.02 -8.23 -10.27
N PHE C 126 2.86 -7.67 -9.90
CA PHE C 126 1.65 -7.89 -10.69
C PHE C 126 1.78 -7.28 -12.07
N TYR C 127 2.17 -6.01 -12.16
CA TYR C 127 2.28 -5.35 -13.46
C TYR C 127 3.42 -5.93 -14.28
N LEU C 128 4.56 -6.20 -13.64
CA LEU C 128 5.68 -6.81 -14.35
C LEU C 128 5.31 -8.19 -14.87
N LYS C 129 4.69 -9.01 -14.03
CA LYS C 129 4.19 -10.30 -14.48
C LYS C 129 3.19 -10.13 -15.62
N MET C 130 2.38 -9.07 -15.56
CA MET C 130 1.43 -8.80 -16.63
C MET C 130 2.15 -8.41 -17.91
N LYS C 131 3.21 -7.60 -17.79
CA LYS C 131 3.99 -7.24 -18.96
C LYS C 131 4.57 -8.47 -19.65
N GLY C 132 5.10 -9.41 -18.86
CA GLY C 132 5.62 -10.64 -19.44
C GLY C 132 4.55 -11.47 -20.11
N ASP C 133 3.34 -11.49 -19.53
CA ASP C 133 2.26 -12.29 -20.08
C ASP C 133 1.96 -11.88 -21.52
N TYR C 134 1.84 -10.59 -21.78
CA TYR C 134 1.45 -10.13 -23.11
C TYR C 134 2.61 -10.04 -24.08
N HIS C 135 3.85 -10.07 -23.60
CA HIS C 135 4.97 -10.32 -24.50
C HIS C 135 5.04 -11.80 -24.87
N ARG C 136 4.71 -12.68 -23.91
CA ARG C 136 4.62 -14.10 -24.22
C ARG C 136 3.54 -14.37 -25.25
N TYR C 137 2.43 -13.63 -25.18
CA TYR C 137 1.36 -13.81 -26.15
C TYR C 137 1.78 -13.35 -27.54
N MET C 138 2.64 -12.34 -27.63
CA MET C 138 3.18 -11.95 -28.93
C MET C 138 4.11 -13.03 -29.49
N ALA C 139 4.82 -13.74 -28.62
CA ALA C 139 5.75 -14.77 -29.07
C ALA C 139 5.03 -16.03 -29.53
N GLU C 140 3.75 -16.19 -29.19
CA GLU C 140 3.02 -17.40 -29.57
C GLU C 140 2.70 -17.43 -31.06
N PHE C 141 2.51 -16.26 -31.69
CA PHE C 141 2.17 -16.20 -33.11
C PHE C 141 3.18 -15.45 -33.95
N LYS C 142 4.09 -14.68 -33.35
CA LYS C 142 5.17 -14.06 -34.12
C LYS C 142 6.15 -15.15 -34.57
N SER C 143 6.91 -14.83 -35.61
CA SER C 143 7.84 -15.79 -36.20
C SER C 143 9.16 -15.11 -36.49
N GLY C 144 10.25 -15.89 -36.35
CA GLY C 144 11.56 -15.39 -36.73
C GLY C 144 12.06 -14.32 -35.78
N ASP C 145 12.60 -13.24 -36.34
CA ASP C 145 13.19 -12.20 -35.52
C ASP C 145 12.18 -11.60 -34.56
N GLU C 146 11.02 -11.18 -35.07
CA GLU C 146 10.00 -10.59 -34.20
C GLU C 146 9.65 -11.52 -33.05
N ARG C 147 9.75 -12.83 -33.26
CA ARG C 147 9.49 -13.78 -32.18
C ARG C 147 10.58 -13.72 -31.13
N LYS C 148 11.85 -13.76 -31.57
CA LYS C 148 12.96 -13.69 -30.62
C LYS C 148 12.89 -12.42 -29.80
N THR C 149 12.54 -11.29 -30.42
CA THR C 149 12.42 -10.05 -29.69
C THR C 149 11.36 -10.16 -28.60
N ALA C 150 10.19 -10.70 -28.95
CA ALA C 150 9.12 -10.85 -27.97
C ALA C 150 9.52 -11.81 -26.87
N ALA C 151 10.24 -12.88 -27.22
CA ALA C 151 10.68 -13.84 -26.20
C ALA C 151 11.66 -13.20 -25.23
N GLU C 152 12.56 -12.36 -25.73
CA GLU C 152 13.50 -11.68 -24.85
C GLU C 152 12.79 -10.66 -23.96
N ASP C 153 11.83 -9.93 -24.52
CA ASP C 153 11.05 -8.99 -23.70
C ASP C 153 10.29 -9.71 -22.60
N THR C 154 9.68 -10.85 -22.94
CA THR C 154 9.05 -11.67 -21.90
C THR C 154 10.06 -12.06 -20.83
N MET C 155 11.28 -12.36 -21.23
CA MET C 155 12.30 -12.81 -20.28
C MET C 155 12.57 -11.73 -19.24
N LEU C 156 12.85 -10.51 -19.69
CA LEU C 156 13.19 -9.44 -18.75
C LEU C 156 12.04 -9.14 -17.80
N ALA C 157 10.83 -9.05 -18.34
CA ALA C 157 9.68 -8.70 -17.49
C ALA C 157 9.45 -9.74 -16.41
N TYR C 158 9.63 -11.02 -16.73
CA TYR C 158 9.34 -12.07 -15.76
C TYR C 158 10.42 -12.15 -14.69
N LYS C 159 11.69 -12.19 -15.08
CA LYS C 159 12.75 -12.25 -14.08
C LYS C 159 12.77 -10.99 -13.21
N ALA C 160 12.39 -9.85 -13.78
CA ALA C 160 12.24 -8.64 -12.97
C ALA C 160 11.17 -8.84 -11.91
N ALA C 161 10.04 -9.42 -12.29
CA ALA C 161 8.99 -9.72 -11.32
C ALA C 161 9.42 -10.80 -10.34
N GLN C 162 10.24 -11.75 -10.80
CA GLN C 162 10.66 -12.85 -9.93
C GLN C 162 11.65 -12.36 -8.88
N ASP C 163 12.56 -11.47 -9.27
CA ASP C 163 13.49 -10.90 -8.30
C ASP C 163 12.75 -10.21 -7.16
N ILE C 164 11.75 -9.40 -7.50
CA ILE C 164 10.97 -8.72 -6.47
C ILE C 164 10.17 -9.74 -5.67
N ALA C 165 9.50 -10.67 -6.36
CA ALA C 165 8.60 -11.60 -5.68
C ALA C 165 9.34 -12.48 -4.69
N ALA C 166 10.43 -13.12 -5.14
CA ALA C 166 11.18 -14.00 -4.26
C ALA C 166 11.77 -13.25 -3.06
N ALA C 167 11.95 -11.93 -3.19
CA ALA C 167 12.55 -11.14 -2.12
C ALA C 167 11.53 -10.57 -1.15
N ASP C 168 10.34 -10.22 -1.63
CA ASP C 168 9.36 -9.51 -0.83
C ASP C 168 8.02 -10.22 -0.67
N MET C 169 7.71 -11.20 -1.51
CA MET C 169 6.44 -11.90 -1.46
C MET C 169 6.62 -13.33 -0.95
N ALA C 170 5.59 -13.83 -0.28
CA ALA C 170 5.64 -15.16 0.29
C ALA C 170 5.47 -16.22 -0.80
N PRO C 171 6.09 -17.40 -0.62
CA PRO C 171 5.97 -18.44 -1.66
C PRO C 171 4.56 -18.96 -1.86
N THR C 172 3.63 -18.63 -0.97
CA THR C 172 2.24 -19.04 -1.12
C THR C 172 1.37 -17.94 -1.73
N HIS C 173 1.93 -16.77 -1.99
CA HIS C 173 1.10 -15.66 -2.48
C HIS C 173 0.62 -15.94 -3.89
N PRO C 174 -0.67 -15.74 -4.18
CA PRO C 174 -1.18 -16.10 -5.52
C PRO C 174 -0.47 -15.40 -6.67
N ILE C 175 0.02 -14.17 -6.46
CA ILE C 175 0.71 -13.48 -7.55
C ILE C 175 2.08 -14.08 -7.78
N ARG C 176 2.78 -14.47 -6.71
CA ARG C 176 4.07 -15.14 -6.88
C ARG C 176 3.89 -16.52 -7.51
N LEU C 177 2.80 -17.21 -7.17
CA LEU C 177 2.54 -18.52 -7.75
C LEU C 177 2.13 -18.40 -9.22
N GLY C 178 1.32 -17.39 -9.54
CA GLY C 178 0.96 -17.16 -10.93
C GLY C 178 2.15 -16.78 -11.78
N LEU C 179 3.07 -16.00 -11.22
CA LEU C 179 4.30 -15.67 -11.94
C LEU C 179 5.08 -16.93 -12.27
N ALA C 180 5.36 -17.76 -11.26
CA ALA C 180 6.09 -19.00 -11.50
C ALA C 180 5.36 -19.88 -12.51
N LEU C 181 4.03 -19.90 -12.44
CA LEU C 181 3.25 -20.70 -13.39
C LEU C 181 3.46 -20.20 -14.82
N ASN C 182 3.11 -18.94 -15.07
CA ASN C 182 3.26 -18.40 -16.42
C ASN C 182 4.71 -18.37 -16.87
N PHE C 183 5.64 -18.13 -15.94
CA PHE C 183 7.05 -18.09 -16.31
C PHE C 183 7.55 -19.47 -16.71
N SER C 184 7.02 -20.54 -16.10
CA SER C 184 7.40 -21.88 -16.50
C SER C 184 6.78 -22.25 -17.83
N VAL C 185 5.52 -21.84 -18.06
CA VAL C 185 4.89 -22.06 -19.35
C VAL C 185 5.70 -21.37 -20.45
N PHE C 186 6.27 -20.21 -20.14
CA PHE C 186 7.12 -19.52 -21.10
C PHE C 186 8.28 -20.39 -21.54
N TYR C 187 8.93 -21.07 -20.59
CA TYR C 187 10.03 -21.96 -20.94
C TYR C 187 9.56 -23.15 -21.76
N TYR C 188 8.33 -23.62 -21.53
CA TYR C 188 7.86 -24.85 -22.17
C TYR C 188 7.33 -24.56 -23.58
N GLU C 189 6.45 -23.57 -23.72
CA GLU C 189 5.82 -23.33 -25.01
C GLU C 189 6.69 -22.47 -25.92
N ILE C 190 7.30 -21.42 -25.41
CA ILE C 190 8.03 -20.48 -26.25
C ILE C 190 9.45 -20.96 -26.50
N LEU C 191 10.15 -21.35 -25.43
CA LEU C 191 11.56 -21.71 -25.54
C LEU C 191 11.82 -23.20 -25.68
N ASN C 192 10.78 -24.03 -25.55
CA ASN C 192 10.91 -25.48 -25.71
C ASN C 192 11.96 -26.03 -24.76
N SER C 193 11.90 -25.59 -23.50
CA SER C 193 12.80 -26.07 -22.45
C SER C 193 11.95 -26.83 -21.43
N SER C 194 11.66 -28.10 -21.75
CA SER C 194 10.87 -28.93 -20.85
C SER C 194 11.58 -29.11 -19.50
N ASP C 195 12.90 -29.29 -19.53
CA ASP C 195 13.65 -29.48 -18.29
C ASP C 195 13.53 -28.25 -17.39
N LYS C 196 13.82 -27.07 -17.92
CA LYS C 196 13.79 -25.87 -17.10
C LYS C 196 12.37 -25.52 -16.67
N ALA C 197 11.39 -25.75 -17.55
CA ALA C 197 10.00 -25.46 -17.20
C ALA C 197 9.54 -26.31 -16.02
N CYS C 198 9.94 -27.59 -16.00
CA CYS C 198 9.54 -28.46 -14.89
C CYS C 198 10.26 -28.08 -13.60
N ASN C 199 11.57 -27.89 -13.67
CA ASN C 199 12.32 -27.53 -12.47
C ASN C 199 11.79 -26.24 -11.86
N MET C 200 11.29 -25.32 -12.69
CA MET C 200 10.76 -24.07 -12.17
C MET C 200 9.38 -24.25 -11.57
N ALA C 201 8.53 -25.06 -12.21
CA ALA C 201 7.18 -25.26 -11.69
C ALA C 201 7.19 -26.02 -10.37
N LYS C 202 7.99 -27.09 -10.28
CA LYS C 202 8.00 -27.89 -9.06
C LYS C 202 8.51 -27.07 -7.88
N GLN C 203 9.55 -26.26 -8.09
CA GLN C 203 10.09 -25.47 -6.99
C GLN C 203 9.04 -24.52 -6.43
N ALA C 204 8.27 -23.86 -7.30
CA ALA C 204 7.20 -22.99 -6.84
C ALA C 204 6.11 -23.79 -6.16
N PHE C 205 5.85 -25.03 -6.62
CA PHE C 205 4.84 -25.87 -6.00
C PHE C 205 5.30 -26.36 -4.64
N GLU C 206 6.58 -26.73 -4.52
CA GLU C 206 7.08 -27.28 -3.27
C GLU C 206 7.40 -26.22 -2.23
N GLU C 207 7.86 -25.04 -2.67
CA GLU C 207 8.08 -23.95 -1.72
C GLU C 207 6.76 -23.49 -1.10
N ALA C 208 5.66 -23.57 -1.86
CA ALA C 208 4.36 -23.17 -1.34
C ALA C 208 3.76 -24.23 -0.43
N ILE C 209 3.85 -25.50 -0.82
CA ILE C 209 3.27 -26.56 -0.01
C ILE C 209 4.03 -26.74 1.29
N ALA C 210 5.26 -26.22 1.39
CA ALA C 210 6.00 -26.29 2.64
C ALA C 210 5.46 -25.32 3.68
N GLU C 211 4.85 -24.22 3.23
CA GLU C 211 4.32 -23.20 4.14
C GLU C 211 2.80 -23.07 4.01
N LEU C 212 2.13 -24.09 3.46
CA LEU C 212 0.70 -24.02 3.24
C LEU C 212 -0.11 -24.33 4.49
N ASP C 213 0.51 -24.93 5.52
CA ASP C 213 -0.24 -25.30 6.72
C ASP C 213 -0.62 -24.07 7.53
N THR C 214 0.29 -23.11 7.66
CA THR C 214 0.04 -21.89 8.43
C THR C 214 -0.70 -20.82 7.61
N LEU C 215 -1.66 -21.23 6.78
CA LEU C 215 -2.37 -20.34 5.89
C LEU C 215 -3.87 -20.57 6.05
N GLY C 216 -4.63 -19.48 6.10
CA GLY C 216 -6.05 -19.58 6.37
C GLY C 216 -6.88 -19.93 5.15
N GLU C 217 -8.10 -20.42 5.43
CA GLU C 217 -8.97 -20.89 4.35
C GLU C 217 -9.30 -19.77 3.37
N GLU C 218 -9.35 -18.53 3.84
CA GLU C 218 -9.61 -17.41 2.94
C GLU C 218 -8.56 -17.34 1.84
N SER C 219 -7.29 -17.39 2.22
CA SER C 219 -6.20 -17.40 1.24
C SER C 219 -5.92 -18.79 0.71
N TYR C 220 -6.30 -19.84 1.45
CA TYR C 220 -6.17 -21.21 0.93
C TYR C 220 -6.88 -21.34 -0.41
N LYS C 221 -7.98 -20.62 -0.61
CA LYS C 221 -8.70 -20.66 -1.87
C LYS C 221 -7.79 -20.23 -3.03
N ASP C 222 -7.06 -19.14 -2.85
CA ASP C 222 -6.32 -18.54 -3.95
C ASP C 222 -5.08 -19.36 -4.31
N SER C 223 -4.31 -19.77 -3.31
CA SER C 223 -3.04 -20.44 -3.58
C SER C 223 -3.26 -21.81 -4.20
N THR C 224 -4.20 -22.59 -3.67
CA THR C 224 -4.35 -23.97 -4.11
C THR C 224 -4.80 -24.07 -5.56
N LEU C 225 -5.62 -23.13 -6.03
CA LEU C 225 -6.07 -23.18 -7.40
C LEU C 225 -4.90 -23.06 -8.37
N ILE C 226 -3.94 -22.18 -8.06
CA ILE C 226 -2.77 -22.03 -8.92
C ILE C 226 -1.85 -23.23 -8.77
N MET C 227 -1.64 -23.70 -7.54
CA MET C 227 -0.78 -24.84 -7.32
C MET C 227 -1.29 -26.07 -8.05
N GLN C 228 -2.61 -26.26 -8.09
CA GLN C 228 -3.18 -27.38 -8.82
C GLN C 228 -2.92 -27.25 -10.31
N LEU C 229 -2.81 -26.03 -10.83
CA LEU C 229 -2.41 -25.84 -12.21
C LEU C 229 -0.92 -26.15 -12.39
N LEU C 230 -0.08 -25.73 -11.44
CA LEU C 230 1.32 -26.11 -11.47
C LEU C 230 1.46 -27.63 -11.48
N ARG C 231 0.60 -28.32 -10.74
CA ARG C 231 0.71 -29.77 -10.65
C ARG C 231 0.20 -30.46 -11.91
N ASP C 232 -0.86 -29.92 -12.53
CA ASP C 232 -1.34 -30.50 -13.77
C ASP C 232 -0.32 -30.33 -14.89
N ASN C 233 0.39 -29.20 -14.92
CA ASN C 233 1.41 -29.01 -15.94
C ASN C 233 2.58 -29.97 -15.73
N LEU C 234 3.01 -30.15 -14.47
CA LEU C 234 4.10 -31.08 -14.21
C LEU C 234 3.74 -32.50 -14.63
N THR C 235 2.50 -32.92 -14.35
CA THR C 235 2.07 -34.26 -14.73
C THR C 235 2.01 -34.40 -16.25
N LEU C 236 1.39 -33.44 -16.93
CA LEU C 236 1.28 -33.50 -18.39
C LEU C 236 2.64 -33.39 -19.04
N TRP C 237 3.47 -32.45 -18.58
CA TRP C 237 4.81 -32.29 -19.17
C TRP C 237 5.66 -33.53 -18.93
N THR C 238 5.59 -34.10 -17.73
CA THR C 238 6.40 -35.28 -17.42
C THR C 238 6.01 -36.46 -18.30
N SER C 239 4.71 -36.72 -18.42
CA SER C 239 4.26 -37.85 -19.24
C SER C 239 4.71 -37.68 -20.69
N ASP C 240 4.63 -36.45 -21.22
CA ASP C 240 5.14 -36.21 -22.56
C ASP C 240 6.63 -36.47 -22.64
N MET C 241 7.37 -36.11 -21.58
CA MET C 241 8.80 -36.43 -21.54
C MET C 241 9.03 -37.93 -21.52
N GLN C 242 8.14 -38.68 -20.87
CA GLN C 242 8.30 -40.12 -20.74
C GLN C 242 7.93 -40.83 -22.05
N ARG C 249 -0.51 -30.80 -24.23
CA ARG C 249 0.24 -29.89 -25.08
C ARG C 249 -0.01 -28.45 -24.66
N ILE C 250 -1.23 -27.96 -24.89
CA ILE C 250 -1.60 -26.63 -24.41
C ILE C 250 -1.50 -26.61 -22.89
N SER C 251 -0.65 -25.75 -22.36
CA SER C 251 -0.40 -25.71 -20.93
C SER C 251 -1.36 -24.76 -20.24
N ASN C 252 -1.58 -25.00 -18.94
CA ASN C 252 -2.42 -24.14 -18.14
C ASN C 252 -1.67 -22.87 -17.78
N SEP C 253 -2.41 -21.82 -17.42
CA SEP C 253 -1.77 -20.54 -17.02
CB SEP C 253 -1.56 -19.64 -18.25
OG SEP C 253 -2.78 -19.25 -18.85
C SEP C 253 -2.59 -19.82 -15.96
O SEP C 253 -3.81 -20.03 -15.84
P SEP C 253 -2.55 -18.03 -19.89
O1P SEP C 253 -1.60 -18.51 -21.09
O2P SEP C 253 -1.87 -16.79 -19.12
O3P SEP C 253 -3.97 -17.56 -20.49
H SEP C 253 -2.98 -22.06 -16.77
HA SEP C 253 -0.88 -20.73 -16.64
HB2 SEP C 253 -1.03 -20.12 -18.90
HB3 SEP C 253 -1.08 -18.84 -17.97
N ALA C 254 -1.91 -18.98 -15.18
CA ALA C 254 -2.50 -18.26 -14.05
C ALA C 254 -3.80 -17.58 -14.45
N PRO C 255 -4.89 -17.85 -13.71
CA PRO C 255 -6.18 -17.20 -14.01
C PRO C 255 -6.07 -15.67 -14.02
N THR D 4 -13.53 -10.05 -54.50
CA THR D 4 -14.80 -10.83 -54.52
C THR D 4 -14.51 -12.32 -54.69
N LEU D 5 -15.30 -13.16 -54.02
CA LEU D 5 -15.17 -14.61 -54.09
C LEU D 5 -16.44 -15.21 -54.65
N GLY D 6 -16.37 -16.50 -54.98
CA GLY D 6 -17.50 -17.24 -55.49
C GLY D 6 -18.23 -18.02 -54.40
N ARG D 7 -19.26 -18.76 -54.83
CA ARG D 7 -20.06 -19.52 -53.89
C ARG D 7 -19.21 -20.51 -53.11
N ASP D 8 -18.45 -21.35 -53.82
CA ASP D 8 -17.70 -22.41 -53.15
C ASP D 8 -16.67 -21.86 -52.17
N GLN D 9 -16.08 -20.69 -52.48
CA GLN D 9 -15.09 -20.12 -51.58
C GLN D 9 -15.75 -19.47 -50.37
N TYR D 10 -16.90 -18.82 -50.56
CA TYR D 10 -17.60 -18.25 -49.42
C TYR D 10 -18.03 -19.33 -48.44
N VAL D 11 -18.43 -20.50 -48.96
CA VAL D 11 -18.78 -21.60 -48.07
C VAL D 11 -17.57 -22.03 -47.24
N TYR D 12 -16.40 -22.11 -47.88
CA TYR D 12 -15.20 -22.49 -47.15
C TYR D 12 -14.86 -21.46 -46.07
N MET D 13 -15.02 -20.18 -46.39
CA MET D 13 -14.72 -19.12 -45.42
C MET D 13 -15.80 -19.03 -44.35
N ALA D 14 -17.07 -19.19 -44.75
CA ALA D 14 -18.15 -19.20 -43.76
C ALA D 14 -17.95 -20.31 -42.75
N LYS D 15 -17.41 -21.46 -43.17
CA LYS D 15 -17.09 -22.53 -42.24
C LYS D 15 -15.83 -22.24 -41.45
N LEU D 16 -14.86 -21.55 -42.06
CA LEU D 16 -13.64 -21.19 -41.34
C LEU D 16 -13.95 -20.22 -40.21
N ALA D 17 -14.76 -19.20 -40.48
CA ALA D 17 -15.17 -18.28 -39.43
C ALA D 17 -15.95 -19.01 -38.34
N GLU D 18 -16.74 -20.01 -38.72
CA GLU D 18 -17.50 -20.77 -37.73
C GLU D 18 -16.56 -21.53 -36.80
N GLN D 19 -15.51 -22.13 -37.35
CA GLN D 19 -14.52 -22.81 -36.52
C GLN D 19 -13.85 -21.83 -35.55
N ALA D 20 -13.46 -20.66 -36.06
CA ALA D 20 -12.87 -19.63 -35.22
C ALA D 20 -13.90 -18.95 -34.33
N GLU D 21 -15.19 -19.19 -34.56
CA GLU D 21 -16.26 -18.57 -33.78
C GLU D 21 -16.24 -17.06 -33.91
N ARG D 22 -15.86 -16.57 -35.10
CA ARG D 22 -15.91 -15.14 -35.42
C ARG D 22 -17.15 -14.95 -36.30
N TYR D 23 -18.32 -14.92 -35.64
CA TYR D 23 -19.58 -15.02 -36.37
C TYR D 23 -19.92 -13.75 -37.14
N GLU D 24 -19.51 -12.59 -36.65
CA GLU D 24 -19.74 -11.36 -37.40
C GLU D 24 -19.20 -11.49 -38.82
N GLU D 25 -18.02 -12.10 -38.95
CA GLU D 25 -17.44 -12.33 -40.26
C GLU D 25 -18.11 -13.51 -40.96
N MET D 26 -18.61 -14.49 -40.20
CA MET D 26 -19.38 -15.56 -40.80
C MET D 26 -20.64 -15.01 -41.47
N VAL D 27 -21.26 -14.01 -40.86
CA VAL D 27 -22.43 -13.38 -41.46
C VAL D 27 -22.05 -12.70 -42.77
N GLN D 28 -20.96 -11.93 -42.75
CA GLN D 28 -20.52 -11.24 -43.95
C GLN D 28 -20.26 -12.21 -45.09
N PHE D 29 -19.66 -13.36 -44.78
CA PHE D 29 -19.36 -14.33 -45.83
C PHE D 29 -20.63 -14.95 -46.40
N MET D 30 -21.63 -15.18 -45.55
CA MET D 30 -22.89 -15.75 -46.03
C MET D 30 -23.77 -14.72 -46.70
N GLU D 31 -23.75 -13.47 -46.23
CA GLU D 31 -24.47 -12.41 -46.92
C GLU D 31 -24.00 -12.29 -48.36
N GLN D 32 -22.69 -12.23 -48.57
CA GLN D 32 -22.14 -12.09 -49.91
C GLN D 32 -22.42 -13.33 -50.76
N LEU D 33 -22.45 -14.50 -50.15
CA LEU D 33 -22.84 -15.71 -50.88
C LEU D 33 -24.29 -15.62 -51.32
N VAL D 34 -25.17 -15.21 -50.40
CA VAL D 34 -26.59 -15.15 -50.71
C VAL D 34 -26.87 -14.10 -51.78
N THR D 35 -26.45 -12.85 -51.53
CA THR D 35 -26.76 -11.76 -52.44
C THR D 35 -26.19 -11.97 -53.83
N GLY D 36 -25.26 -12.90 -54.01
CA GLY D 36 -24.68 -13.14 -55.32
C GLY D 36 -25.27 -14.35 -56.02
N ALA D 37 -25.83 -15.28 -55.25
CA ALA D 37 -26.36 -16.52 -55.79
C ALA D 37 -27.88 -16.55 -55.90
N THR D 38 -28.58 -15.80 -55.06
CA THR D 38 -30.03 -15.72 -55.07
C THR D 38 -30.48 -14.33 -55.51
N PRO D 39 -31.74 -14.18 -55.97
CA PRO D 39 -32.81 -15.18 -56.08
C PRO D 39 -32.67 -16.12 -57.27
N ALA D 40 -31.62 -15.96 -58.08
CA ALA D 40 -31.49 -16.77 -59.30
C ALA D 40 -31.55 -18.26 -58.97
N GLU D 41 -30.83 -18.68 -57.94
CA GLU D 41 -30.78 -20.08 -57.53
C GLU D 41 -31.20 -20.21 -56.07
N GLU D 42 -31.40 -21.45 -55.65
CA GLU D 42 -31.73 -21.74 -54.26
C GLU D 42 -30.47 -22.06 -53.47
N LEU D 43 -30.51 -21.77 -52.18
CA LEU D 43 -29.43 -22.17 -51.29
C LEU D 43 -29.57 -23.65 -50.97
N THR D 44 -28.45 -24.37 -51.03
CA THR D 44 -28.46 -25.75 -50.58
C THR D 44 -28.70 -25.79 -49.07
N VAL D 45 -29.17 -26.95 -48.59
CA VAL D 45 -29.46 -27.09 -47.17
C VAL D 45 -28.25 -26.70 -46.33
N GLU D 46 -27.05 -26.95 -46.83
CA GLU D 46 -25.84 -26.55 -46.11
C GLU D 46 -25.77 -25.03 -45.98
N GLU D 47 -25.73 -24.33 -47.11
CA GLU D 47 -25.71 -22.87 -47.08
C GLU D 47 -26.89 -22.32 -46.29
N ARG D 48 -28.08 -22.88 -46.51
CA ARG D 48 -29.27 -22.40 -45.81
C ARG D 48 -29.12 -22.54 -44.30
N ASN D 49 -28.40 -23.57 -43.85
CA ASN D 49 -28.20 -23.74 -42.41
C ASN D 49 -27.04 -22.88 -41.91
N LEU D 50 -25.97 -22.76 -42.70
CA LEU D 50 -24.87 -21.89 -42.30
C LEU D 50 -25.33 -20.44 -42.17
N LEU D 51 -26.24 -20.01 -43.05
CA LEU D 51 -26.83 -18.68 -42.91
C LEU D 51 -27.61 -18.57 -41.60
N SER D 52 -28.47 -19.55 -41.33
CA SER D 52 -29.26 -19.53 -40.09
C SER D 52 -28.36 -19.56 -38.87
N VAL D 53 -27.29 -20.36 -38.90
CA VAL D 53 -26.40 -20.48 -37.76
C VAL D 53 -25.66 -19.16 -37.53
N ALA D 54 -25.10 -18.59 -38.60
CA ALA D 54 -24.34 -17.35 -38.47
C ALA D 54 -25.16 -16.27 -37.77
N TYR D 55 -26.31 -15.92 -38.33
CA TYR D 55 -27.14 -14.89 -37.72
C TYR D 55 -27.65 -15.32 -36.34
N LYS D 56 -27.87 -16.61 -36.12
CA LYS D 56 -28.34 -17.08 -34.83
C LYS D 56 -27.35 -16.75 -33.73
N ASN D 57 -26.07 -17.05 -33.95
CA ASN D 57 -25.06 -16.79 -32.94
C ASN D 57 -24.86 -15.30 -32.71
N VAL D 58 -24.79 -14.52 -33.78
CA VAL D 58 -24.58 -13.08 -33.63
C VAL D 58 -25.72 -12.46 -32.84
N ILE D 59 -26.97 -12.76 -33.22
CA ILE D 59 -28.10 -12.19 -32.52
C ILE D 59 -28.26 -12.83 -31.14
N GLY D 60 -27.94 -14.12 -31.02
CA GLY D 60 -28.04 -14.77 -29.73
C GLY D 60 -27.13 -14.13 -28.70
N SER D 61 -25.95 -13.69 -29.11
CA SER D 61 -25.04 -13.05 -28.18
C SER D 61 -25.57 -11.69 -27.73
N LEU D 62 -26.13 -10.91 -28.67
CA LEU D 62 -26.67 -9.61 -28.32
C LEU D 62 -27.92 -9.74 -27.44
N ARG D 63 -28.79 -10.69 -27.76
CA ARG D 63 -29.97 -10.90 -26.92
C ARG D 63 -29.57 -11.19 -25.49
N ALA D 64 -28.55 -12.01 -25.28
CA ALA D 64 -28.09 -12.31 -23.93
C ALA D 64 -27.60 -11.05 -23.22
N ALA D 65 -26.88 -10.19 -23.95
CA ALA D 65 -26.39 -8.96 -23.35
C ALA D 65 -27.53 -8.02 -22.99
N TRP D 66 -28.56 -7.95 -23.85
CA TRP D 66 -29.66 -7.04 -23.58
C TRP D 66 -30.44 -7.46 -22.33
N ARG D 67 -30.65 -8.77 -22.16
CA ARG D 67 -31.35 -9.24 -20.96
C ARG D 67 -30.64 -8.78 -19.69
N ILE D 68 -29.32 -8.87 -19.67
CA ILE D 68 -28.57 -8.51 -18.48
C ILE D 68 -28.60 -7.00 -18.26
N VAL D 69 -28.34 -6.23 -19.31
CA VAL D 69 -28.34 -4.78 -19.17
C VAL D 69 -29.74 -4.29 -18.79
N SER D 70 -30.78 -4.84 -19.44
CA SER D 70 -32.14 -4.44 -19.10
C SER D 70 -32.48 -4.78 -17.66
N SER D 71 -32.04 -5.95 -17.19
CA SER D 71 -32.32 -6.35 -15.81
C SER D 71 -31.62 -5.42 -14.82
N ILE D 72 -30.40 -4.99 -15.13
CA ILE D 72 -29.70 -4.07 -14.25
C ILE D 72 -30.42 -2.73 -14.19
N GLU D 73 -30.92 -2.25 -15.33
CA GLU D 73 -31.65 -0.98 -15.32
C GLU D 73 -32.89 -1.06 -14.44
N GLN D 74 -33.63 -2.17 -14.53
CA GLN D 74 -34.80 -2.34 -13.68
C GLN D 74 -34.42 -2.33 -12.22
N LYS D 75 -33.27 -2.91 -11.87
CA LYS D 75 -32.83 -2.92 -10.48
C LYS D 75 -32.37 -1.53 -10.04
N GLU D 76 -31.74 -0.78 -10.95
CA GLU D 76 -31.29 0.56 -10.61
C GLU D 76 -32.45 1.53 -10.49
N GLU D 77 -33.51 1.32 -11.26
CA GLU D 77 -34.67 2.21 -11.16
C GLU D 77 -35.46 1.94 -9.87
N SER D 78 -35.50 0.70 -9.42
CA SER D 78 -36.11 0.41 -8.12
C SER D 78 -35.22 0.84 -6.97
N ARG D 79 -33.91 0.98 -7.20
CA ARG D 79 -33.05 1.65 -6.24
C ARG D 79 -33.19 3.16 -6.30
N LYS D 80 -33.81 3.70 -7.34
CA LYS D 80 -34.01 5.13 -7.51
C LYS D 80 -32.68 5.86 -7.70
N ASN D 81 -31.70 5.18 -8.30
CA ASN D 81 -30.39 5.76 -8.58
C ASN D 81 -30.43 6.27 -10.02
N ASP D 82 -30.92 7.51 -10.17
CA ASP D 82 -31.12 8.05 -11.51
C ASP D 82 -29.80 8.25 -12.26
N GLU D 83 -28.68 8.40 -11.56
CA GLU D 83 -27.40 8.49 -12.26
C GLU D 83 -27.04 7.17 -12.90
N HIS D 84 -27.28 6.05 -12.20
CA HIS D 84 -26.92 4.74 -12.74
C HIS D 84 -27.83 4.36 -13.91
N VAL D 85 -29.13 4.64 -13.80
CA VAL D 85 -30.04 4.28 -14.89
C VAL D 85 -29.68 5.06 -16.15
N SER D 86 -29.25 6.31 -15.99
CA SER D 86 -28.85 7.09 -17.16
C SER D 86 -27.66 6.44 -17.86
N LEU D 87 -26.69 5.95 -17.07
CA LEU D 87 -25.55 5.25 -17.67
C LEU D 87 -26.00 3.93 -18.31
N VAL D 88 -26.82 3.16 -17.59
CA VAL D 88 -27.26 1.87 -18.11
C VAL D 88 -28.18 2.08 -19.32
N LYS D 89 -29.08 3.06 -19.24
CA LYS D 89 -29.99 3.32 -20.35
C LYS D 89 -29.21 3.71 -21.61
N ASP D 90 -28.25 4.62 -21.48
CA ASP D 90 -27.38 4.95 -22.61
C ASP D 90 -26.66 3.70 -23.12
N TYR D 91 -26.26 2.82 -22.21
CA TYR D 91 -25.57 1.61 -22.62
C TYR D 91 -26.53 0.62 -23.27
N ARG D 92 -27.74 0.49 -22.73
CA ARG D 92 -28.71 -0.41 -23.33
C ARG D 92 -29.05 -0.01 -24.75
N SER D 93 -29.20 1.29 -24.99
CA SER D 93 -29.55 1.75 -26.34
C SER D 93 -28.46 1.39 -27.34
N LYS D 94 -27.21 1.34 -26.91
CA LYS D 94 -26.14 0.90 -27.80
C LYS D 94 -26.34 -0.55 -28.21
N VAL D 95 -26.76 -1.39 -27.26
CA VAL D 95 -27.03 -2.79 -27.58
C VAL D 95 -28.20 -2.91 -28.53
N GLU D 96 -29.24 -2.09 -28.32
CA GLU D 96 -30.45 -2.22 -29.12
C GLU D 96 -30.23 -1.80 -30.57
N SER D 97 -29.42 -0.77 -30.79
CA SER D 97 -29.08 -0.40 -32.16
C SER D 97 -28.31 -1.51 -32.85
N GLU D 98 -27.47 -2.22 -32.11
CA GLU D 98 -26.78 -3.38 -32.68
C GLU D 98 -27.77 -4.50 -32.97
N LEU D 99 -28.68 -4.77 -32.03
CA LEU D 99 -29.74 -5.74 -32.29
C LEU D 99 -30.54 -5.36 -33.52
N SER D 100 -30.94 -4.09 -33.61
CA SER D 100 -31.70 -3.65 -34.78
C SER D 100 -30.90 -3.83 -36.06
N SER D 101 -29.59 -3.59 -36.00
CA SER D 101 -28.76 -3.69 -37.19
C SER D 101 -28.81 -5.10 -37.77
N VAL D 102 -28.58 -6.10 -36.93
CA VAL D 102 -28.53 -7.48 -37.41
C VAL D 102 -29.90 -7.92 -37.90
N CYS D 103 -30.94 -7.66 -37.11
CA CYS D 103 -32.29 -8.05 -37.51
C CYS D 103 -32.66 -7.41 -38.85
N SER D 104 -32.37 -6.11 -39.00
CA SER D 104 -32.64 -5.46 -40.28
C SER D 104 -31.85 -6.10 -41.41
N GLY D 105 -30.67 -6.64 -41.09
CA GLY D 105 -29.86 -7.30 -42.10
C GLY D 105 -30.52 -8.53 -42.70
N ILE D 106 -30.91 -9.49 -41.84
CA ILE D 106 -31.47 -10.73 -42.33
C ILE D 106 -32.89 -10.52 -42.82
N LEU D 107 -33.68 -9.69 -42.13
CA LEU D 107 -35.04 -9.43 -42.58
C LEU D 107 -35.05 -8.78 -43.96
N LYS D 108 -34.19 -7.76 -44.15
CA LYS D 108 -34.06 -7.16 -45.47
C LYS D 108 -33.52 -8.16 -46.48
N LEU D 109 -32.56 -8.99 -46.06
CA LEU D 109 -32.05 -10.03 -46.93
C LEU D 109 -33.13 -11.04 -47.27
N LEU D 110 -34.06 -11.30 -46.34
CA LEU D 110 -35.11 -12.28 -46.60
C LEU D 110 -36.14 -11.77 -47.60
N ASP D 111 -36.51 -10.49 -47.49
CA ASP D 111 -37.54 -9.94 -48.36
C ASP D 111 -37.10 -9.90 -49.81
N SER D 112 -35.84 -9.52 -50.05
CA SER D 112 -35.38 -9.27 -51.41
C SER D 112 -34.75 -10.49 -52.07
N HIS D 113 -34.21 -11.44 -51.30
CA HIS D 113 -33.41 -12.51 -51.89
C HIS D 113 -33.90 -13.90 -51.51
N LEU D 114 -33.94 -14.20 -50.20
CA LEU D 114 -34.24 -15.57 -49.79
C LEU D 114 -35.67 -15.96 -50.16
N ILE D 115 -36.66 -15.21 -49.65
CA ILE D 115 -38.06 -15.57 -49.90
C ILE D 115 -38.34 -15.63 -51.40
N PRO D 116 -37.92 -14.67 -52.23
CA PRO D 116 -38.06 -14.86 -53.68
C PRO D 116 -37.37 -16.10 -54.21
N SER D 117 -36.26 -16.51 -53.61
CA SER D 117 -35.52 -17.67 -54.10
C SER D 117 -36.26 -18.97 -53.82
N ALA D 118 -37.03 -19.02 -52.73
CA ALA D 118 -37.71 -20.24 -52.33
C ALA D 118 -38.69 -20.71 -53.40
N GLY D 119 -38.41 -21.87 -53.99
CA GLY D 119 -39.28 -22.45 -54.99
C GLY D 119 -39.90 -23.76 -54.52
N ALA D 120 -40.06 -23.89 -53.20
CA ALA D 120 -40.62 -25.10 -52.63
C ALA D 120 -41.21 -24.74 -51.26
N SER D 121 -42.27 -25.46 -50.88
CA SER D 121 -42.94 -25.17 -49.62
C SER D 121 -41.97 -25.23 -48.45
N GLU D 122 -41.09 -26.21 -48.44
CA GLU D 122 -40.13 -26.33 -47.33
C GLU D 122 -39.27 -25.07 -47.21
N SER D 123 -38.86 -24.50 -48.34
CA SER D 123 -38.00 -23.32 -48.31
C SER D 123 -38.79 -22.06 -47.99
N LYS D 124 -40.00 -21.93 -48.54
CA LYS D 124 -40.84 -20.77 -48.24
C LYS D 124 -41.09 -20.66 -46.74
N VAL D 125 -41.62 -21.72 -46.14
CA VAL D 125 -41.90 -21.70 -44.71
C VAL D 125 -40.62 -21.51 -43.90
N PHE D 126 -39.52 -22.11 -44.36
CA PHE D 126 -38.25 -21.96 -43.65
C PHE D 126 -37.86 -20.49 -43.55
N TYR D 127 -37.87 -19.78 -44.69
CA TYR D 127 -37.53 -18.37 -44.68
C TYR D 127 -38.62 -17.53 -44.03
N LEU D 128 -39.87 -17.98 -44.11
CA LEU D 128 -40.96 -17.27 -43.43
C LEU D 128 -40.86 -17.44 -41.92
N LYS D 129 -40.43 -18.62 -41.46
CA LYS D 129 -40.18 -18.79 -40.03
C LYS D 129 -39.01 -17.94 -39.58
N MET D 130 -37.93 -17.92 -40.36
CA MET D 130 -36.78 -17.08 -40.03
C MET D 130 -37.19 -15.61 -40.03
N LYS D 131 -38.08 -15.21 -40.94
CA LYS D 131 -38.58 -13.85 -40.95
C LYS D 131 -39.32 -13.53 -39.65
N GLY D 132 -40.18 -14.45 -39.20
CA GLY D 132 -40.87 -14.24 -37.94
C GLY D 132 -39.95 -14.30 -36.74
N ASP D 133 -38.90 -15.13 -36.80
CA ASP D 133 -37.97 -15.22 -35.69
C ASP D 133 -37.33 -13.87 -35.37
N TYR D 134 -36.89 -13.17 -36.41
CA TYR D 134 -36.17 -11.91 -36.18
C TYR D 134 -37.11 -10.73 -36.02
N HIS D 135 -38.38 -10.86 -36.43
CA HIS D 135 -39.37 -9.89 -36.00
C HIS D 135 -39.70 -10.08 -34.52
N ARG D 136 -39.74 -11.33 -34.07
CA ARG D 136 -39.92 -11.60 -32.65
C ARG D 136 -38.74 -11.05 -31.84
N TYR D 137 -37.52 -11.19 -32.36
CA TYR D 137 -36.37 -10.68 -31.64
C TYR D 137 -36.41 -9.16 -31.52
N MET D 138 -36.94 -8.48 -32.54
CA MET D 138 -37.14 -7.04 -32.43
C MET D 138 -38.17 -6.71 -31.36
N ALA D 139 -39.27 -7.47 -31.32
CA ALA D 139 -40.31 -7.21 -30.33
C ALA D 139 -39.82 -7.42 -28.90
N GLU D 140 -38.71 -8.13 -28.71
CA GLU D 140 -38.25 -8.43 -27.37
C GLU D 140 -37.76 -7.19 -26.64
N PHE D 141 -37.03 -6.31 -27.34
CA PHE D 141 -36.47 -5.12 -26.70
C PHE D 141 -37.24 -3.85 -27.02
N LYS D 142 -38.10 -3.85 -28.04
CA LYS D 142 -38.97 -2.71 -28.26
C LYS D 142 -40.04 -2.65 -27.16
N SER D 143 -40.62 -1.47 -26.97
CA SER D 143 -41.60 -1.26 -25.93
C SER D 143 -42.70 -0.32 -26.41
N GLY D 144 -43.94 -0.67 -26.09
CA GLY D 144 -45.09 0.17 -26.40
C GLY D 144 -45.35 0.33 -27.88
N ASP D 145 -45.23 1.56 -28.37
CA ASP D 145 -45.53 1.88 -29.77
C ASP D 145 -44.76 0.97 -30.72
N GLU D 146 -43.44 1.07 -30.73
CA GLU D 146 -42.64 0.26 -31.65
C GLU D 146 -42.76 -1.23 -31.35
N ARG D 147 -43.13 -1.60 -30.13
CA ARG D 147 -43.32 -3.02 -29.81
C ARG D 147 -44.58 -3.55 -30.50
N LYS D 148 -45.68 -2.80 -30.43
CA LYS D 148 -46.91 -3.25 -31.06
C LYS D 148 -46.70 -3.51 -32.55
N THR D 149 -45.99 -2.61 -33.24
CA THR D 149 -45.70 -2.84 -34.64
C THR D 149 -44.86 -4.10 -34.83
N ALA D 150 -43.85 -4.30 -34.00
CA ALA D 150 -43.01 -5.48 -34.13
C ALA D 150 -43.80 -6.76 -33.87
N ALA D 151 -44.66 -6.74 -32.85
CA ALA D 151 -45.47 -7.92 -32.54
C ALA D 151 -46.44 -8.24 -33.68
N GLU D 152 -47.06 -7.21 -34.26
CA GLU D 152 -47.97 -7.43 -35.37
C GLU D 152 -47.24 -8.03 -36.57
N ASP D 153 -46.06 -7.49 -36.89
CA ASP D 153 -45.28 -8.03 -37.99
C ASP D 153 -44.91 -9.48 -37.74
N THR D 154 -44.60 -9.82 -36.49
CA THR D 154 -44.28 -11.21 -36.16
C THR D 154 -45.47 -12.12 -36.38
N MET D 155 -46.65 -11.70 -35.93
CA MET D 155 -47.86 -12.51 -36.09
C MET D 155 -48.04 -12.93 -37.54
N LEU D 156 -47.95 -11.97 -38.47
CA LEU D 156 -48.22 -12.26 -39.86
C LEU D 156 -47.16 -13.19 -40.46
N ALA D 157 -45.89 -12.97 -40.10
CA ALA D 157 -44.83 -13.81 -40.63
C ALA D 157 -45.03 -15.26 -40.22
N TYR D 158 -45.27 -15.50 -38.93
CA TYR D 158 -45.49 -16.86 -38.45
C TYR D 158 -46.79 -17.44 -39.00
N LYS D 159 -47.89 -16.69 -38.88
CA LYS D 159 -49.17 -17.20 -39.36
C LYS D 159 -49.12 -17.51 -40.85
N ALA D 160 -48.35 -16.74 -41.61
CA ALA D 160 -48.19 -17.06 -43.03
C ALA D 160 -47.41 -18.36 -43.20
N ALA D 161 -46.30 -18.51 -42.47
CA ALA D 161 -45.56 -19.77 -42.52
C ALA D 161 -46.42 -20.94 -42.08
N GLN D 162 -47.26 -20.74 -41.06
CA GLN D 162 -48.08 -21.83 -40.56
C GLN D 162 -49.17 -22.21 -41.57
N ASP D 163 -49.73 -21.22 -42.27
CA ASP D 163 -50.70 -21.52 -43.32
C ASP D 163 -50.10 -22.47 -44.35
N ILE D 164 -48.93 -22.13 -44.88
CA ILE D 164 -48.28 -22.98 -45.88
C ILE D 164 -47.84 -24.30 -45.26
N ALA D 165 -47.30 -24.25 -44.03
CA ALA D 165 -46.78 -25.47 -43.41
C ALA D 165 -47.89 -26.48 -43.18
N ALA D 166 -49.00 -26.05 -42.58
CA ALA D 166 -50.07 -26.99 -42.24
C ALA D 166 -50.66 -27.65 -43.47
N ALA D 167 -50.61 -26.98 -44.62
CA ALA D 167 -51.25 -27.49 -45.82
C ALA D 167 -50.32 -28.37 -46.66
N ASP D 168 -49.02 -28.11 -46.64
CA ASP D 168 -48.08 -28.80 -47.52
C ASP D 168 -47.07 -29.67 -46.80
N MET D 169 -46.59 -29.27 -45.63
CA MET D 169 -45.58 -30.02 -44.91
C MET D 169 -46.21 -31.11 -44.05
N ALA D 170 -45.40 -32.11 -43.73
CA ALA D 170 -45.83 -33.17 -42.84
C ALA D 170 -45.74 -32.70 -41.38
N PRO D 171 -46.68 -33.10 -40.53
CA PRO D 171 -46.66 -32.61 -39.14
C PRO D 171 -45.42 -33.01 -38.36
N THR D 172 -44.62 -33.96 -38.86
CA THR D 172 -43.41 -34.40 -38.18
C THR D 172 -42.16 -33.72 -38.71
N HIS D 173 -42.27 -32.89 -39.73
CA HIS D 173 -41.09 -32.26 -40.33
C HIS D 173 -40.47 -31.31 -39.32
N PRO D 174 -39.15 -31.42 -39.05
CA PRO D 174 -38.55 -30.53 -38.04
C PRO D 174 -38.80 -29.05 -38.28
N ILE D 175 -38.88 -28.62 -39.53
CA ILE D 175 -39.11 -27.20 -39.79
C ILE D 175 -40.51 -26.80 -39.34
N ARG D 176 -41.52 -27.62 -39.64
CA ARG D 176 -42.88 -27.28 -39.22
C ARG D 176 -43.02 -27.33 -37.71
N LEU D 177 -42.28 -28.22 -37.05
CA LEU D 177 -42.32 -28.26 -35.59
C LEU D 177 -41.58 -27.07 -34.99
N GLY D 178 -40.43 -26.71 -35.56
CA GLY D 178 -39.74 -25.52 -35.11
C GLY D 178 -40.57 -24.27 -35.28
N LEU D 179 -41.37 -24.21 -36.35
CA LEU D 179 -42.28 -23.08 -36.53
C LEU D 179 -43.30 -23.02 -35.41
N ALA D 180 -44.02 -24.11 -35.18
CA ALA D 180 -44.99 -24.14 -34.08
C ALA D 180 -44.32 -23.83 -32.76
N LEU D 181 -43.08 -24.28 -32.56
CA LEU D 181 -42.37 -23.98 -31.33
C LEU D 181 -42.17 -22.48 -31.16
N ASN D 182 -41.53 -21.84 -32.15
CA ASN D 182 -41.28 -20.41 -32.05
C ASN D 182 -42.58 -19.61 -32.03
N PHE D 183 -43.58 -20.05 -32.79
CA PHE D 183 -44.86 -19.33 -32.81
C PHE D 183 -45.56 -19.43 -31.46
N SER D 184 -45.40 -20.55 -30.76
CA SER D 184 -45.97 -20.67 -29.41
C SER D 184 -45.17 -19.83 -28.42
N VAL D 185 -43.84 -19.83 -28.55
CA VAL D 185 -43.01 -18.95 -27.72
C VAL D 185 -43.43 -17.50 -27.93
N PHE D 186 -43.71 -17.12 -29.18
CA PHE D 186 -44.18 -15.77 -29.47
C PHE D 186 -45.36 -15.40 -28.60
N TYR D 187 -46.31 -16.32 -28.44
CA TYR D 187 -47.48 -16.05 -27.61
C TYR D 187 -47.11 -15.96 -26.14
N TYR D 188 -46.17 -16.81 -25.69
CA TYR D 188 -45.91 -16.90 -24.26
C TYR D 188 -45.13 -15.69 -23.75
N GLU D 189 -44.11 -15.25 -24.49
CA GLU D 189 -43.20 -14.22 -24.00
C GLU D 189 -43.48 -12.83 -24.56
N ILE D 190 -43.98 -12.72 -25.78
CA ILE D 190 -44.26 -11.41 -26.36
C ILE D 190 -45.69 -10.98 -26.04
N LEU D 191 -46.67 -11.87 -26.24
CA LEU D 191 -48.07 -11.55 -26.00
C LEU D 191 -48.54 -11.94 -24.61
N ASN D 192 -47.70 -12.58 -23.80
CA ASN D 192 -48.04 -12.94 -22.44
C ASN D 192 -49.33 -13.77 -22.40
N SER D 193 -49.38 -14.79 -23.25
CA SER D 193 -50.54 -15.67 -23.38
C SER D 193 -50.10 -17.11 -23.14
N SER D 194 -50.22 -17.55 -21.88
CA SER D 194 -49.90 -18.94 -21.57
C SER D 194 -50.91 -19.90 -22.17
N ASP D 195 -52.18 -19.50 -22.23
CA ASP D 195 -53.22 -20.38 -22.76
C ASP D 195 -53.01 -20.63 -24.26
N LYS D 196 -52.91 -19.55 -25.04
CA LYS D 196 -52.72 -19.71 -26.49
C LYS D 196 -51.41 -20.41 -26.79
N ALA D 197 -50.34 -20.05 -26.07
CA ALA D 197 -49.04 -20.66 -26.33
C ALA D 197 -49.07 -22.16 -26.07
N CYS D 198 -49.80 -22.59 -25.03
CA CYS D 198 -49.88 -24.01 -24.73
C CYS D 198 -50.72 -24.76 -25.75
N ASN D 199 -51.88 -24.20 -26.12
CA ASN D 199 -52.75 -24.87 -27.08
C ASN D 199 -52.05 -25.05 -28.42
N MET D 200 -51.11 -24.18 -28.76
CA MET D 200 -50.41 -24.29 -30.03
C MET D 200 -49.30 -25.34 -29.96
N ALA D 201 -48.50 -25.31 -28.89
CA ALA D 201 -47.43 -26.30 -28.76
C ALA D 201 -47.99 -27.71 -28.66
N LYS D 202 -49.07 -27.90 -27.90
CA LYS D 202 -49.67 -29.23 -27.78
C LYS D 202 -50.20 -29.70 -29.12
N GLN D 203 -50.87 -28.82 -29.87
CA GLN D 203 -51.45 -29.22 -31.14
C GLN D 203 -50.37 -29.71 -32.10
N ALA D 204 -49.28 -28.96 -32.22
CA ALA D 204 -48.19 -29.38 -33.11
C ALA D 204 -47.57 -30.69 -32.64
N PHE D 205 -47.49 -30.91 -31.33
CA PHE D 205 -46.96 -32.15 -30.79
C PHE D 205 -47.95 -33.29 -30.92
N GLU D 206 -49.24 -33.00 -30.85
CA GLU D 206 -50.26 -34.04 -31.02
C GLU D 206 -50.38 -34.46 -32.48
N GLU D 207 -50.28 -33.50 -33.40
CA GLU D 207 -50.35 -33.83 -34.82
C GLU D 207 -49.14 -34.65 -35.25
N ALA D 208 -47.96 -34.33 -34.71
CA ALA D 208 -46.75 -35.04 -35.10
C ALA D 208 -46.77 -36.47 -34.58
N ILE D 209 -47.06 -36.65 -33.29
CA ILE D 209 -47.03 -37.98 -32.69
C ILE D 209 -48.01 -38.93 -33.38
N ALA D 210 -48.97 -38.39 -34.12
CA ALA D 210 -49.93 -39.23 -34.83
C ALA D 210 -49.29 -39.91 -36.04
N GLU D 211 -48.32 -39.25 -36.67
CA GLU D 211 -47.67 -39.78 -37.86
C GLU D 211 -46.20 -40.14 -37.61
N LEU D 212 -45.88 -40.57 -36.39
CA LEU D 212 -44.51 -40.95 -36.06
C LEU D 212 -44.19 -42.39 -36.47
N ASP D 213 -45.21 -43.20 -36.77
CA ASP D 213 -44.97 -44.58 -37.17
C ASP D 213 -44.19 -44.63 -38.48
N THR D 214 -44.74 -44.05 -39.54
CA THR D 214 -44.10 -44.11 -40.86
C THR D 214 -42.79 -43.33 -40.90
N LEU D 215 -42.59 -42.39 -39.99
CA LEU D 215 -41.37 -41.60 -40.00
C LEU D 215 -40.16 -42.51 -39.75
N GLY D 216 -39.11 -42.33 -40.56
CA GLY D 216 -37.97 -43.22 -40.54
C GLY D 216 -37.04 -43.00 -39.35
N GLU D 217 -36.09 -43.92 -39.22
CA GLU D 217 -35.19 -43.88 -38.07
C GLU D 217 -34.19 -42.73 -38.17
N GLU D 218 -33.75 -42.39 -39.38
CA GLU D 218 -32.80 -41.29 -39.53
C GLU D 218 -33.40 -39.98 -39.02
N SER D 219 -34.64 -39.70 -39.40
CA SER D 219 -35.32 -38.48 -38.97
C SER D 219 -36.02 -38.64 -37.63
N TYR D 220 -36.17 -39.86 -37.12
CA TYR D 220 -36.77 -40.04 -35.81
C TYR D 220 -36.04 -39.25 -34.75
N LYS D 221 -34.72 -39.12 -34.90
CA LYS D 221 -33.95 -38.26 -33.99
C LYS D 221 -34.25 -36.79 -34.25
N ASP D 222 -34.46 -36.41 -35.51
CA ASP D 222 -34.70 -35.01 -35.83
C ASP D 222 -36.03 -34.54 -35.27
N SER D 223 -37.11 -35.28 -35.54
CA SER D 223 -38.44 -34.82 -35.12
C SER D 223 -38.58 -34.85 -33.60
N THR D 224 -38.21 -35.97 -32.98
CA THR D 224 -38.42 -36.10 -31.53
C THR D 224 -37.70 -35.01 -30.75
N LEU D 225 -36.56 -34.54 -31.24
CA LEU D 225 -35.83 -33.49 -30.54
C LEU D 225 -36.71 -32.24 -30.37
N ILE D 226 -37.20 -31.70 -31.49
CA ILE D 226 -38.06 -30.53 -31.41
C ILE D 226 -39.33 -30.85 -30.65
N MET D 227 -39.85 -32.07 -30.81
CA MET D 227 -41.03 -32.47 -30.05
C MET D 227 -40.75 -32.51 -28.56
N GLN D 228 -39.51 -32.80 -28.17
CA GLN D 228 -39.15 -32.78 -26.74
C GLN D 228 -39.10 -31.37 -26.21
N LEU D 229 -38.64 -30.40 -27.03
CA LEU D 229 -38.62 -29.02 -26.58
C LEU D 229 -40.03 -28.43 -26.53
N LEU D 230 -40.91 -28.84 -27.45
CA LEU D 230 -42.31 -28.47 -27.32
C LEU D 230 -42.89 -28.98 -26.02
N ARG D 231 -42.54 -30.21 -25.63
CA ARG D 231 -43.09 -30.79 -24.42
C ARG D 231 -42.41 -30.25 -23.16
N ASP D 232 -41.12 -29.88 -23.26
CA ASP D 232 -40.45 -29.25 -22.13
C ASP D 232 -41.08 -27.90 -21.80
N ASN D 233 -41.25 -27.06 -22.82
CA ASN D 233 -41.93 -25.78 -22.60
C ASN D 233 -43.34 -26.00 -22.05
N LEU D 234 -44.08 -26.95 -22.62
CA LEU D 234 -45.44 -27.18 -22.17
C LEU D 234 -45.48 -27.60 -20.70
N THR D 235 -44.55 -28.47 -20.29
CA THR D 235 -44.48 -28.89 -18.89
C THR D 235 -44.23 -27.70 -17.97
N LEU D 236 -43.15 -26.96 -18.24
CA LEU D 236 -42.82 -25.81 -17.40
C LEU D 236 -43.93 -24.78 -17.40
N TRP D 237 -44.52 -24.51 -18.57
CA TRP D 237 -45.57 -23.50 -18.66
C TRP D 237 -46.77 -23.86 -17.79
N THR D 238 -47.21 -25.12 -17.86
CA THR D 238 -48.34 -25.54 -17.03
C THR D 238 -47.95 -25.58 -15.55
N SER D 239 -46.70 -25.92 -15.24
CA SER D 239 -46.25 -25.89 -13.86
C SER D 239 -46.37 -24.48 -13.29
N ASP D 240 -45.79 -23.49 -13.98
CA ASP D 240 -45.87 -22.11 -13.50
C ASP D 240 -47.32 -21.67 -13.36
N MET D 241 -48.16 -22.00 -14.35
CA MET D 241 -49.58 -21.68 -14.25
C MET D 241 -50.14 -22.10 -12.89
N GLN D 242 -49.97 -23.38 -12.54
CA GLN D 242 -50.51 -23.88 -11.29
C GLN D 242 -49.89 -23.16 -10.09
N GLU D 243 -48.58 -22.92 -10.14
CA GLU D 243 -47.93 -22.21 -9.04
C GLU D 243 -48.57 -20.86 -8.80
N GLN D 244 -49.03 -20.19 -9.86
CA GLN D 244 -49.73 -18.90 -9.71
C GLN D 244 -51.20 -19.16 -9.38
N ILE D 250 -36.43 -17.62 -21.26
CA ILE D 250 -36.21 -18.91 -20.63
C ILE D 250 -36.80 -20.03 -21.48
N SER D 251 -37.81 -19.71 -22.27
CA SER D 251 -38.44 -20.71 -23.13
C SER D 251 -37.43 -21.23 -24.15
N ASN D 252 -37.61 -22.50 -24.54
CA ASN D 252 -36.73 -23.15 -25.50
C ASN D 252 -37.21 -22.88 -26.92
N SEP D 253 -36.46 -22.06 -27.65
CA SEP D 253 -36.80 -21.80 -29.09
CB SEP D 253 -36.37 -20.39 -29.48
OG SEP D 253 -34.98 -20.19 -29.34
C SEP D 253 -36.13 -22.86 -29.98
O SEP D 253 -35.27 -23.61 -29.53
P SEP D 253 -34.58 -18.82 -30.09
O1P SEP D 253 -34.69 -19.01 -31.69
O2P SEP D 253 -33.06 -18.44 -29.70
O3P SEP D 253 -35.59 -17.67 -29.64
H SEP D 253 -35.66 -22.45 -27.61
HA SEP D 253 -37.77 -21.85 -29.22
HB2 SEP D 253 -36.83 -19.75 -28.92
HB3 SEP D 253 -36.62 -20.24 -30.41
N ALA D 254 -36.56 -22.89 -31.24
CA ALA D 254 -36.07 -23.87 -32.20
C ALA D 254 -34.55 -23.88 -32.26
N PRO D 255 -33.95 -25.05 -32.55
CA PRO D 255 -32.49 -25.13 -32.66
C PRO D 255 -31.93 -24.13 -33.67
N THR E 4 -4.25 -10.83 10.04
CA THR E 4 -3.28 -11.14 11.12
C THR E 4 -2.55 -9.90 11.59
N LEU E 5 -2.42 -9.76 12.91
CA LEU E 5 -1.65 -8.70 13.53
C LEU E 5 -0.37 -9.27 14.11
N GLY E 6 0.55 -8.38 14.46
CA GLY E 6 1.78 -8.80 15.09
C GLY E 6 1.59 -9.18 16.54
N ARG E 7 2.53 -9.98 17.04
CA ARG E 7 2.51 -10.37 18.45
C ARG E 7 2.42 -9.15 19.35
N ASP E 8 3.22 -8.12 19.07
CA ASP E 8 3.17 -6.90 19.86
C ASP E 8 1.83 -6.19 19.72
N GLN E 9 1.15 -6.36 18.58
CA GLN E 9 -0.10 -5.66 18.35
C GLN E 9 -1.28 -6.35 19.04
N TYR E 10 -1.26 -7.68 19.12
CA TYR E 10 -2.30 -8.38 19.88
C TYR E 10 -2.24 -7.98 21.35
N VAL E 11 -1.04 -7.82 21.91
CA VAL E 11 -0.90 -7.37 23.29
C VAL E 11 -1.51 -5.99 23.43
N TYR E 12 -1.25 -5.10 22.47
CA TYR E 12 -1.83 -3.76 22.54
C TYR E 12 -3.36 -3.83 22.48
N MET E 13 -3.89 -4.64 21.56
CA MET E 13 -5.34 -4.76 21.46
C MET E 13 -5.93 -5.47 22.66
N ALA E 14 -5.24 -6.50 23.16
CA ALA E 14 -5.71 -7.17 24.38
C ALA E 14 -5.80 -6.18 25.54
N LYS E 15 -4.81 -5.30 25.68
CA LYS E 15 -4.87 -4.29 26.74
C LYS E 15 -5.99 -3.30 26.47
N LEU E 16 -6.14 -2.86 25.21
CA LEU E 16 -7.23 -1.95 24.89
C LEU E 16 -8.58 -2.55 25.24
N ALA E 17 -8.78 -3.83 24.90
CA ALA E 17 -10.02 -4.50 25.25
C ALA E 17 -10.20 -4.57 26.76
N GLU E 18 -9.10 -4.75 27.50
CA GLU E 18 -9.18 -4.78 28.96
C GLU E 18 -9.63 -3.43 29.51
N GLN E 19 -9.09 -2.34 28.97
CA GLN E 19 -9.49 -1.01 29.43
C GLN E 19 -10.98 -0.79 29.21
N ALA E 20 -11.50 -1.27 28.08
CA ALA E 20 -12.91 -1.10 27.78
C ALA E 20 -13.79 -2.15 28.44
N GLU E 21 -13.20 -3.11 29.15
CA GLU E 21 -13.95 -4.18 29.82
C GLU E 21 -14.74 -5.02 28.82
N ARG E 22 -14.25 -5.11 27.59
CA ARG E 22 -14.85 -5.99 26.57
C ARG E 22 -14.00 -7.26 26.53
N TYR E 23 -14.29 -8.17 27.47
CA TYR E 23 -13.39 -9.28 27.73
C TYR E 23 -13.53 -10.40 26.70
N GLU E 24 -14.70 -10.56 26.09
CA GLU E 24 -14.82 -11.55 25.02
C GLU E 24 -13.82 -11.25 23.91
N GLU E 25 -13.62 -9.97 23.59
CA GLU E 25 -12.64 -9.60 22.59
C GLU E 25 -11.22 -9.70 23.14
N MET E 26 -11.03 -9.44 24.43
CA MET E 26 -9.70 -9.61 25.02
C MET E 26 -9.23 -11.06 24.88
N VAL E 27 -10.16 -12.01 25.02
CA VAL E 27 -9.80 -13.41 24.84
C VAL E 27 -9.40 -13.68 23.40
N GLN E 28 -10.20 -13.19 22.44
CA GLN E 28 -9.90 -13.41 21.04
C GLN E 28 -8.50 -12.91 20.68
N PHE E 29 -8.14 -11.72 21.16
CA PHE E 29 -6.80 -11.21 20.87
C PHE E 29 -5.73 -12.12 21.44
N MET E 30 -5.92 -12.60 22.68
CA MET E 30 -4.90 -13.44 23.29
C MET E 30 -4.90 -14.84 22.69
N GLU E 31 -6.05 -15.36 22.26
CA GLU E 31 -6.07 -16.65 21.58
C GLU E 31 -5.20 -16.62 20.33
N GLN E 32 -5.36 -15.58 19.51
CA GLN E 32 -4.59 -15.50 18.28
C GLN E 32 -3.11 -15.28 18.55
N LEU E 33 -2.78 -14.55 19.61
CA LEU E 33 -1.37 -14.38 19.97
C LEU E 33 -0.73 -15.72 20.31
N VAL E 34 -1.37 -16.49 21.19
CA VAL E 34 -0.77 -17.73 21.66
C VAL E 34 -0.65 -18.73 20.51
N THR E 35 -1.73 -18.95 19.76
CA THR E 35 -1.68 -19.90 18.67
C THR E 35 -0.64 -19.55 17.63
N GLY E 36 -0.18 -18.30 17.59
CA GLY E 36 0.79 -17.88 16.60
C GLY E 36 2.22 -17.83 17.12
N ALA E 37 2.40 -17.70 18.43
CA ALA E 37 3.73 -17.55 19.02
C ALA E 37 4.25 -18.80 19.71
N THR E 38 3.36 -19.70 20.14
CA THR E 38 3.70 -20.93 20.82
C THR E 38 3.37 -22.12 19.92
N PRO E 39 3.91 -23.32 20.21
CA PRO E 39 4.78 -23.72 21.33
C PRO E 39 6.26 -23.47 21.09
N ALA E 40 6.65 -23.07 19.88
CA ALA E 40 8.06 -22.84 19.59
C ALA E 40 8.67 -21.90 20.62
N GLU E 41 7.95 -20.84 20.99
CA GLU E 41 8.35 -19.91 22.02
C GLU E 41 7.37 -19.97 23.18
N GLU E 42 7.78 -19.44 24.31
CA GLU E 42 6.94 -19.41 25.51
C GLU E 42 6.39 -18.00 25.72
N LEU E 43 5.21 -17.94 26.34
CA LEU E 43 4.60 -16.64 26.61
C LEU E 43 5.39 -15.87 27.67
N THR E 44 5.53 -14.57 27.46
CA THR E 44 6.08 -13.73 28.50
C THR E 44 5.12 -13.68 29.69
N VAL E 45 5.65 -13.26 30.84
CA VAL E 45 4.80 -13.15 32.03
C VAL E 45 3.64 -12.20 31.74
N GLU E 46 3.89 -11.14 30.97
CA GLU E 46 2.84 -10.19 30.63
C GLU E 46 1.73 -10.88 29.84
N GLU E 47 2.09 -11.49 28.70
CA GLU E 47 1.10 -12.19 27.90
C GLU E 47 0.41 -13.28 28.70
N ARG E 48 1.15 -13.94 29.58
CA ARG E 48 0.57 -15.02 30.37
C ARG E 48 -0.53 -14.50 31.29
N ASN E 49 -0.34 -13.30 31.84
CA ASN E 49 -1.34 -12.73 32.73
C ASN E 49 -2.52 -12.15 31.95
N LEU E 50 -2.25 -11.50 30.82
CA LEU E 50 -3.34 -11.02 29.96
C LEU E 50 -4.27 -12.16 29.59
N LEU E 51 -3.71 -13.27 29.12
CA LEU E 51 -4.53 -14.43 28.78
C LEU E 51 -5.36 -14.88 29.97
N SER E 52 -4.71 -15.07 31.13
CA SER E 52 -5.43 -15.50 32.31
C SER E 52 -6.54 -14.53 32.67
N VAL E 53 -6.22 -13.23 32.71
CA VAL E 53 -7.21 -12.23 33.09
C VAL E 53 -8.39 -12.25 32.13
N ALA E 54 -8.11 -12.36 30.82
CA ALA E 54 -9.19 -12.36 29.84
C ALA E 54 -10.17 -13.50 30.10
N TYR E 55 -9.66 -14.74 30.15
CA TYR E 55 -10.53 -15.88 30.37
C TYR E 55 -11.16 -15.84 31.75
N LYS E 56 -10.45 -15.32 32.76
CA LYS E 56 -11.02 -15.25 34.09
C LYS E 56 -12.29 -14.40 34.10
N ASN E 57 -12.22 -13.20 33.52
CA ASN E 57 -13.38 -12.32 33.50
C ASN E 57 -14.53 -12.92 32.70
N VAL E 58 -14.22 -13.51 31.54
CA VAL E 58 -15.28 -14.08 30.72
C VAL E 58 -15.97 -15.24 31.43
N ILE E 59 -15.18 -16.16 31.98
CA ILE E 59 -15.76 -17.33 32.64
C ILE E 59 -16.39 -16.92 33.96
N GLY E 60 -15.76 -15.99 34.68
CA GLY E 60 -16.33 -15.54 35.94
C GLY E 60 -17.67 -14.87 35.76
N SER E 61 -17.87 -14.18 34.64
CA SER E 61 -19.17 -13.56 34.38
C SER E 61 -20.24 -14.61 34.12
N LEU E 62 -19.88 -15.70 33.45
CA LEU E 62 -20.85 -16.77 33.19
C LEU E 62 -21.12 -17.58 34.45
N ARG E 63 -20.08 -17.88 35.23
CA ARG E 63 -20.29 -18.60 36.48
C ARG E 63 -21.23 -17.84 37.40
N ALA E 64 -21.03 -16.53 37.54
CA ALA E 64 -21.92 -15.73 38.38
C ALA E 64 -23.37 -15.83 37.90
N ALA E 65 -23.59 -15.73 36.59
CA ALA E 65 -24.94 -15.86 36.06
C ALA E 65 -25.48 -17.27 36.29
N TRP E 66 -24.66 -18.29 36.07
CA TRP E 66 -25.12 -19.65 36.27
C TRP E 66 -25.55 -19.89 37.71
N ARG E 67 -24.79 -19.37 38.68
CA ARG E 67 -25.16 -19.49 40.08
C ARG E 67 -26.55 -18.91 40.32
N ILE E 68 -26.79 -17.71 39.81
CA ILE E 68 -28.08 -17.04 40.04
C ILE E 68 -29.21 -17.81 39.39
N VAL E 69 -29.01 -18.27 38.15
CA VAL E 69 -30.06 -19.03 37.48
C VAL E 69 -30.25 -20.37 38.16
N SER E 70 -29.16 -21.05 38.52
CA SER E 70 -29.28 -22.31 39.24
C SER E 70 -30.02 -22.12 40.56
N SER E 71 -29.74 -21.02 41.26
CA SER E 71 -30.42 -20.77 42.53
C SER E 71 -31.92 -20.55 42.31
N ILE E 72 -32.28 -19.73 41.33
CA ILE E 72 -33.69 -19.54 41.00
C ILE E 72 -34.33 -20.86 40.63
N GLU E 73 -33.62 -21.67 39.84
CA GLU E 73 -34.14 -22.98 39.44
C GLU E 73 -34.46 -23.84 40.65
N GLN E 74 -33.48 -24.01 41.55
CA GLN E 74 -33.70 -24.82 42.74
C GLN E 74 -34.94 -24.37 43.50
N LYS E 75 -35.17 -23.05 43.57
CA LYS E 75 -36.33 -22.53 44.28
C LYS E 75 -37.61 -22.86 43.53
N GLU E 76 -37.65 -22.60 42.22
CA GLU E 76 -38.85 -22.88 41.45
C GLU E 76 -39.22 -24.35 41.50
N GLU E 77 -38.23 -25.24 41.61
CA GLU E 77 -38.51 -26.66 41.73
C GLU E 77 -39.17 -26.96 43.08
N SER E 78 -38.60 -26.45 44.17
CA SER E 78 -39.16 -26.71 45.48
C SER E 78 -40.60 -26.24 45.58
N ARG E 79 -40.96 -25.19 44.86
CA ARG E 79 -42.34 -24.75 44.80
C ARG E 79 -43.22 -25.67 43.96
N LYS E 80 -42.61 -26.49 43.09
CA LYS E 80 -43.33 -27.34 42.16
C LYS E 80 -44.05 -26.53 41.08
N ASN E 81 -43.60 -25.29 40.84
CA ASN E 81 -44.12 -24.46 39.75
C ASN E 81 -43.45 -24.89 38.45
N ASP E 82 -43.84 -26.08 37.99
CA ASP E 82 -43.16 -26.72 36.86
C ASP E 82 -43.06 -25.81 35.66
N GLU E 83 -44.02 -24.90 35.48
CA GLU E 83 -43.95 -23.95 34.38
C GLU E 83 -42.66 -23.14 34.44
N HIS E 84 -42.47 -22.39 35.52
CA HIS E 84 -41.24 -21.62 35.68
C HIS E 84 -40.02 -22.51 35.60
N VAL E 85 -40.11 -23.73 36.15
CA VAL E 85 -38.95 -24.63 36.16
C VAL E 85 -38.49 -24.93 34.74
N SER E 86 -39.44 -25.22 33.85
CA SER E 86 -39.08 -25.50 32.46
C SER E 86 -38.42 -24.28 31.81
N LEU E 87 -38.96 -23.09 32.06
CA LEU E 87 -38.43 -21.90 31.40
C LEU E 87 -37.02 -21.58 31.87
N VAL E 88 -36.72 -21.84 33.15
CA VAL E 88 -35.42 -21.44 33.70
C VAL E 88 -34.31 -22.33 33.18
N LYS E 89 -34.58 -23.63 33.05
CA LYS E 89 -33.53 -24.55 32.60
C LYS E 89 -33.14 -24.29 31.15
N ASP E 90 -34.13 -24.14 30.26
CA ASP E 90 -33.83 -23.74 28.90
C ASP E 90 -32.90 -22.54 28.87
N TYR E 91 -33.16 -21.56 29.75
CA TYR E 91 -32.28 -20.41 29.85
C TYR E 91 -30.92 -20.80 30.44
N ARG E 92 -30.91 -21.69 31.43
CA ARG E 92 -29.65 -22.13 32.01
C ARG E 92 -28.81 -22.88 30.97
N SER E 93 -29.45 -23.74 30.17
CA SER E 93 -28.71 -24.50 29.17
C SER E 93 -27.95 -23.58 28.24
N LYS E 94 -28.56 -22.47 27.83
CA LYS E 94 -27.85 -21.51 27.00
C LYS E 94 -26.59 -21.00 27.71
N VAL E 95 -26.69 -20.76 29.02
CA VAL E 95 -25.52 -20.35 29.78
C VAL E 95 -24.50 -21.47 29.82
N GLU E 96 -24.97 -22.71 30.00
CA GLU E 96 -24.04 -23.85 30.11
C GLU E 96 -23.29 -24.07 28.80
N SER E 97 -23.97 -23.94 27.66
CA SER E 97 -23.28 -24.09 26.39
C SER E 97 -22.18 -23.06 26.23
N GLU E 98 -22.41 -21.83 26.72
CA GLU E 98 -21.38 -20.81 26.67
C GLU E 98 -20.24 -21.13 27.63
N LEU E 99 -20.56 -21.55 28.85
CA LEU E 99 -19.53 -22.05 29.76
C LEU E 99 -18.68 -23.12 29.09
N SER E 100 -19.35 -24.12 28.49
CA SER E 100 -18.61 -25.18 27.81
C SER E 100 -17.73 -24.63 26.70
N SER E 101 -18.28 -23.75 25.87
CA SER E 101 -17.51 -23.20 24.77
C SER E 101 -16.25 -22.51 25.26
N VAL E 102 -16.37 -21.68 26.31
CA VAL E 102 -15.23 -20.94 26.80
C VAL E 102 -14.21 -21.88 27.43
N CYS E 103 -14.67 -22.82 28.26
CA CYS E 103 -13.76 -23.78 28.88
C CYS E 103 -13.06 -24.63 27.83
N SER E 104 -13.77 -25.03 26.78
CA SER E 104 -13.15 -25.82 25.73
C SER E 104 -12.04 -25.02 25.04
N GLY E 105 -12.27 -23.73 24.81
CA GLY E 105 -11.26 -22.92 24.15
C GLY E 105 -9.94 -22.92 24.90
N ILE E 106 -9.98 -22.58 26.18
CA ILE E 106 -8.75 -22.47 26.95
C ILE E 106 -8.16 -23.85 27.24
N LEU E 107 -9.02 -24.86 27.43
CA LEU E 107 -8.50 -26.21 27.68
C LEU E 107 -7.80 -26.76 26.43
N LYS E 108 -8.30 -26.43 25.24
CA LYS E 108 -7.63 -26.85 24.03
C LYS E 108 -6.29 -26.14 23.85
N LEU E 109 -6.23 -24.86 24.21
CA LEU E 109 -4.99 -24.11 24.07
CA LEU E 109 -4.99 -24.11 24.07
C LEU E 109 -3.93 -24.61 25.05
N LEU E 110 -4.35 -25.00 26.25
CA LEU E 110 -3.38 -25.52 27.23
C LEU E 110 -2.76 -26.82 26.75
N ASP E 111 -3.55 -27.69 26.12
CA ASP E 111 -3.05 -28.99 25.71
C ASP E 111 -2.18 -28.90 24.47
N SER E 112 -2.60 -28.11 23.48
CA SER E 112 -1.90 -28.08 22.19
C SER E 112 -0.78 -27.05 22.13
N HIS E 113 -0.80 -26.03 22.99
CA HIS E 113 0.17 -24.95 22.85
C HIS E 113 0.91 -24.64 24.15
N LEU E 114 0.19 -24.26 25.19
CA LEU E 114 0.83 -23.66 26.35
C LEU E 114 1.67 -24.67 27.13
N ILE E 115 1.07 -25.81 27.50
CA ILE E 115 1.82 -26.80 28.27
C ILE E 115 3.02 -27.32 27.49
N PRO E 116 2.90 -27.66 26.20
CA PRO E 116 4.12 -27.97 25.43
C PRO E 116 5.15 -26.86 25.44
N SER E 117 4.71 -25.60 25.48
CA SER E 117 5.64 -24.48 25.47
C SER E 117 6.35 -24.30 26.80
N ALA E 118 5.73 -24.74 27.89
CA ALA E 118 6.29 -24.51 29.22
C ALA E 118 7.66 -25.18 29.34
N GLY E 119 8.71 -24.37 29.46
CA GLY E 119 10.06 -24.89 29.59
C GLY E 119 10.64 -24.66 30.97
N ALA E 120 9.78 -24.50 31.97
CA ALA E 120 10.22 -24.28 33.33
C ALA E 120 9.17 -24.83 34.29
N SER E 121 9.62 -25.22 35.48
CA SER E 121 8.69 -25.79 36.46
C SER E 121 7.62 -24.77 36.84
N GLU E 122 7.99 -23.50 36.95
CA GLU E 122 7.04 -22.48 37.36
C GLU E 122 5.95 -22.29 36.31
N SER E 123 6.31 -22.38 35.03
CA SER E 123 5.31 -22.23 33.98
C SER E 123 4.48 -23.49 33.79
N LYS E 124 5.07 -24.67 34.04
CA LYS E 124 4.30 -25.91 33.97
C LYS E 124 3.17 -25.91 34.99
N VAL E 125 3.49 -25.63 36.25
CA VAL E 125 2.47 -25.59 37.29
C VAL E 125 1.39 -24.59 36.94
N PHE E 126 1.78 -23.46 36.35
CA PHE E 126 0.83 -22.39 36.05
C PHE E 126 -0.20 -22.85 35.02
N TYR E 127 0.27 -23.53 33.96
CA TYR E 127 -0.63 -23.99 32.92
C TYR E 127 -1.38 -25.25 33.34
N LEU E 128 -0.74 -26.11 34.15
CA LEU E 128 -1.43 -27.29 34.65
C LEU E 128 -2.48 -26.92 35.69
N LYS E 129 -2.12 -26.02 36.61
CA LYS E 129 -3.09 -25.49 37.56
C LYS E 129 -4.24 -24.82 36.83
N MET E 130 -3.94 -24.08 35.77
CA MET E 130 -5.01 -23.45 34.99
C MET E 130 -5.89 -24.49 34.32
N LYS E 131 -5.28 -25.58 33.84
CA LYS E 131 -6.06 -26.67 33.25
C LYS E 131 -7.01 -27.27 34.28
N GLY E 132 -6.51 -27.53 35.49
CA GLY E 132 -7.37 -28.03 36.54
C GLY E 132 -8.51 -27.08 36.86
N ASP E 133 -8.26 -25.77 36.78
CA ASP E 133 -9.29 -24.79 37.12
C ASP E 133 -10.49 -24.91 36.18
N TYR E 134 -10.24 -24.90 34.86
CA TYR E 134 -11.33 -24.89 33.90
C TYR E 134 -11.99 -26.25 33.73
N HIS E 135 -11.30 -27.34 34.10
CA HIS E 135 -12.00 -28.61 34.25
C HIS E 135 -12.92 -28.58 35.46
N ARG E 136 -12.44 -27.99 36.57
CA ARG E 136 -13.28 -27.81 37.74
C ARG E 136 -14.52 -27.01 37.41
N TYR E 137 -14.37 -25.96 36.60
CA TYR E 137 -15.53 -25.16 36.21
C TYR E 137 -16.52 -26.00 35.42
N MET E 138 -16.03 -26.88 34.55
CA MET E 138 -16.93 -27.81 33.87
C MET E 138 -17.69 -28.66 34.88
N ALA E 139 -17.00 -29.19 35.89
CA ALA E 139 -17.65 -30.03 36.88
C ALA E 139 -18.66 -29.28 37.72
N GLU E 140 -18.63 -27.94 37.71
CA GLU E 140 -19.55 -27.19 38.55
C GLU E 140 -20.98 -27.27 38.03
N PHE E 141 -21.16 -27.24 36.70
CA PHE E 141 -22.49 -27.28 36.12
C PHE E 141 -22.81 -28.59 35.39
N LYS E 142 -21.79 -29.35 35.00
CA LYS E 142 -22.06 -30.68 34.47
C LYS E 142 -22.64 -31.56 35.57
N SER E 143 -23.14 -32.73 35.17
CA SER E 143 -23.76 -33.64 36.12
C SER E 143 -23.60 -35.07 35.63
N GLY E 144 -23.69 -36.01 36.56
CA GLY E 144 -23.64 -37.41 36.20
C GLY E 144 -22.34 -37.78 35.52
N ASP E 145 -22.45 -38.53 34.42
CA ASP E 145 -21.27 -39.06 33.73
C ASP E 145 -20.31 -37.94 33.36
N GLU E 146 -20.79 -36.93 32.63
CA GLU E 146 -19.90 -35.84 32.23
C GLU E 146 -19.25 -35.17 33.43
N ARG E 147 -19.95 -35.10 34.56
CA ARG E 147 -19.37 -34.51 35.76
C ARG E 147 -18.22 -35.37 36.27
N LYS E 148 -18.42 -36.69 36.34
CA LYS E 148 -17.37 -37.57 36.81
C LYS E 148 -16.12 -37.45 35.96
N THR E 149 -16.28 -37.36 34.63
CA THR E 149 -15.15 -37.15 33.75
C THR E 149 -14.46 -35.82 34.06
N ALA E 150 -15.25 -34.75 34.23
CA ALA E 150 -14.67 -33.46 34.53
C ALA E 150 -13.88 -33.49 35.83
N ALA E 151 -14.42 -34.16 36.85
CA ALA E 151 -13.71 -34.25 38.13
C ALA E 151 -12.41 -35.04 37.99
N GLU E 152 -12.45 -36.15 37.25
CA GLU E 152 -11.25 -36.95 37.04
C GLU E 152 -10.18 -36.14 36.31
N ASP E 153 -10.56 -35.44 35.25
CA ASP E 153 -9.62 -34.56 34.57
C ASP E 153 -9.07 -33.50 35.52
N THR E 154 -9.94 -32.92 36.35
CA THR E 154 -9.49 -31.96 37.35
C THR E 154 -8.48 -32.58 38.29
N MET E 155 -8.84 -33.71 38.91
CA MET E 155 -7.94 -34.40 39.83
C MET E 155 -6.55 -34.59 39.22
N LEU E 156 -6.50 -35.05 37.97
CA LEU E 156 -5.22 -35.39 37.36
C LEU E 156 -4.40 -34.14 37.07
N ALA E 157 -5.04 -33.09 36.55
CA ALA E 157 -4.30 -31.87 36.24
C ALA E 157 -3.72 -31.24 37.49
N TYR E 158 -4.46 -31.28 38.60
CA TYR E 158 -3.99 -30.66 39.84
C TYR E 158 -2.87 -31.48 40.47
N LYS E 159 -3.06 -32.79 40.59
CA LYS E 159 -2.02 -33.63 41.16
C LYS E 159 -0.72 -33.53 40.37
N ALA E 160 -0.81 -33.34 39.05
CA ALA E 160 0.39 -33.14 38.24
C ALA E 160 1.08 -31.84 38.62
N ALA E 161 0.33 -30.73 38.66
CA ALA E 161 0.90 -29.46 39.08
C ALA E 161 1.35 -29.50 40.53
N GLN E 162 0.64 -30.25 41.38
CA GLN E 162 1.01 -30.34 42.78
C GLN E 162 2.36 -31.02 42.96
N ASP E 163 2.56 -32.16 42.30
CA ASP E 163 3.82 -32.89 42.44
C ASP E 163 4.99 -32.03 41.94
N ILE E 164 4.81 -31.34 40.82
CA ILE E 164 5.87 -30.48 40.30
C ILE E 164 6.16 -29.35 41.28
N ALA E 165 5.10 -28.67 41.74
CA ALA E 165 5.29 -27.50 42.59
C ALA E 165 5.99 -27.86 43.89
N ALA E 166 5.69 -29.04 44.45
CA ALA E 166 6.32 -29.45 45.70
C ALA E 166 7.80 -29.76 45.53
N ALA E 167 8.24 -30.05 44.30
CA ALA E 167 9.63 -30.45 44.08
C ALA E 167 10.53 -29.31 43.67
N ASP E 168 10.01 -28.28 43.02
CA ASP E 168 10.82 -27.22 42.46
C ASP E 168 10.45 -25.82 42.91
N MET E 169 9.26 -25.60 43.46
CA MET E 169 8.82 -24.28 43.86
C MET E 169 8.90 -24.11 45.38
N ALA E 170 8.88 -22.85 45.81
CA ALA E 170 8.90 -22.56 47.23
C ALA E 170 7.47 -22.56 47.78
N PRO E 171 7.26 -23.05 49.00
CA PRO E 171 5.90 -23.09 49.55
C PRO E 171 5.23 -21.73 49.68
N THR E 172 5.98 -20.64 49.49
CA THR E 172 5.45 -19.30 49.59
C THR E 172 5.15 -18.69 48.22
N HIS E 173 5.43 -19.40 47.14
CA HIS E 173 5.21 -18.84 45.81
C HIS E 173 3.71 -18.73 45.53
N PRO E 174 3.22 -17.60 45.01
CA PRO E 174 1.77 -17.46 44.81
C PRO E 174 1.16 -18.51 43.89
N ILE E 175 1.90 -18.96 42.88
CA ILE E 175 1.36 -19.97 41.98
C ILE E 175 1.15 -21.28 42.71
N ARG E 176 2.12 -21.69 43.53
CA ARG E 176 1.97 -22.91 44.31
C ARG E 176 0.87 -22.76 45.35
N LEU E 177 0.82 -21.62 46.03
CA LEU E 177 -0.24 -21.38 47.00
C LEU E 177 -1.60 -21.39 46.33
N GLY E 178 -1.74 -20.68 45.21
CA GLY E 178 -3.01 -20.68 44.50
C GLY E 178 -3.43 -22.07 44.06
N LEU E 179 -2.45 -22.90 43.69
CA LEU E 179 -2.76 -24.27 43.32
C LEU E 179 -3.41 -25.02 44.48
N ALA E 180 -2.76 -25.01 45.64
CA ALA E 180 -3.31 -25.69 46.81
C ALA E 180 -4.70 -25.17 47.14
N LEU E 181 -4.90 -23.85 47.06
CA LEU E 181 -6.20 -23.27 47.37
C LEU E 181 -7.28 -23.83 46.46
N ASN E 182 -7.07 -23.71 45.14
CA ASN E 182 -8.07 -24.19 44.20
C ASN E 182 -8.23 -25.71 44.29
N PHE E 183 -7.14 -26.42 44.54
CA PHE E 183 -7.24 -27.87 44.68
C PHE E 183 -8.03 -28.24 45.92
N SER E 184 -7.93 -27.44 46.98
CA SER E 184 -8.73 -27.69 48.17
C SER E 184 -10.19 -27.37 47.90
N VAL E 185 -10.46 -26.29 47.16
CA VAL E 185 -11.83 -25.99 46.75
C VAL E 185 -12.41 -27.15 45.96
N PHE E 186 -11.58 -27.80 45.15
CA PHE E 186 -12.04 -28.94 44.35
C PHE E 186 -12.57 -30.05 45.25
N TYR E 187 -11.81 -30.42 46.28
CA TYR E 187 -12.27 -31.47 47.18
C TYR E 187 -13.53 -31.06 47.93
N TYR E 188 -13.63 -29.79 48.30
CA TYR E 188 -14.78 -29.34 49.08
C TYR E 188 -16.04 -29.22 48.20
N GLU E 189 -15.93 -28.50 47.09
CA GLU E 189 -17.12 -28.16 46.31
C GLU E 189 -17.53 -29.26 45.35
N ILE E 190 -16.57 -30.01 44.80
CA ILE E 190 -16.84 -30.99 43.76
C ILE E 190 -16.99 -32.39 44.34
N LEU E 191 -16.12 -32.77 45.28
CA LEU E 191 -16.14 -34.12 45.85
C LEU E 191 -16.73 -34.17 47.25
N ASN E 192 -17.02 -33.03 47.88
CA ASN E 192 -17.65 -32.99 49.19
C ASN E 192 -16.81 -33.73 50.23
N SER E 193 -15.51 -33.46 50.22
CA SER E 193 -14.57 -34.02 51.18
C SER E 193 -14.03 -32.87 52.03
N SER E 194 -14.80 -32.48 53.05
CA SER E 194 -14.40 -31.38 53.91
C SER E 194 -13.08 -31.69 54.62
N ASP E 195 -12.88 -32.96 55.02
CA ASP E 195 -11.67 -33.32 55.75
C ASP E 195 -10.43 -33.16 54.88
N LYS E 196 -10.45 -33.71 53.67
CA LYS E 196 -9.29 -33.61 52.79
C LYS E 196 -9.07 -32.19 52.31
N ALA E 197 -10.14 -31.43 52.10
CA ALA E 197 -9.99 -30.03 51.71
C ALA E 197 -9.31 -29.22 52.81
N CYS E 198 -9.70 -29.47 54.06
CA CYS E 198 -9.08 -28.75 55.17
C CYS E 198 -7.63 -29.20 55.38
N ASN E 199 -7.40 -30.51 55.35
CA ASN E 199 -6.06 -31.03 55.60
C ASN E 199 -5.05 -30.51 54.58
N MET E 200 -5.49 -30.28 53.34
CA MET E 200 -4.57 -29.82 52.31
C MET E 200 -4.32 -28.32 52.41
N ALA E 201 -5.39 -27.54 52.58
CA ALA E 201 -5.22 -26.11 52.79
C ALA E 201 -4.31 -25.84 53.98
N LYS E 202 -4.51 -26.58 55.08
CA LYS E 202 -3.68 -26.40 56.26
C LYS E 202 -2.21 -26.64 55.94
N GLN E 203 -1.93 -27.64 55.12
CA GLN E 203 -0.54 -28.03 54.86
C GLN E 203 0.19 -26.98 54.02
N ALA E 204 -0.43 -26.55 52.92
CA ALA E 204 0.20 -25.53 52.08
C ALA E 204 0.39 -24.23 52.84
N PHE E 205 -0.56 -23.90 53.71
CA PHE E 205 -0.46 -22.69 54.51
C PHE E 205 0.55 -22.84 55.64
N GLU E 206 0.65 -24.04 56.23
CA GLU E 206 1.65 -24.27 57.25
C GLU E 206 3.04 -24.34 56.65
N GLU E 207 3.16 -24.88 55.43
CA GLU E 207 4.46 -24.92 54.76
C GLU E 207 4.92 -23.52 54.39
N ALA E 208 4.01 -22.69 53.88
CA ALA E 208 4.36 -21.31 53.55
C ALA E 208 4.94 -20.59 54.76
N ILE E 209 4.28 -20.69 55.91
CA ILE E 209 4.80 -20.07 57.12
C ILE E 209 6.23 -20.52 57.35
N ALA E 210 6.43 -21.82 57.59
CA ALA E 210 7.73 -22.38 57.92
C ALA E 210 8.88 -21.82 57.09
N GLU E 211 8.58 -21.38 55.86
CA GLU E 211 9.59 -20.81 54.97
C GLU E 211 9.21 -19.40 54.55
N LEU E 212 8.47 -18.68 55.39
CA LEU E 212 8.02 -17.33 55.07
C LEU E 212 9.18 -16.35 54.92
N ASP E 213 10.38 -16.71 55.38
CA ASP E 213 11.55 -15.86 55.17
C ASP E 213 11.93 -15.76 53.71
N THR E 214 11.49 -16.71 52.88
CA THR E 214 11.87 -16.75 51.47
C THR E 214 11.03 -15.79 50.61
N LEU E 215 9.89 -15.34 51.11
CA LEU E 215 9.01 -14.52 50.30
C LEU E 215 9.70 -13.23 49.88
N GLY E 216 9.56 -12.87 48.61
CA GLY E 216 10.21 -11.70 48.05
C GLY E 216 9.26 -10.54 47.85
N GLU E 217 9.85 -9.34 47.77
CA GLU E 217 9.04 -8.12 47.68
C GLU E 217 8.13 -8.11 46.46
N GLU E 218 8.54 -8.78 45.38
CA GLU E 218 7.78 -8.69 44.14
C GLU E 218 6.44 -9.41 44.23
N SER E 219 6.35 -10.50 44.99
CA SER E 219 5.17 -11.34 45.01
C SER E 219 4.60 -11.56 46.41
N TYR E 220 5.07 -10.80 47.41
CA TYR E 220 4.60 -11.05 48.77
C TYR E 220 3.13 -10.67 48.92
N LYS E 221 2.67 -9.63 48.22
CA LYS E 221 1.27 -9.24 48.34
C LYS E 221 0.35 -10.31 47.75
N ASP E 222 0.75 -10.90 46.62
CA ASP E 222 -0.06 -11.97 46.04
C ASP E 222 -0.05 -13.21 46.93
N SER E 223 1.11 -13.58 47.47
CA SER E 223 1.19 -14.75 48.34
C SER E 223 0.37 -14.54 49.61
N THR E 224 0.62 -13.44 50.31
CA THR E 224 -0.07 -13.20 51.58
C THR E 224 -1.57 -13.22 51.41
N LEU E 225 -2.08 -12.66 50.31
CA LEU E 225 -3.51 -12.71 50.05
C LEU E 225 -4.00 -14.16 49.99
N ILE E 226 -3.38 -14.97 49.14
CA ILE E 226 -3.78 -16.37 49.02
C ILE E 226 -3.75 -17.05 50.38
N MET E 227 -2.66 -16.83 51.13
CA MET E 227 -2.58 -17.39 52.48
C MET E 227 -3.79 -17.03 53.31
N GLN E 228 -4.34 -15.83 53.08
CA GLN E 228 -5.54 -15.41 53.81
C GLN E 228 -6.79 -16.06 53.24
N LEU E 229 -6.84 -16.27 51.93
CA LEU E 229 -7.95 -17.03 51.34
C LEU E 229 -7.94 -18.46 51.87
N LEU E 230 -6.76 -19.05 52.02
CA LEU E 230 -6.67 -20.39 52.58
C LEU E 230 -7.27 -20.44 53.97
N ARG E 231 -6.83 -19.52 54.85
CA ARG E 231 -7.30 -19.54 56.23
C ARG E 231 -8.75 -19.10 56.34
N ASP E 232 -9.22 -18.25 55.41
CA ASP E 232 -10.64 -17.90 55.39
C ASP E 232 -11.49 -19.13 55.12
N ASN E 233 -11.20 -19.85 54.02
CA ASN E 233 -11.90 -21.09 53.75
C ASN E 233 -11.69 -22.10 54.88
N LEU E 234 -10.45 -22.22 55.36
CA LEU E 234 -10.15 -23.16 56.43
C LEU E 234 -10.98 -22.85 57.67
N THR E 235 -11.23 -21.56 57.94
CA THR E 235 -12.07 -21.20 59.08
C THR E 235 -13.53 -21.51 58.80
N LEU E 236 -14.05 -21.05 57.67
CA LEU E 236 -15.44 -21.35 57.33
C LEU E 236 -15.68 -22.85 57.25
N TRP E 237 -14.79 -23.57 56.55
CA TRP E 237 -14.91 -25.02 56.48
C TRP E 237 -14.91 -25.64 57.87
N THR E 238 -13.89 -25.33 58.67
CA THR E 238 -13.80 -25.91 60.01
C THR E 238 -15.06 -25.64 60.82
N SER E 239 -15.65 -24.45 60.67
CA SER E 239 -16.83 -24.11 61.45
C SER E 239 -18.05 -24.93 60.99
N ASP E 240 -18.33 -24.94 59.69
CA ASP E 240 -19.46 -25.70 59.20
C ASP E 240 -19.28 -27.20 59.40
N MET E 241 -18.06 -27.65 59.70
CA MET E 241 -17.88 -29.03 60.13
C MET E 241 -18.18 -29.20 61.62
N GLN E 242 -17.90 -28.18 62.43
CA GLN E 242 -18.39 -28.18 63.81
C GLN E 242 -19.89 -27.96 63.86
N GLU E 243 -20.44 -27.22 62.89
CA GLU E 243 -21.89 -27.11 62.76
C GLU E 243 -22.55 -28.47 62.54
N GLN E 244 -21.77 -29.47 62.13
CA GLN E 244 -22.25 -30.84 62.02
C GLN E 244 -23.48 -30.92 61.11
N ILE E 250 -20.43 -19.24 48.78
CA ILE E 250 -19.49 -20.12 48.09
C ILE E 250 -18.13 -20.03 48.77
N SER E 251 -17.17 -20.79 48.26
CA SER E 251 -15.79 -20.71 48.74
C SER E 251 -15.00 -19.72 47.90
N ASN E 252 -13.72 -19.56 48.23
CA ASN E 252 -12.87 -18.58 47.56
C ASN E 252 -11.70 -19.25 46.85
N SEP E 253 -11.73 -19.24 45.52
CA SEP E 253 -10.56 -19.74 44.73
CB SEP E 253 -10.98 -20.07 43.29
OG SEP E 253 -11.24 -18.90 42.54
C SEP E 253 -9.46 -18.70 44.76
O SEP E 253 -9.52 -17.73 45.52
P SEP E 253 -12.45 -19.24 41.53
O1P SEP E 253 -12.07 -20.44 40.54
O2P SEP E 253 -12.83 -17.92 40.68
O3P SEP E 253 -13.71 -19.75 42.42
H SEP E 253 -11.86 -18.38 45.34
HA SEP E 253 -10.23 -20.58 45.11
HB2 SEP E 253 -11.77 -20.62 43.32
HB3 SEP E 253 -10.25 -20.55 42.87
N ALA E 254 -8.43 -18.89 43.94
CA ALA E 254 -7.28 -18.00 43.93
C ALA E 254 -7.52 -16.79 43.03
N PRO E 255 -6.82 -15.67 43.29
CA PRO E 255 -6.96 -14.47 42.45
C PRO E 255 -6.81 -14.81 40.97
N THR F 4 -42.25 -18.88 20.14
CA THR F 4 -42.94 -17.66 20.64
C THR F 4 -43.58 -17.92 22.00
N LEU F 5 -43.42 -16.96 22.91
CA LEU F 5 -43.98 -17.04 24.25
C LEU F 5 -45.06 -15.98 24.43
N GLY F 6 -45.77 -16.08 25.55
CA GLY F 6 -46.81 -15.13 25.87
C GLY F 6 -46.29 -13.87 26.53
N ARG F 7 -47.18 -12.88 26.66
CA ARG F 7 -46.81 -11.62 27.30
C ARG F 7 -46.37 -11.85 28.74
N ASP F 8 -47.10 -12.67 29.49
CA ASP F 8 -46.72 -12.95 30.87
C ASP F 8 -45.37 -13.63 30.95
N GLN F 9 -45.07 -14.52 30.00
CA GLN F 9 -43.83 -15.28 30.06
C GLN F 9 -42.62 -14.40 29.74
N TYR F 10 -42.76 -13.51 28.76
CA TYR F 10 -41.65 -12.61 28.44
C TYR F 10 -41.24 -11.78 29.65
N VAL F 11 -42.22 -11.37 30.46
CA VAL F 11 -41.90 -10.61 31.67
C VAL F 11 -41.05 -11.45 32.61
N TYR F 12 -41.43 -12.73 32.79
CA TYR F 12 -40.64 -13.60 33.66
C TYR F 12 -39.22 -13.77 33.12
N MET F 13 -39.05 -13.70 31.81
CA MET F 13 -37.72 -13.88 31.22
C MET F 13 -36.88 -12.62 31.32
N ALA F 14 -37.47 -11.45 31.02
CA ALA F 14 -36.73 -10.21 31.16
C ALA F 14 -36.25 -10.02 32.59
N LYS F 15 -37.08 -10.39 33.57
CA LYS F 15 -36.64 -10.37 34.96
C LYS F 15 -35.53 -11.40 35.18
N LEU F 16 -35.68 -12.60 34.62
CA LEU F 16 -34.64 -13.62 34.74
C LEU F 16 -33.33 -13.13 34.14
N ALA F 17 -33.39 -12.57 32.93
CA ALA F 17 -32.19 -12.02 32.32
C ALA F 17 -31.62 -10.90 33.17
N GLU F 18 -32.47 -10.07 33.75
CA GLU F 18 -31.99 -8.99 34.60
C GLU F 18 -31.28 -9.51 35.83
N GLN F 19 -31.84 -10.55 36.47
CA GLN F 19 -31.18 -11.14 37.62
C GLN F 19 -29.78 -11.65 37.25
N ALA F 20 -29.66 -12.31 36.10
CA ALA F 20 -28.38 -12.79 35.64
C ALA F 20 -27.50 -11.69 35.05
N GLU F 21 -28.03 -10.47 34.94
CA GLU F 21 -27.30 -9.34 34.38
C GLU F 21 -26.87 -9.58 32.94
N ARG F 22 -27.69 -10.34 32.20
CA ARG F 22 -27.51 -10.54 30.76
C ARG F 22 -28.50 -9.62 30.06
N TYR F 23 -28.10 -8.35 29.93
CA TYR F 23 -29.04 -7.33 29.49
C TYR F 23 -29.30 -7.37 27.99
N GLU F 24 -28.36 -7.88 27.19
CA GLU F 24 -28.62 -8.04 25.76
C GLU F 24 -29.82 -8.96 25.54
N GLU F 25 -29.93 -10.02 26.35
CA GLU F 25 -31.07 -10.92 26.26
C GLU F 25 -32.33 -10.29 26.86
N MET F 26 -32.18 -9.57 27.97
CA MET F 26 -33.32 -8.85 28.54
C MET F 26 -33.95 -7.92 27.49
N VAL F 27 -33.11 -7.28 26.67
CA VAL F 27 -33.63 -6.46 25.59
C VAL F 27 -34.47 -7.30 24.63
N GLN F 28 -33.94 -8.45 24.21
CA GLN F 28 -34.65 -9.29 23.26
C GLN F 28 -35.99 -9.74 23.82
N PHE F 29 -36.01 -10.18 25.08
CA PHE F 29 -37.27 -10.61 25.69
C PHE F 29 -38.28 -9.46 25.71
N MET F 30 -37.82 -8.26 26.07
CA MET F 30 -38.73 -7.12 26.11
C MET F 30 -39.07 -6.61 24.71
N GLU F 31 -38.10 -6.66 23.78
CA GLU F 31 -38.39 -6.23 22.42
C GLU F 31 -39.42 -7.12 21.77
N GLN F 32 -39.43 -8.42 22.09
CA GLN F 32 -40.44 -9.33 21.55
C GLN F 32 -41.78 -9.09 22.22
N LEU F 33 -41.79 -8.81 23.53
CA LEU F 33 -43.04 -8.52 24.22
C LEU F 33 -43.72 -7.31 23.60
N VAL F 34 -42.97 -6.26 23.31
CA VAL F 34 -43.55 -5.03 22.75
C VAL F 34 -44.18 -5.32 21.40
N THR F 35 -43.39 -5.83 20.46
CA THR F 35 -43.86 -5.99 19.09
C THR F 35 -45.07 -6.92 19.00
N GLY F 36 -45.33 -7.71 20.04
CA GLY F 36 -46.47 -8.60 20.05
C GLY F 36 -47.67 -8.06 20.80
N ALA F 37 -47.43 -7.20 21.79
CA ALA F 37 -48.49 -6.67 22.64
C ALA F 37 -48.93 -5.26 22.25
N THR F 38 -48.24 -4.63 21.30
CA THR F 38 -48.50 -3.26 20.88
C THR F 38 -48.47 -3.21 19.36
N PRO F 39 -49.01 -2.14 18.74
CA PRO F 39 -49.58 -0.92 19.32
C PRO F 39 -51.01 -1.10 19.86
N ALA F 40 -51.56 -2.31 19.78
CA ALA F 40 -52.94 -2.52 20.20
C ALA F 40 -53.16 -2.02 21.63
N GLU F 41 -52.27 -2.40 22.54
CA GLU F 41 -52.38 -2.02 23.95
C GLU F 41 -51.12 -1.29 24.38
N GLU F 42 -51.17 -0.75 25.60
CA GLU F 42 -50.02 -0.09 26.21
C GLU F 42 -49.25 -1.08 27.09
N LEU F 43 -47.99 -0.75 27.33
CA LEU F 43 -47.19 -1.49 28.29
C LEU F 43 -47.55 -1.07 29.71
N THR F 44 -47.59 -2.03 30.62
CA THR F 44 -47.81 -1.70 32.02
C THR F 44 -46.56 -1.03 32.59
N VAL F 45 -46.73 -0.44 33.77
CA VAL F 45 -45.60 0.24 34.42
C VAL F 45 -44.44 -0.72 34.61
N GLU F 46 -44.76 -1.99 34.90
CA GLU F 46 -43.71 -3.00 35.08
C GLU F 46 -42.93 -3.22 33.80
N GLU F 47 -43.65 -3.47 32.70
CA GLU F 47 -42.99 -3.68 31.41
C GLU F 47 -42.26 -2.44 30.94
N ARG F 48 -42.90 -1.26 31.08
CA ARG F 48 -42.31 -0.03 30.56
C ARG F 48 -40.95 0.24 31.21
N ASN F 49 -40.84 0.00 32.52
CA ASN F 49 -39.58 0.23 33.20
C ASN F 49 -38.56 -0.85 32.83
N LEU F 50 -38.98 -2.11 32.77
CA LEU F 50 -38.06 -3.19 32.40
C LEU F 50 -37.45 -2.92 31.03
N LEU F 51 -38.27 -2.51 30.06
CA LEU F 51 -37.74 -2.13 28.75
C LEU F 51 -36.72 -1.01 28.90
N SER F 52 -37.06 0.01 29.68
CA SER F 52 -36.14 1.12 29.89
C SER F 52 -34.85 0.67 30.56
N VAL F 53 -34.97 -0.18 31.60
CA VAL F 53 -33.79 -0.67 32.29
C VAL F 53 -32.94 -1.51 31.34
N ALA F 54 -33.58 -2.35 30.52
CA ALA F 54 -32.84 -3.22 29.62
C ALA F 54 -31.91 -2.41 28.72
N TYR F 55 -32.47 -1.52 27.90
CA TYR F 55 -31.65 -0.75 26.98
C TYR F 55 -30.68 0.17 27.72
N LYS F 56 -31.05 0.66 28.90
CA LYS F 56 -30.16 1.54 29.64
C LYS F 56 -28.84 0.85 29.95
N ASN F 57 -28.90 -0.36 30.52
CA ASN F 57 -27.68 -1.08 30.85
C ASN F 57 -26.89 -1.44 29.59
N VAL F 58 -27.60 -1.84 28.52
CA VAL F 58 -26.91 -2.22 27.29
C VAL F 58 -26.17 -1.03 26.70
N ILE F 59 -26.91 0.06 26.43
CA ILE F 59 -26.29 1.22 25.83
C ILE F 59 -25.28 1.84 26.78
N GLY F 60 -25.57 1.81 28.08
CA GLY F 60 -24.67 2.41 29.05
C GLY F 60 -23.30 1.76 29.06
N SER F 61 -23.27 0.42 28.99
CA SER F 61 -21.99 -0.27 28.94
C SER F 61 -21.19 0.15 27.71
N LEU F 62 -21.85 0.26 26.56
CA LEU F 62 -21.16 0.67 25.34
C LEU F 62 -20.74 2.13 25.39
N ARG F 63 -21.60 3.00 25.92
CA ARG F 63 -21.23 4.41 26.04
C ARG F 63 -20.00 4.57 26.93
N ALA F 64 -19.93 3.80 28.02
CA ALA F 64 -18.73 3.82 28.84
C ALA F 64 -17.52 3.31 28.06
N ALA F 65 -17.69 2.22 27.30
CA ALA F 65 -16.59 1.71 26.50
C ALA F 65 -16.15 2.73 25.46
N TRP F 66 -17.10 3.35 24.78
CA TRP F 66 -16.75 4.29 23.72
C TRP F 66 -15.96 5.47 24.28
N ARG F 67 -16.35 5.96 25.46
CA ARG F 67 -15.61 7.06 26.07
C ARG F 67 -14.20 6.64 26.45
N ILE F 68 -14.03 5.43 26.99
CA ILE F 68 -12.69 4.95 27.34
C ILE F 68 -11.83 4.83 26.09
N VAL F 69 -12.37 4.19 25.04
CA VAL F 69 -11.60 4.01 23.82
C VAL F 69 -11.31 5.36 23.16
N SER F 70 -12.34 6.20 23.05
CA SER F 70 -12.16 7.51 22.41
C SER F 70 -11.12 8.33 23.17
N SER F 71 -11.14 8.26 24.49
CA SER F 71 -10.11 8.94 25.28
C SER F 71 -8.73 8.39 24.95
N ILE F 72 -8.63 7.07 24.72
CA ILE F 72 -7.34 6.47 24.41
C ILE F 72 -6.85 6.91 23.04
N GLU F 73 -7.76 7.00 22.06
CA GLU F 73 -7.35 7.42 20.72
C GLU F 73 -6.71 8.81 20.75
N GLN F 74 -7.36 9.76 21.44
CA GLN F 74 -6.81 11.10 21.53
C GLN F 74 -5.43 11.09 22.18
N LYS F 75 -5.24 10.26 23.20
CA LYS F 75 -3.94 10.17 23.84
C LYS F 75 -2.89 9.57 22.90
N GLU F 76 -3.32 8.73 21.95
CA GLU F 76 -2.40 8.17 20.98
C GLU F 76 -2.11 9.14 19.84
N GLU F 77 -3.10 9.93 19.42
CA GLU F 77 -2.87 10.93 18.39
C GLU F 77 -1.84 11.95 18.85
N SER F 78 -1.90 12.37 20.10
CA SER F 78 -0.77 13.02 20.73
C SER F 78 0.30 11.97 21.01
N ARG F 79 1.57 12.38 20.91
CA ARG F 79 2.72 11.49 20.88
C ARG F 79 2.85 10.85 19.50
N LYS F 80 1.89 11.06 18.61
CA LYS F 80 1.93 10.58 17.22
C LYS F 80 2.35 9.11 17.11
N ASN F 81 1.51 8.23 17.66
CA ASN F 81 1.69 6.78 17.46
C ASN F 81 0.78 6.34 16.31
N ASP F 82 1.15 6.80 15.11
CA ASP F 82 0.34 6.59 13.91
C ASP F 82 -0.23 5.18 13.83
N GLU F 83 0.62 4.17 14.02
CA GLU F 83 0.14 2.79 13.97
C GLU F 83 -0.94 2.55 15.02
N HIS F 84 -0.67 2.89 16.28
CA HIS F 84 -1.63 2.62 17.34
C HIS F 84 -2.89 3.44 17.17
N VAL F 85 -2.80 4.63 16.56
CA VAL F 85 -3.99 5.41 16.28
C VAL F 85 -4.90 4.65 15.32
N SER F 86 -4.31 4.07 14.27
CA SER F 86 -5.11 3.30 13.33
C SER F 86 -5.80 2.13 14.03
N LEU F 87 -5.10 1.46 14.94
CA LEU F 87 -5.70 0.34 15.66
C LEU F 87 -6.88 0.79 16.50
N VAL F 88 -6.71 1.88 17.25
CA VAL F 88 -7.76 2.32 18.17
C VAL F 88 -8.94 2.89 17.39
N LYS F 89 -8.68 3.62 16.31
CA LYS F 89 -9.77 4.20 15.53
C LYS F 89 -10.66 3.10 14.97
N ASP F 90 -10.05 2.04 14.41
CA ASP F 90 -10.83 0.89 13.96
C ASP F 90 -11.60 0.28 15.13
N TYR F 91 -10.97 0.19 16.30
CA TYR F 91 -11.64 -0.37 17.47
C TYR F 91 -12.81 0.51 17.89
N ARG F 92 -12.64 1.83 17.86
CA ARG F 92 -13.72 2.73 18.21
C ARG F 92 -14.90 2.58 17.25
N SER F 93 -14.62 2.52 15.95
CA SER F 93 -15.69 2.41 14.97
C SER F 93 -16.47 1.10 15.11
N LYS F 94 -15.88 0.08 15.74
CA LYS F 94 -16.63 -1.14 16.01
C LYS F 94 -17.65 -0.92 17.12
N VAL F 95 -17.25 -0.22 18.19
CA VAL F 95 -18.20 0.12 19.24
C VAL F 95 -19.26 1.07 18.71
N GLU F 96 -18.86 2.01 17.85
CA GLU F 96 -19.82 2.95 17.30
C GLU F 96 -20.89 2.23 16.48
N SER F 97 -20.48 1.25 15.68
CA SER F 97 -21.47 0.48 14.93
C SER F 97 -22.38 -0.31 15.86
N GLU F 98 -21.84 -0.77 17.01
CA GLU F 98 -22.69 -1.44 17.99
C GLU F 98 -23.63 -0.45 18.67
N LEU F 99 -23.12 0.74 19.03
CA LEU F 99 -23.99 1.77 19.57
C LEU F 99 -25.13 2.10 18.59
N SER F 100 -24.78 2.27 17.32
CA SER F 100 -25.80 2.60 16.32
C SER F 100 -26.86 1.50 16.22
N SER F 101 -26.49 0.26 16.49
CA SER F 101 -27.44 -0.83 16.39
C SER F 101 -28.45 -0.81 17.54
N VAL F 102 -27.98 -0.53 18.76
CA VAL F 102 -28.88 -0.47 19.90
C VAL F 102 -29.86 0.68 19.75
N CYS F 103 -29.34 1.88 19.44
CA CYS F 103 -30.20 3.05 19.32
C CYS F 103 -31.24 2.86 18.23
N SER F 104 -30.84 2.34 17.08
CA SER F 104 -31.79 2.06 16.01
C SER F 104 -32.82 1.02 16.43
N GLY F 105 -32.44 0.15 17.37
CA GLY F 105 -33.37 -0.88 17.81
C GLY F 105 -34.57 -0.33 18.54
N ILE F 106 -34.34 0.62 19.45
CA ILE F 106 -35.44 1.18 20.24
C ILE F 106 -36.08 2.37 19.53
N LEU F 107 -35.28 3.20 18.86
CA LEU F 107 -35.85 4.33 18.14
C LEU F 107 -36.87 3.86 17.11
N LYS F 108 -36.54 2.80 16.36
CA LYS F 108 -37.52 2.22 15.44
C LYS F 108 -38.67 1.57 16.22
N LEU F 109 -38.35 0.94 17.35
CA LEU F 109 -39.40 0.33 18.17
C LEU F 109 -40.34 1.38 18.75
N LEU F 110 -39.83 2.56 19.07
CA LEU F 110 -40.69 3.60 19.63
C LEU F 110 -41.64 4.16 18.58
N ASP F 111 -41.15 4.37 17.36
CA ASP F 111 -41.99 4.97 16.33
C ASP F 111 -43.10 4.02 15.87
N SER F 112 -42.76 2.76 15.69
CA SER F 112 -43.71 1.81 15.12
C SER F 112 -44.62 1.17 16.17
N HIS F 113 -44.18 1.08 17.43
CA HIS F 113 -44.99 0.41 18.45
C HIS F 113 -45.33 1.25 19.66
N LEU F 114 -44.34 1.81 20.36
CA LEU F 114 -44.61 2.40 21.67
C LEU F 114 -45.37 3.71 21.54
N ILE F 115 -44.78 4.69 20.85
CA ILE F 115 -45.43 6.00 20.72
C ILE F 115 -46.84 5.87 20.17
N PRO F 116 -47.10 5.08 19.12
CA PRO F 116 -48.49 4.88 18.69
C PRO F 116 -49.36 4.27 19.79
N SER F 117 -48.79 3.43 20.65
CA SER F 117 -49.58 2.78 21.70
C SER F 117 -49.94 3.74 22.83
N ALA F 118 -49.12 4.77 23.06
CA ALA F 118 -49.34 5.68 24.18
C ALA F 118 -50.62 6.48 23.95
N GLY F 119 -51.63 6.22 24.79
CA GLY F 119 -52.89 6.92 24.70
C GLY F 119 -53.12 7.84 25.88
N ALA F 120 -52.05 8.21 26.57
CA ALA F 120 -52.14 9.09 27.73
C ALA F 120 -50.89 9.96 27.78
N SER F 121 -51.02 11.11 28.46
CA SER F 121 -49.92 12.07 28.50
C SER F 121 -48.67 11.44 29.14
N GLU F 122 -48.83 10.84 30.31
CA GLU F 122 -47.68 10.26 31.01
C GLU F 122 -46.97 9.23 30.15
N SER F 123 -47.73 8.46 29.35
CA SER F 123 -47.11 7.47 28.49
C SER F 123 -46.37 8.12 27.33
N LYS F 124 -46.98 9.13 26.70
CA LYS F 124 -46.36 9.77 25.55
C LYS F 124 -45.09 10.54 25.96
N VAL F 125 -45.14 11.25 27.08
CA VAL F 125 -43.96 12.00 27.52
C VAL F 125 -42.81 11.04 27.79
N PHE F 126 -43.10 9.87 28.37
CA PHE F 126 -42.04 8.92 28.67
C PHE F 126 -41.41 8.38 27.40
N TYR F 127 -42.23 8.00 26.41
CA TYR F 127 -41.68 7.46 25.17
C TYR F 127 -41.01 8.55 24.34
N LEU F 128 -41.61 9.75 24.29
CA LEU F 128 -40.97 10.85 23.59
C LEU F 128 -39.66 11.23 24.25
N LYS F 129 -39.63 11.25 25.59
CA LYS F 129 -38.37 11.46 26.30
C LYS F 129 -37.37 10.39 25.92
N MET F 130 -37.81 9.13 25.86
CA MET F 130 -36.91 8.03 25.51
C MET F 130 -36.39 8.19 24.09
N LYS F 131 -37.25 8.64 23.16
CA LYS F 131 -36.81 8.83 21.79
C LYS F 131 -35.72 9.90 21.71
N GLY F 132 -35.88 10.98 22.47
CA GLY F 132 -34.84 11.99 22.51
C GLY F 132 -33.57 11.52 23.18
N ASP F 133 -33.71 10.64 24.18
CA ASP F 133 -32.52 10.14 24.89
C ASP F 133 -31.59 9.42 23.92
N TYR F 134 -32.13 8.57 23.06
CA TYR F 134 -31.31 7.72 22.20
C TYR F 134 -30.95 8.37 20.88
N HIS F 135 -31.61 9.47 20.50
CA HIS F 135 -31.04 10.34 19.48
C HIS F 135 -29.87 11.14 20.04
N ARG F 136 -29.98 11.55 21.31
CA ARG F 136 -28.88 12.22 21.98
C ARG F 136 -27.67 11.30 22.08
N TYR F 137 -27.90 10.03 22.39
CA TYR F 137 -26.81 9.06 22.45
C TYR F 137 -26.14 8.92 21.08
N MET F 138 -26.93 8.95 20.01
CA MET F 138 -26.36 8.92 18.68
C MET F 138 -25.46 10.13 18.44
N ALA F 139 -25.92 11.33 18.84
CA ALA F 139 -25.14 12.53 18.60
C ALA F 139 -23.84 12.56 19.40
N GLU F 140 -23.72 11.72 20.43
CA GLU F 140 -22.50 11.72 21.23
C GLU F 140 -21.31 11.23 20.40
N PHE F 141 -21.45 10.09 19.72
CA PHE F 141 -20.37 9.53 18.93
C PHE F 141 -20.45 9.88 17.45
N LYS F 142 -21.61 10.31 16.97
CA LYS F 142 -21.71 10.81 15.61
C LYS F 142 -20.86 12.07 15.46
N SER F 143 -20.64 12.47 14.21
CA SER F 143 -19.77 13.60 13.93
C SER F 143 -20.18 14.25 12.63
N GLY F 144 -19.75 15.50 12.45
CA GLY F 144 -20.00 16.19 11.20
C GLY F 144 -21.49 16.31 10.92
N ASP F 145 -21.88 15.94 9.71
CA ASP F 145 -23.27 16.14 9.28
C ASP F 145 -24.21 15.20 10.01
N GLU F 146 -23.86 13.91 10.10
CA GLU F 146 -24.74 12.96 10.77
C GLU F 146 -25.03 13.39 12.21
N ARG F 147 -24.05 14.01 12.88
CA ARG F 147 -24.30 14.53 14.21
C ARG F 147 -25.37 15.61 14.19
N LYS F 148 -25.27 16.54 13.25
CA LYS F 148 -26.27 17.60 13.12
C LYS F 148 -27.66 17.00 12.90
N THR F 149 -27.75 15.97 12.06
CA THR F 149 -29.04 15.33 11.82
C THR F 149 -29.59 14.69 13.09
N ALA F 150 -28.72 14.03 13.86
CA ALA F 150 -29.18 13.37 15.08
C ALA F 150 -29.65 14.39 16.12
N ALA F 151 -28.91 15.48 16.28
CA ALA F 151 -29.27 16.48 17.29
C ALA F 151 -30.65 17.05 17.02
N GLU F 152 -31.00 17.27 15.74
CA GLU F 152 -32.29 17.83 15.40
C GLU F 152 -33.42 16.91 15.87
N ASP F 153 -33.29 15.61 15.64
CA ASP F 153 -34.30 14.67 16.12
C ASP F 153 -34.47 14.77 17.62
N THR F 154 -33.38 14.92 18.35
CA THR F 154 -33.46 15.06 19.80
C THR F 154 -34.27 16.30 20.19
N MET F 155 -34.02 17.42 19.51
CA MET F 155 -34.72 18.65 19.84
C MET F 155 -36.23 18.48 19.68
N LEU F 156 -36.66 17.91 18.55
CA LEU F 156 -38.09 17.77 18.30
C LEU F 156 -38.74 16.82 19.31
N ALA F 157 -38.05 15.73 19.66
CA ALA F 157 -38.62 14.76 20.58
C ALA F 157 -38.79 15.35 21.97
N TYR F 158 -37.79 16.09 22.47
CA TYR F 158 -37.87 16.63 23.82
C TYR F 158 -38.89 17.76 23.91
N LYS F 159 -38.86 18.69 22.95
CA LYS F 159 -39.82 19.79 22.97
C LYS F 159 -41.24 19.28 22.86
N ALA F 160 -41.45 18.23 22.05
CA ALA F 160 -42.78 17.64 21.94
C ALA F 160 -43.22 17.05 23.27
N ALA F 161 -42.32 16.35 23.97
CA ALA F 161 -42.65 15.81 25.27
C ALA F 161 -42.90 16.92 26.29
N GLN F 162 -42.08 17.97 26.27
CA GLN F 162 -42.22 19.04 27.25
C GLN F 162 -43.54 19.79 27.07
N ASP F 163 -44.02 19.93 25.84
CA ASP F 163 -45.33 20.53 25.62
C ASP F 163 -46.41 19.74 26.35
N ILE F 164 -46.40 18.42 26.19
CA ILE F 164 -47.33 17.58 26.94
C ILE F 164 -47.03 17.66 28.44
N ALA F 165 -45.74 17.65 28.79
CA ALA F 165 -45.37 17.63 30.20
C ALA F 165 -45.79 18.91 30.91
N ALA F 166 -45.41 20.07 30.38
CA ALA F 166 -45.68 21.32 31.08
C ALA F 166 -47.18 21.60 31.19
N ALA F 167 -47.97 21.09 30.25
CA ALA F 167 -49.40 21.36 30.23
C ALA F 167 -50.22 20.32 30.99
N ASP F 168 -49.71 19.10 31.15
CA ASP F 168 -50.47 18.03 31.75
C ASP F 168 -49.80 17.39 32.96
N MET F 169 -48.47 17.34 33.01
CA MET F 169 -47.77 16.70 34.10
C MET F 169 -47.46 17.69 35.21
N ALA F 170 -47.43 17.18 36.44
CA ALA F 170 -47.10 18.03 37.58
C ALA F 170 -45.62 18.36 37.58
N PRO F 171 -45.24 19.55 38.05
CA PRO F 171 -43.82 19.95 38.02
C PRO F 171 -42.94 19.12 38.95
N THR F 172 -43.51 18.26 39.79
CA THR F 172 -42.75 17.42 40.70
C THR F 172 -42.69 15.96 40.25
N HIS F 173 -43.37 15.60 39.17
CA HIS F 173 -43.35 14.22 38.72
C HIS F 173 -41.97 13.87 38.19
N PRO F 174 -41.34 12.80 38.69
CA PRO F 174 -40.00 12.45 38.19
C PRO F 174 -39.89 12.36 36.69
N ILE F 175 -40.96 11.94 35.99
CA ILE F 175 -40.90 11.87 34.54
C ILE F 175 -40.70 13.26 33.93
N ARG F 176 -41.53 14.23 34.36
CA ARG F 176 -41.39 15.58 33.84
C ARG F 176 -40.05 16.18 34.22
N LEU F 177 -39.59 15.94 35.45
CA LEU F 177 -38.29 16.45 35.86
C LEU F 177 -37.17 15.77 35.08
N GLY F 178 -37.23 14.45 34.93
CA GLY F 178 -36.22 13.76 34.16
C GLY F 178 -36.12 14.27 32.73
N LEU F 179 -37.26 14.58 32.13
CA LEU F 179 -37.26 15.18 30.79
C LEU F 179 -36.49 16.49 30.80
N ALA F 180 -36.77 17.36 31.77
CA ALA F 180 -36.08 18.64 31.83
C ALA F 180 -34.59 18.46 32.11
N LEU F 181 -34.23 17.43 32.88
CA LEU F 181 -32.82 17.16 33.16
C LEU F 181 -32.09 16.75 31.88
N ASN F 182 -32.55 15.68 31.23
CA ASN F 182 -31.89 15.21 30.02
C ASN F 182 -31.97 16.25 28.91
N PHE F 183 -33.08 17.00 28.85
CA PHE F 183 -33.20 18.05 27.84
C PHE F 183 -32.20 19.17 28.13
N SER F 184 -31.92 19.45 29.40
CA SER F 184 -30.92 20.47 29.72
C SER F 184 -29.52 19.95 29.43
N VAL F 185 -29.27 18.66 29.68
CA VAL F 185 -27.99 18.08 29.31
C VAL F 185 -27.79 18.11 27.81
N PHE F 186 -28.88 17.97 27.04
CA PHE F 186 -28.77 18.02 25.60
C PHE F 186 -28.22 19.35 25.12
N TYR F 187 -28.68 20.45 25.72
CA TYR F 187 -28.18 21.77 25.33
C TYR F 187 -26.72 21.97 25.73
N TYR F 188 -26.27 21.34 26.81
CA TYR F 188 -24.94 21.60 27.32
C TYR F 188 -23.88 20.74 26.62
N GLU F 189 -24.12 19.44 26.51
CA GLU F 189 -23.09 18.55 25.99
C GLU F 189 -23.09 18.50 24.46
N ILE F 190 -24.27 18.46 23.85
CA ILE F 190 -24.37 18.31 22.40
C ILE F 190 -24.29 19.66 21.70
N LEU F 191 -25.10 20.63 22.13
CA LEU F 191 -25.20 21.92 21.47
C LEU F 191 -24.34 23.01 22.09
N ASN F 192 -23.75 22.76 23.26
CA ASN F 192 -22.87 23.72 23.92
C ASN F 192 -23.55 25.06 24.15
N SER F 193 -24.85 25.03 24.42
CA SER F 193 -25.59 26.22 24.84
C SER F 193 -25.73 26.21 26.36
N SER F 194 -24.60 26.46 27.02
CA SER F 194 -24.56 26.38 28.48
C SER F 194 -25.61 27.29 29.11
N ASP F 195 -25.71 28.53 28.63
CA ASP F 195 -26.64 29.48 29.22
C ASP F 195 -28.08 28.95 29.14
N LYS F 196 -28.53 28.60 27.92
CA LYS F 196 -29.91 28.15 27.78
C LYS F 196 -30.14 26.85 28.55
N ALA F 197 -29.13 25.99 28.60
CA ALA F 197 -29.26 24.76 29.37
C ALA F 197 -29.54 25.06 30.84
N CYS F 198 -28.76 25.98 31.42
CA CYS F 198 -28.99 26.37 32.81
C CYS F 198 -30.39 26.95 33.00
N ASN F 199 -30.82 27.80 32.07
CA ASN F 199 -32.14 28.40 32.16
C ASN F 199 -33.22 27.33 32.27
N MET F 200 -33.17 26.32 31.40
CA MET F 200 -34.15 25.25 31.45
C MET F 200 -34.04 24.46 32.74
N ALA F 201 -32.81 24.18 33.20
CA ALA F 201 -32.63 23.40 34.41
C ALA F 201 -33.21 24.11 35.62
N LYS F 202 -32.94 25.41 35.77
CA LYS F 202 -33.45 26.14 36.92
C LYS F 202 -34.94 26.42 36.80
N GLN F 203 -35.46 26.52 35.58
CA GLN F 203 -36.90 26.72 35.41
C GLN F 203 -37.67 25.51 35.90
N ALA F 204 -37.25 24.30 35.51
CA ALA F 204 -37.96 23.09 35.92
C ALA F 204 -37.78 22.82 37.41
N PHE F 205 -36.60 23.12 37.95
CA PHE F 205 -36.36 22.87 39.37
C PHE F 205 -37.16 23.84 40.23
N GLU F 206 -37.10 25.13 39.93
CA GLU F 206 -37.80 26.12 40.75
C GLU F 206 -39.30 25.87 40.73
N GLU F 207 -39.84 25.43 39.61
CA GLU F 207 -41.26 25.09 39.55
C GLU F 207 -41.59 23.92 40.48
N ALA F 208 -40.66 23.00 40.67
CA ALA F 208 -40.91 21.85 41.54
C ALA F 208 -40.83 22.21 43.01
N ILE F 209 -39.93 23.13 43.39
CA ILE F 209 -39.78 23.49 44.79
C ILE F 209 -41.07 24.12 45.32
N ALA F 210 -41.73 24.92 44.49
CA ALA F 210 -42.93 25.63 44.93
C ALA F 210 -44.08 24.68 45.24
N GLU F 211 -44.11 23.51 44.61
CA GLU F 211 -45.20 22.57 44.74
C GLU F 211 -44.78 21.27 45.42
N LEU F 212 -43.58 21.22 46.00
CA LEU F 212 -43.12 19.98 46.63
C LEU F 212 -43.84 19.70 47.94
N ASP F 213 -44.44 20.72 48.57
CA ASP F 213 -45.17 20.49 49.81
C ASP F 213 -46.20 19.38 49.64
N THR F 214 -47.00 19.46 48.58
CA THR F 214 -48.02 18.45 48.30
C THR F 214 -47.39 17.35 47.45
N LEU F 215 -46.69 16.43 48.12
CA LEU F 215 -46.08 15.29 47.45
C LEU F 215 -45.80 14.22 48.49
N GLY F 216 -46.00 12.96 48.12
CA GLY F 216 -45.90 11.87 49.06
C GLY F 216 -44.50 11.27 49.13
N GLU F 217 -44.27 10.51 50.21
CA GLU F 217 -42.95 9.92 50.43
C GLU F 217 -42.57 8.94 49.31
N GLU F 218 -43.57 8.31 48.67
CA GLU F 218 -43.26 7.31 47.66
C GLU F 218 -42.49 7.91 46.50
N SER F 219 -42.90 9.10 46.05
CA SER F 219 -42.20 9.81 44.98
C SER F 219 -41.34 10.95 45.50
N TYR F 220 -41.38 11.24 46.80
CA TYR F 220 -40.51 12.26 47.36
C TYR F 220 -39.04 11.85 47.23
N LYS F 221 -38.73 10.59 47.54
CA LYS F 221 -37.39 10.09 47.31
C LYS F 221 -37.03 10.22 45.84
N ASP F 222 -37.92 9.78 44.95
CA ASP F 222 -37.67 9.87 43.51
C ASP F 222 -37.49 11.32 43.09
N SER F 223 -38.51 12.16 43.35
CA SER F 223 -38.47 13.53 42.88
C SER F 223 -37.27 14.28 43.44
N THR F 224 -36.97 14.08 44.73
CA THR F 224 -35.84 14.79 45.33
C THR F 224 -34.53 14.40 44.68
N LEU F 225 -34.38 13.13 44.28
CA LEU F 225 -33.15 12.71 43.62
C LEU F 225 -32.97 13.40 42.28
N ILE F 226 -33.98 13.32 41.41
CA ILE F 226 -33.87 13.98 40.11
C ILE F 226 -33.64 15.47 40.30
N MET F 227 -34.32 16.07 41.28
CA MET F 227 -34.08 17.48 41.59
C MET F 227 -32.67 17.69 42.14
N GLN F 228 -32.20 16.78 43.00
CA GLN F 228 -30.83 16.89 43.50
C GLN F 228 -29.82 16.82 42.38
N LEU F 229 -30.12 16.08 41.31
CA LEU F 229 -29.24 16.03 40.16
C LEU F 229 -29.30 17.31 39.34
N LEU F 230 -30.43 18.02 39.38
CA LEU F 230 -30.57 19.24 38.57
C LEU F 230 -29.63 20.33 39.04
N ARG F 231 -29.63 20.64 40.34
CA ARG F 231 -28.79 21.74 40.82
C ARG F 231 -27.33 21.34 40.97
N ASP F 232 -27.03 20.04 41.05
CA ASP F 232 -25.64 19.60 40.96
C ASP F 232 -25.05 19.95 39.60
N ASN F 233 -25.81 19.71 38.52
CA ASN F 233 -25.36 20.13 37.20
C ASN F 233 -25.35 21.65 37.07
N LEU F 234 -26.39 22.32 37.57
CA LEU F 234 -26.47 23.77 37.44
C LEU F 234 -25.31 24.46 38.14
N THR F 235 -24.95 23.99 39.33
CA THR F 235 -23.83 24.59 40.06
C THR F 235 -22.59 24.69 39.17
N LEU F 236 -22.42 23.72 38.26
CA LEU F 236 -21.28 23.76 37.34
C LEU F 236 -21.53 24.67 36.14
N TRP F 237 -22.51 24.31 35.31
CA TRP F 237 -22.65 24.91 33.99
C TRP F 237 -22.49 26.41 34.04
N THR F 238 -23.23 27.06 34.94
CA THR F 238 -23.22 28.51 35.04
C THR F 238 -21.80 29.04 35.27
N SER F 239 -21.06 28.38 36.17
CA SER F 239 -19.73 28.87 36.52
C SER F 239 -18.77 28.89 35.34
N ASP F 240 -19.07 28.16 34.27
CA ASP F 240 -18.21 28.14 33.09
C ASP F 240 -17.84 29.55 32.67
N MET F 241 -16.53 29.83 32.65
CA MET F 241 -16.06 31.15 32.25
C MET F 241 -16.49 31.49 30.83
N GLN F 242 -16.31 30.55 29.91
CA GLN F 242 -16.65 30.75 28.51
C GLN F 242 -18.15 31.01 28.33
N ILE F 250 -17.86 15.90 32.75
CA ILE F 250 -19.08 15.23 32.33
C ILE F 250 -20.23 15.74 33.19
N SER F 251 -21.46 15.57 32.71
CA SER F 251 -22.65 15.94 33.46
C SER F 251 -23.35 14.68 33.98
N ASN F 252 -24.56 14.86 34.49
CA ASN F 252 -25.35 13.74 34.99
C ASN F 252 -26.70 13.73 34.28
N SEP F 253 -27.36 12.58 34.28
CA SEP F 253 -28.64 12.42 33.53
CB SEP F 253 -28.39 11.78 32.16
OG SEP F 253 -27.87 10.47 32.28
C SEP F 253 -29.64 11.59 34.33
O SEP F 253 -29.28 10.94 35.31
P SEP F 253 -27.80 9.73 30.85
O1P SEP F 253 -27.14 8.28 31.10
O2P SEP F 253 -29.27 9.61 30.23
O3P SEP F 253 -26.90 10.58 29.82
H SEP F 253 -27.50 12.38 35.13
HA SEP F 253 -29.03 13.30 33.39
HB2 SEP F 253 -27.75 12.33 31.68
HB3 SEP F 253 -29.23 11.74 31.68
N ALA F 254 -30.90 11.62 33.88
CA ALA F 254 -32.00 10.91 34.54
C ALA F 254 -31.61 9.47 34.83
N PRO F 255 -32.08 8.93 35.97
CA PRO F 255 -31.78 7.53 36.32
C PRO F 255 -32.57 6.54 35.48
N THR G 4 28.80 23.87 56.40
CA THR G 4 27.41 23.66 56.90
C THR G 4 26.88 24.91 57.59
N LEU G 5 25.69 25.33 57.21
CA LEU G 5 25.02 26.47 57.80
C LEU G 5 23.93 26.01 58.77
N GLY G 6 23.38 26.97 59.52
CA GLY G 6 22.29 26.67 60.42
C GLY G 6 20.96 26.57 59.71
N ARG G 7 19.95 26.07 60.43
CA ARG G 7 18.63 25.92 59.85
C ARG G 7 18.05 27.27 59.46
N ASP G 8 18.14 28.27 60.34
CA ASP G 8 17.64 29.59 60.02
C ASP G 8 18.39 30.23 58.85
N GLN G 9 19.65 29.85 58.66
CA GLN G 9 20.45 30.43 57.59
C GLN G 9 20.13 29.79 56.23
N TYR G 10 19.79 28.49 56.22
CA TYR G 10 19.33 27.88 54.97
C TYR G 10 17.97 28.44 54.55
N VAL G 11 17.12 28.81 55.53
CA VAL G 11 15.87 29.47 55.21
C VAL G 11 16.14 30.82 54.55
N TYR G 12 17.18 31.52 55.03
CA TYR G 12 17.52 32.83 54.46
C TYR G 12 18.14 32.66 53.08
N MET G 13 18.92 31.61 52.87
CA MET G 13 19.55 31.39 51.57
C MET G 13 18.59 30.74 50.58
N ALA G 14 17.58 30.01 51.07
CA ALA G 14 16.58 29.45 50.17
C ALA G 14 15.68 30.55 49.62
N LYS G 15 15.39 31.57 50.43
CA LYS G 15 14.59 32.70 49.96
C LYS G 15 15.41 33.63 49.05
N LEU G 16 16.70 33.81 49.36
CA LEU G 16 17.53 34.64 48.50
C LEU G 16 17.71 34.01 47.12
N ALA G 17 17.95 32.70 47.07
CA ALA G 17 18.04 32.01 45.79
C ALA G 17 16.73 32.11 45.02
N GLU G 18 15.60 32.18 45.73
CA GLU G 18 14.31 32.35 45.06
C GLU G 18 14.18 33.76 44.50
N GLN G 19 14.67 34.77 45.24
CA GLN G 19 14.61 36.14 44.75
C GLN G 19 15.46 36.32 43.50
N ALA G 20 16.57 35.58 43.39
CA ALA G 20 17.42 35.63 42.22
C ALA G 20 17.01 34.62 41.14
N GLU G 21 15.97 33.83 41.39
CA GLU G 21 15.49 32.84 40.43
C GLU G 21 16.57 31.79 40.11
N ARG G 22 17.44 31.50 41.09
CA ARG G 22 18.44 30.45 40.97
C ARG G 22 17.86 29.20 41.63
N TYR G 23 16.96 28.53 40.90
CA TYR G 23 16.19 27.44 41.50
C TYR G 23 17.01 26.18 41.68
N GLU G 24 17.98 25.92 40.81
CA GLU G 24 18.82 24.74 40.98
C GLU G 24 19.53 24.76 42.34
N GLU G 25 19.88 25.95 42.83
CA GLU G 25 20.52 26.08 44.14
C GLU G 25 19.50 26.18 45.27
N MET G 26 18.34 26.79 45.02
CA MET G 26 17.29 26.81 46.03
C MET G 26 16.93 25.39 46.47
N VAL G 27 17.00 24.43 45.54
CA VAL G 27 16.76 23.03 45.89
C VAL G 27 17.85 22.54 46.85
N GLN G 28 19.10 22.90 46.58
CA GLN G 28 20.19 22.47 47.44
C GLN G 28 20.07 23.07 48.84
N PHE G 29 19.73 24.35 48.92
CA PHE G 29 19.61 25.00 50.23
C PHE G 29 18.50 24.36 51.06
N MET G 30 17.37 24.02 50.43
CA MET G 30 16.28 23.39 51.15
C MET G 30 16.55 21.90 51.39
N GLU G 31 17.19 21.22 50.43
CA GLU G 31 17.50 19.81 50.62
C GLU G 31 18.46 19.62 51.79
N GLN G 32 19.46 20.49 51.92
CA GLN G 32 20.37 20.40 53.06
C GLN G 32 19.67 20.75 54.36
N LEU G 33 18.70 21.66 54.33
CA LEU G 33 17.93 21.97 55.52
C LEU G 33 17.12 20.77 55.98
N VAL G 34 16.50 20.05 55.03
CA VAL G 34 15.68 18.91 55.39
C VAL G 34 16.53 17.78 55.96
N THR G 35 17.58 17.38 55.23
CA THR G 35 18.39 16.25 55.65
C THR G 35 19.09 16.47 56.98
N GLY G 36 19.16 17.72 57.46
CA GLY G 36 19.80 18.01 58.73
C GLY G 36 18.83 18.35 59.83
N ALA G 37 17.56 18.55 59.48
CA ALA G 37 16.53 18.93 60.43
C ALA G 37 15.44 17.89 60.60
N THR G 38 15.40 16.85 59.79
CA THR G 38 14.37 15.82 59.82
C THR G 38 15.03 14.45 59.84
N PRO G 39 14.30 13.40 60.26
CA PRO G 39 12.90 13.40 60.74
C PRO G 39 12.75 13.73 62.22
N ALA G 40 13.84 14.09 62.91
CA ALA G 40 13.75 14.39 64.33
C ALA G 40 12.69 15.45 64.61
N GLU G 41 12.66 16.50 63.80
CA GLU G 41 11.67 17.56 63.90
C GLU G 41 10.90 17.68 62.61
N GLU G 42 9.70 18.27 62.69
CA GLU G 42 8.84 18.45 61.54
C GLU G 42 9.04 19.85 60.95
N LEU G 43 8.98 19.94 59.63
CA LEU G 43 9.18 21.21 58.96
C LEU G 43 8.01 22.15 59.22
N THR G 44 8.32 23.44 59.32
CA THR G 44 7.30 24.46 59.47
C THR G 44 6.56 24.66 58.15
N VAL G 45 5.45 25.40 58.22
CA VAL G 45 4.68 25.66 57.00
C VAL G 45 5.48 26.51 56.02
N GLU G 46 6.40 27.33 56.53
CA GLU G 46 7.25 28.13 55.64
C GLU G 46 8.26 27.26 54.92
N GLU G 47 9.02 26.45 55.68
CA GLU G 47 10.00 25.56 55.05
C GLU G 47 9.31 24.50 54.20
N ARG G 48 8.12 24.05 54.59
CA ARG G 48 7.43 23.03 53.83
C ARG G 48 6.99 23.53 52.47
N ASN G 49 6.74 24.84 52.34
CA ASN G 49 6.34 25.43 51.07
C ASN G 49 7.54 25.80 50.21
N LEU G 50 8.62 26.31 50.82
CA LEU G 50 9.82 26.63 50.05
C LEU G 50 10.35 25.40 49.33
N LEU G 51 10.42 24.25 50.03
CA LEU G 51 10.85 23.02 49.39
C LEU G 51 9.94 22.66 48.23
N SER G 52 8.63 22.86 48.39
CA SER G 52 7.70 22.57 47.31
C SER G 52 7.90 23.53 46.14
N VAL G 53 8.17 24.81 46.43
CA VAL G 53 8.39 25.77 45.36
C VAL G 53 9.72 25.49 44.65
N ALA G 54 10.72 25.02 45.38
CA ALA G 54 12.04 24.81 44.79
C ALA G 54 11.98 23.75 43.70
N TYR G 55 11.61 22.52 44.06
CA TYR G 55 11.59 21.44 43.08
C TYR G 55 10.56 21.70 41.98
N LYS G 56 9.49 22.42 42.29
CA LYS G 56 8.45 22.69 41.28
C LYS G 56 9.04 23.45 40.10
N ASN G 57 9.75 24.54 40.37
CA ASN G 57 10.32 25.34 39.28
C ASN G 57 11.37 24.54 38.51
N VAL G 58 12.18 23.74 39.21
CA VAL G 58 13.23 22.98 38.54
C VAL G 58 12.61 21.93 37.63
N ILE G 59 11.72 21.10 38.17
CA ILE G 59 11.12 20.03 37.38
C ILE G 59 10.19 20.61 36.32
N GLY G 60 9.50 21.70 36.65
CA GLY G 60 8.61 22.31 35.67
C GLY G 60 9.35 22.78 34.43
N SER G 61 10.52 23.40 34.62
CA SER G 61 11.31 23.83 33.48
C SER G 61 11.74 22.65 32.63
N LEU G 62 11.96 21.49 33.24
CA LEU G 62 12.34 20.30 32.48
C LEU G 62 11.14 19.72 31.74
N ARG G 63 9.97 19.72 32.37
CA ARG G 63 8.77 19.21 31.71
C ARG G 63 8.42 20.06 30.50
N ALA G 64 8.45 21.39 30.65
CA ALA G 64 8.20 22.27 29.52
C ALA G 64 9.20 21.99 28.41
N ALA G 65 10.49 22.05 28.72
CA ALA G 65 11.51 21.73 27.72
C ALA G 65 11.28 20.35 27.12
N TRP G 66 10.74 19.42 27.90
CA TRP G 66 10.52 18.07 27.39
C TRP G 66 9.48 18.07 26.28
N ARG G 67 8.36 18.77 26.47
CA ARG G 67 7.30 18.75 25.47
C ARG G 67 7.74 19.43 24.18
N ILE G 68 8.47 20.56 24.29
CA ILE G 68 8.97 21.22 23.09
C ILE G 68 9.84 20.26 22.28
N VAL G 69 10.85 19.68 22.93
CA VAL G 69 11.70 18.70 22.26
C VAL G 69 10.88 17.52 21.80
N SER G 70 9.97 17.03 22.65
CA SER G 70 9.06 15.97 22.24
C SER G 70 8.14 16.43 21.13
N SER G 71 7.78 17.72 21.13
CA SER G 71 6.95 18.26 20.05
C SER G 71 7.75 18.36 18.76
N ILE G 72 9.02 18.73 18.84
CA ILE G 72 9.87 18.78 17.66
C ILE G 72 10.01 17.39 17.06
N GLU G 73 10.18 16.37 17.90
CA GLU G 73 10.25 14.99 17.42
C GLU G 73 9.07 14.68 16.51
N GLN G 74 7.86 14.78 17.06
CA GLN G 74 6.65 14.47 16.29
C GLN G 74 6.65 15.17 14.95
N LYS G 75 7.35 16.30 14.83
CA LYS G 75 7.50 16.94 13.54
C LYS G 75 8.58 16.27 12.69
N GLU G 76 9.71 15.93 13.32
CA GLU G 76 10.79 15.26 12.57
C GLU G 76 10.40 13.82 12.21
N GLU G 77 9.54 13.20 13.01
CA GLU G 77 9.09 11.85 12.70
C GLU G 77 7.98 11.85 11.65
N SER G 78 7.24 12.95 11.50
CA SER G 78 6.33 13.12 10.38
C SER G 78 7.04 13.68 9.16
N ARG G 79 8.11 14.45 9.37
CA ARG G 79 8.95 14.91 8.27
C ARG G 79 9.64 13.76 7.56
N LYS G 80 9.77 12.60 8.21
CA LYS G 80 10.48 11.45 7.67
C LYS G 80 11.99 11.70 7.58
N ASN G 81 12.50 12.58 8.44
CA ASN G 81 13.93 12.89 8.50
C ASN G 81 14.52 12.07 9.64
N ASP G 82 15.04 10.89 9.30
CA ASP G 82 15.61 10.01 10.32
C ASP G 82 16.83 10.63 10.99
N GLU G 83 17.58 11.47 10.26
CA GLU G 83 18.75 12.10 10.84
C GLU G 83 18.37 13.11 11.92
N HIS G 84 17.38 13.95 11.64
CA HIS G 84 16.94 14.92 12.63
C HIS G 84 16.41 14.24 13.89
N VAL G 85 15.77 13.09 13.74
CA VAL G 85 15.31 12.35 14.91
C VAL G 85 16.49 11.71 15.63
N SER G 86 17.55 11.34 14.90
CA SER G 86 18.70 10.70 15.52
C SER G 86 19.40 11.61 16.51
N LEU G 87 19.27 12.93 16.35
CA LEU G 87 19.89 13.90 17.24
C LEU G 87 18.94 14.37 18.35
N VAL G 88 17.66 14.58 18.03
CA VAL G 88 16.73 15.07 19.03
C VAL G 88 16.47 14.01 20.09
N LYS G 89 16.57 12.73 19.75
CA LYS G 89 16.32 11.67 20.72
C LYS G 89 17.54 11.40 21.59
N ASP G 90 18.74 11.71 21.11
CA ASP G 90 19.87 11.86 22.01
C ASP G 90 19.67 13.05 22.94
N TYR G 91 18.81 14.00 22.56
CA TYR G 91 18.49 15.14 23.40
C TYR G 91 17.29 14.88 24.32
N ARG G 92 16.33 14.07 23.87
CA ARG G 92 15.24 13.68 24.76
C ARG G 92 15.77 12.88 25.95
N SER G 93 16.55 11.84 25.68
CA SER G 93 17.12 11.04 26.75
C SER G 93 17.96 11.90 27.69
N LYS G 94 18.49 13.02 27.20
CA LYS G 94 19.21 13.94 28.07
C LYS G 94 18.25 14.70 28.97
N VAL G 95 17.10 15.12 28.43
CA VAL G 95 16.10 15.79 29.25
C VAL G 95 15.36 14.78 30.13
N GLU G 96 15.19 13.54 29.67
CA GLU G 96 14.52 12.54 30.48
C GLU G 96 15.37 12.16 31.69
N SER G 97 16.64 11.81 31.46
CA SER G 97 17.54 11.57 32.58
C SER G 97 17.67 12.80 33.46
N GLU G 98 17.54 13.99 32.87
CA GLU G 98 17.53 15.22 33.66
C GLU G 98 16.25 15.31 34.49
N LEU G 99 15.11 14.94 33.89
CA LEU G 99 13.88 14.84 34.67
C LEU G 99 14.02 13.81 35.78
N SER G 100 14.57 12.63 35.45
CA SER G 100 14.71 11.58 36.45
C SER G 100 15.66 11.98 37.57
N SER G 101 16.66 12.80 37.28
CA SER G 101 17.60 13.21 38.31
C SER G 101 16.92 14.02 39.40
N VAL G 102 16.05 14.96 39.01
CA VAL G 102 15.36 15.78 39.99
C VAL G 102 14.24 14.99 40.68
N CYS G 103 13.52 14.17 39.90
CA CYS G 103 12.45 13.38 40.49
C CYS G 103 12.98 12.39 41.52
N SER G 104 14.03 11.64 41.15
CA SER G 104 14.61 10.69 42.08
C SER G 104 15.19 11.40 43.31
N GLY G 105 15.60 12.65 43.16
CA GLY G 105 16.16 13.36 44.29
C GLY G 105 15.13 13.65 45.37
N ILE G 106 13.96 14.14 44.97
CA ILE G 106 12.93 14.46 45.95
C ILE G 106 12.24 13.20 46.45
N LEU G 107 12.10 12.18 45.59
CA LEU G 107 11.44 10.95 46.01
C LEU G 107 12.16 10.30 47.18
N LYS G 108 13.49 10.19 47.09
CA LYS G 108 14.25 9.69 48.23
C LYS G 108 14.09 10.59 49.45
N LEU G 109 13.86 11.89 49.22
CA LEU G 109 13.64 12.80 50.34
C LEU G 109 12.27 12.57 50.97
N LEU G 110 11.31 12.06 50.20
CA LEU G 110 9.99 11.77 50.75
C LEU G 110 10.03 10.59 51.72
N ASP G 111 10.69 9.50 51.31
CA ASP G 111 10.63 8.27 52.07
C ASP G 111 11.57 8.30 53.28
N SER G 112 12.77 8.83 53.12
CA SER G 112 13.79 8.76 54.16
C SER G 112 13.77 9.93 55.13
N HIS G 113 13.07 11.02 54.79
CA HIS G 113 13.12 12.22 55.63
C HIS G 113 11.75 12.86 55.85
N LEU G 114 11.04 13.16 54.76
CA LEU G 114 9.82 13.97 54.87
C LEU G 114 8.68 13.16 55.48
N ILE G 115 8.28 12.07 54.83
CA ILE G 115 7.10 11.33 55.28
C ILE G 115 7.24 10.86 56.73
N PRO G 116 8.35 10.25 57.14
CA PRO G 116 8.45 9.82 58.55
C PRO G 116 8.30 10.97 59.53
N SER G 117 8.69 12.19 59.17
CA SER G 117 8.60 13.30 60.10
C SER G 117 7.16 13.73 60.34
N ALA G 118 6.28 13.54 59.35
CA ALA G 118 4.90 13.97 59.46
C ALA G 118 4.19 13.24 60.59
N GLY G 119 3.82 13.99 61.64
CA GLY G 119 3.09 13.43 62.76
C GLY G 119 1.70 13.99 62.88
N ALA G 120 1.17 14.52 61.76
CA ALA G 120 -0.16 15.08 61.73
C ALA G 120 -0.79 14.80 60.37
N SER G 121 -2.12 14.96 60.31
CA SER G 121 -2.83 14.64 59.08
C SER G 121 -2.51 15.64 57.98
N GLU G 122 -2.38 16.92 58.32
CA GLU G 122 -2.17 17.95 57.30
C GLU G 122 -0.84 17.75 56.59
N SER G 123 0.20 17.32 57.32
CA SER G 123 1.51 17.16 56.71
C SER G 123 1.61 15.88 55.89
N LYS G 124 0.98 14.80 56.36
CA LYS G 124 1.06 13.54 55.64
C LYS G 124 0.37 13.63 54.29
N VAL G 125 -0.80 14.28 54.23
CA VAL G 125 -1.50 14.41 52.96
C VAL G 125 -0.70 15.26 51.99
N PHE G 126 0.00 16.28 52.49
CA PHE G 126 0.82 17.11 51.62
C PHE G 126 2.07 16.36 51.18
N TYR G 127 2.73 15.63 52.09
CA TYR G 127 3.91 14.88 51.73
C TYR G 127 3.55 13.65 50.88
N LEU G 128 2.38 13.04 51.14
CA LEU G 128 1.96 11.91 50.31
C LEU G 128 1.53 12.37 48.93
N LYS G 129 0.86 13.53 48.85
CA LYS G 129 0.53 14.10 47.55
C LYS G 129 1.79 14.47 46.77
N MET G 130 2.83 14.93 47.47
CA MET G 130 4.06 15.32 46.79
C MET G 130 4.70 14.12 46.09
N LYS G 131 4.72 12.96 46.74
CA LYS G 131 5.27 11.77 46.10
C LYS G 131 4.44 11.35 44.89
N GLY G 132 3.11 11.47 44.98
CA GLY G 132 2.27 11.14 43.86
C GLY G 132 2.44 12.09 42.69
N ASP G 133 2.79 13.35 42.97
CA ASP G 133 2.97 14.32 41.90
C ASP G 133 4.24 14.04 41.10
N TYR G 134 5.31 13.65 41.77
CA TYR G 134 6.58 13.41 41.09
C TYR G 134 6.67 12.01 40.50
N HIS G 135 5.82 11.07 40.94
CA HIS G 135 5.67 9.82 40.22
C HIS G 135 4.82 10.00 38.98
N ARG G 136 3.84 10.91 39.03
CA ARG G 136 3.07 11.25 37.83
C ARG G 136 3.95 11.96 36.81
N TYR G 137 4.87 12.82 37.27
CA TYR G 137 5.81 13.46 36.36
C TYR G 137 6.68 12.41 35.67
N MET G 138 7.09 11.38 36.40
CA MET G 138 7.84 10.29 35.78
C MET G 138 6.98 9.56 34.75
N ALA G 139 5.68 9.46 34.99
CA ALA G 139 4.80 8.78 34.05
C ALA G 139 4.53 9.61 32.80
N GLU G 140 4.88 10.90 32.80
CA GLU G 140 4.58 11.73 31.64
C GLU G 140 5.52 11.45 30.47
N PHE G 141 6.74 11.00 30.73
CA PHE G 141 7.71 10.75 29.68
C PHE G 141 8.23 9.32 29.64
N LYS G 142 7.94 8.49 30.62
CA LYS G 142 8.26 7.08 30.53
C LYS G 142 7.27 6.38 29.59
N SER G 143 7.67 5.21 29.11
CA SER G 143 6.86 4.46 28.16
C SER G 143 7.01 2.97 28.42
N GLY G 144 5.89 2.25 28.30
CA GLY G 144 5.90 0.81 28.42
C GLY G 144 6.01 0.30 29.84
N ASP G 145 7.10 -0.40 30.14
CA ASP G 145 7.25 -1.02 31.46
C ASP G 145 7.50 0.02 32.53
N GLU G 146 8.46 0.93 32.30
CA GLU G 146 8.77 1.95 33.30
C GLU G 146 7.61 2.91 33.52
N ARG G 147 6.71 3.03 32.55
CA ARG G 147 5.56 3.94 32.71
C ARG G 147 4.53 3.37 33.67
N LYS G 148 4.11 2.12 33.44
CA LYS G 148 3.12 1.49 34.32
C LYS G 148 3.60 1.48 35.76
N THR G 149 4.88 1.18 35.99
CA THR G 149 5.41 1.18 37.35
C THR G 149 5.24 2.53 38.01
N ALA G 150 5.51 3.62 37.28
CA ALA G 150 5.33 4.95 37.84
C ALA G 150 3.86 5.27 38.06
N ALA G 151 2.99 4.81 37.16
CA ALA G 151 1.56 5.08 37.31
C ALA G 151 1.00 4.39 38.54
N GLU G 152 1.41 3.13 38.78
CA GLU G 152 0.90 2.40 39.95
C GLU G 152 1.35 3.06 41.25
N ASP G 153 2.63 3.45 41.34
CA ASP G 153 3.11 4.11 42.53
C ASP G 153 2.33 5.39 42.82
N THR G 154 1.88 6.08 41.76
CA THR G 154 1.11 7.31 41.96
C THR G 154 -0.22 7.03 42.63
N MET G 155 -0.86 5.91 42.28
CA MET G 155 -2.16 5.59 42.87
C MET G 155 -2.03 5.34 44.37
N LEU G 156 -1.01 4.57 44.78
CA LEU G 156 -0.84 4.29 46.20
C LEU G 156 -0.66 5.57 47.01
N ALA G 157 0.14 6.51 46.49
CA ALA G 157 0.40 7.74 47.23
C ALA G 157 -0.81 8.66 47.28
N TYR G 158 -1.62 8.67 46.22
CA TYR G 158 -2.73 9.63 46.16
C TYR G 158 -3.88 9.19 47.06
N LYS G 159 -4.34 7.95 46.95
CA LYS G 159 -5.40 7.52 47.86
C LYS G 159 -4.90 7.45 49.30
N ALA G 160 -3.61 7.17 49.50
CA ALA G 160 -3.03 7.24 50.84
C ALA G 160 -3.20 8.64 51.42
N ALA G 161 -3.15 9.67 50.58
CA ALA G 161 -3.42 11.03 51.02
C ALA G 161 -4.90 11.35 51.02
N GLN G 162 -5.67 10.70 50.13
CA GLN G 162 -7.10 10.99 50.05
C GLN G 162 -7.85 10.42 51.25
N ASP G 163 -7.52 9.19 51.66
CA ASP G 163 -8.18 8.59 52.82
C ASP G 163 -7.98 9.44 54.07
N ILE G 164 -6.76 9.95 54.26
CA ILE G 164 -6.50 10.84 55.40
C ILE G 164 -7.25 12.16 55.21
N ALA G 165 -7.25 12.69 53.99
CA ALA G 165 -7.90 13.97 53.74
C ALA G 165 -9.41 13.88 53.90
N ALA G 166 -10.02 12.83 53.35
CA ALA G 166 -11.47 12.71 53.42
C ALA G 166 -11.95 12.46 54.84
N ALA G 167 -11.10 11.89 55.70
CA ALA G 167 -11.50 11.53 57.05
C ALA G 167 -11.27 12.65 58.06
N ASP G 168 -10.26 13.48 57.86
CA ASP G 168 -9.87 14.48 58.84
C ASP G 168 -9.96 15.91 58.33
N MET G 169 -9.63 16.15 57.07
CA MET G 169 -9.58 17.51 56.54
C MET G 169 -10.96 17.95 56.04
N ALA G 170 -11.18 19.26 56.08
CA ALA G 170 -12.42 19.82 55.57
C ALA G 170 -12.42 19.83 54.04
N PRO G 171 -13.59 19.70 53.42
CA PRO G 171 -13.65 19.72 51.95
C PRO G 171 -13.42 21.08 51.31
N THR G 172 -12.94 22.06 52.08
CA THR G 172 -12.53 23.35 51.54
C THR G 172 -11.05 23.64 51.78
N HIS G 173 -10.33 22.73 52.42
CA HIS G 173 -8.92 22.96 52.73
C HIS G 173 -8.09 22.90 51.45
N PRO G 174 -7.27 23.90 51.16
CA PRO G 174 -6.53 23.90 49.88
C PRO G 174 -5.75 22.63 49.62
N ILE G 175 -5.13 22.04 50.65
CA ILE G 175 -4.34 20.83 50.43
C ILE G 175 -5.23 19.70 49.94
N ARG G 176 -6.43 19.59 50.50
CA ARG G 176 -7.36 18.57 50.02
C ARG G 176 -7.89 18.93 48.63
N LEU G 177 -8.19 20.21 48.41
CA LEU G 177 -8.62 20.65 47.07
C LEU G 177 -7.50 20.44 46.06
N GLY G 178 -6.27 20.82 46.41
CA GLY G 178 -5.14 20.58 45.52
C GLY G 178 -4.92 19.10 45.26
N LEU G 179 -5.23 18.25 46.23
CA LEU G 179 -5.13 16.81 46.02
C LEU G 179 -6.17 16.35 45.02
N ALA G 180 -7.43 16.74 45.20
CA ALA G 180 -8.47 16.39 44.24
C ALA G 180 -8.17 16.96 42.87
N LEU G 181 -7.51 18.12 42.81
CA LEU G 181 -7.17 18.72 41.53
C LEU G 181 -6.12 17.88 40.79
N ASN G 182 -5.01 17.59 41.47
CA ASN G 182 -3.96 16.80 40.82
C ASN G 182 -4.38 15.35 40.62
N PHE G 183 -5.10 14.79 41.59
CA PHE G 183 -5.53 13.39 41.48
C PHE G 183 -6.51 13.21 40.33
N SER G 184 -7.27 14.24 39.99
CA SER G 184 -8.16 14.16 38.84
C SER G 184 -7.38 14.28 37.53
N VAL G 185 -6.37 15.16 37.49
CA VAL G 185 -5.51 15.24 36.32
C VAL G 185 -4.79 13.92 36.11
N PHE G 186 -4.52 13.19 37.20
CA PHE G 186 -3.89 11.87 37.07
C PHE G 186 -4.79 10.91 36.29
N TYR G 187 -6.10 10.95 36.56
CA TYR G 187 -7.02 10.07 35.84
C TYR G 187 -7.18 10.48 34.39
N TYR G 188 -7.06 11.77 34.09
CA TYR G 188 -7.35 12.25 32.75
C TYR G 188 -6.20 11.98 31.79
N GLU G 189 -4.98 12.41 32.14
CA GLU G 189 -3.85 12.33 31.23
C GLU G 189 -3.08 11.03 31.33
N ILE G 190 -3.04 10.39 32.49
CA ILE G 190 -2.27 9.18 32.67
C ILE G 190 -3.11 7.93 32.46
N LEU G 191 -4.34 7.91 32.99
CA LEU G 191 -5.18 6.72 32.92
C LEU G 191 -6.20 6.77 31.79
N ASN G 192 -6.32 7.90 31.08
CA ASN G 192 -7.20 8.00 29.92
C ASN G 192 -8.65 7.76 30.28
N SER G 193 -9.07 8.29 31.43
CA SER G 193 -10.43 8.14 31.93
C SER G 193 -11.04 9.54 32.06
N SER G 194 -11.58 10.05 30.95
CA SER G 194 -12.21 11.37 30.96
C SER G 194 -13.39 11.43 31.91
N ASP G 195 -13.99 10.29 32.24
CA ASP G 195 -15.17 10.25 33.11
C ASP G 195 -14.80 10.19 34.59
N LYS G 196 -13.80 9.38 34.95
CA LYS G 196 -13.41 9.28 36.35
C LYS G 196 -12.79 10.58 36.86
N ALA G 197 -12.07 11.30 36.00
CA ALA G 197 -11.48 12.56 36.42
C ALA G 197 -12.55 13.64 36.57
N CYS G 198 -13.64 13.55 35.81
CA CYS G 198 -14.70 14.55 35.88
C CYS G 198 -15.61 14.31 37.08
N ASN G 199 -16.04 13.06 37.29
CA ASN G 199 -16.92 12.76 38.42
C ASN G 199 -16.24 13.11 39.74
N MET G 200 -14.91 13.05 39.81
CA MET G 200 -14.19 13.37 41.03
C MET G 200 -13.89 14.87 41.12
N ALA G 201 -13.34 15.45 40.06
CA ALA G 201 -13.08 16.89 40.06
C ALA G 201 -14.37 17.67 40.27
N LYS G 202 -15.50 17.14 39.79
CA LYS G 202 -16.79 17.81 40.00
C LYS G 202 -17.22 17.72 41.45
N GLN G 203 -16.96 16.58 42.09
CA GLN G 203 -17.40 16.41 43.48
C GLN G 203 -16.64 17.32 44.43
N ALA G 204 -15.32 17.45 44.24
CA ALA G 204 -14.53 18.36 45.05
C ALA G 204 -15.04 19.80 44.89
N PHE G 205 -15.23 20.22 43.63
CA PHE G 205 -15.74 21.56 43.37
C PHE G 205 -17.11 21.77 44.00
N GLU G 206 -17.98 20.76 43.91
CA GLU G 206 -19.32 20.88 44.49
C GLU G 206 -19.26 21.01 46.01
N GLU G 207 -18.45 20.18 46.66
CA GLU G 207 -18.41 20.18 48.12
C GLU G 207 -17.77 21.45 48.65
N ALA G 208 -16.72 21.94 47.98
CA ALA G 208 -16.10 23.19 48.41
C ALA G 208 -17.07 24.35 48.30
N ILE G 209 -18.04 24.26 47.38
CA ILE G 209 -19.04 25.31 47.23
C ILE G 209 -20.06 25.26 48.36
N ALA G 210 -20.43 24.04 48.79
CA ALA G 210 -21.43 23.91 49.84
C ALA G 210 -20.97 24.52 51.16
N GLU G 211 -19.65 24.49 51.41
CA GLU G 211 -19.09 24.99 52.67
C GLU G 211 -18.24 26.24 52.45
N LEU G 212 -18.53 27.00 51.40
CA LEU G 212 -17.76 28.22 51.13
C LEU G 212 -18.14 29.37 52.05
N ASP G 213 -19.28 29.28 52.75
CA ASP G 213 -19.67 30.33 53.67
C ASP G 213 -18.82 30.33 54.93
N THR G 214 -18.53 29.14 55.47
CA THR G 214 -17.78 29.02 56.72
C THR G 214 -16.27 29.02 56.50
N LEU G 215 -15.80 29.67 55.44
CA LEU G 215 -14.38 29.76 55.14
C LEU G 215 -13.93 31.21 55.30
N GLY G 216 -12.80 31.42 55.97
CA GLY G 216 -12.31 32.74 56.26
C GLY G 216 -11.22 33.22 55.32
N GLU G 217 -10.90 34.52 55.44
CA GLU G 217 -9.91 35.13 54.56
C GLU G 217 -8.52 34.57 54.73
N GLU G 218 -8.23 33.91 55.86
CA GLU G 218 -6.91 33.32 56.06
C GLU G 218 -6.52 32.44 54.87
N SER G 219 -7.49 31.69 54.33
CA SER G 219 -7.24 30.84 53.18
C SER G 219 -8.37 30.93 52.16
N TYR G 220 -9.12 32.04 52.14
CA TYR G 220 -10.28 32.11 51.25
C TYR G 220 -9.83 32.13 49.79
N LYS G 221 -9.11 33.17 49.38
CA LYS G 221 -8.69 33.27 47.99
C LYS G 221 -7.84 32.07 47.58
N ASP G 222 -7.11 31.48 48.53
CA ASP G 222 -6.40 30.24 48.24
C ASP G 222 -7.38 29.14 47.87
N SER G 223 -8.35 28.89 48.76
CA SER G 223 -9.36 27.86 48.48
C SER G 223 -10.05 28.13 47.15
N THR G 224 -10.66 29.31 47.01
CA THR G 224 -11.37 29.64 45.78
C THR G 224 -10.46 29.59 44.57
N LEU G 225 -9.17 29.90 44.75
CA LEU G 225 -8.21 29.77 43.65
C LEU G 225 -8.18 28.33 43.15
N ILE G 226 -7.82 27.39 44.02
CA ILE G 226 -7.78 25.99 43.62
C ILE G 226 -9.15 25.51 43.17
N MET G 227 -10.22 26.14 43.68
CA MET G 227 -11.56 25.75 43.25
C MET G 227 -11.78 26.07 41.78
N GLN G 228 -11.30 27.22 41.33
CA GLN G 228 -11.45 27.59 39.92
C GLN G 228 -10.46 26.84 39.04
N LEU G 229 -9.31 26.45 39.58
CA LEU G 229 -8.45 25.50 38.87
C LEU G 229 -9.21 24.23 38.57
N LEU G 230 -10.01 23.75 39.53
CA LEU G 230 -10.80 22.54 39.29
C LEU G 230 -11.78 22.75 38.14
N ARG G 231 -12.38 23.94 38.04
CA ARG G 231 -13.34 24.16 36.97
C ARG G 231 -12.66 24.53 35.65
N ASP G 232 -11.47 25.13 35.72
CA ASP G 232 -10.69 25.33 34.50
C ASP G 232 -10.23 24.01 33.91
N ASN G 233 -10.20 22.94 34.72
CA ASN G 233 -9.90 21.61 34.20
C ASN G 233 -11.12 20.98 33.54
N LEU G 234 -12.29 21.09 34.18
CA LEU G 234 -13.49 20.46 33.63
C LEU G 234 -13.89 21.09 32.30
N THR G 235 -13.55 22.37 32.09
CA THR G 235 -13.83 23.00 30.80
C THR G 235 -12.84 22.54 29.74
N LEU G 236 -11.59 22.32 30.12
CA LEU G 236 -10.61 21.81 29.17
C LEU G 236 -10.94 20.38 28.75
N TRP G 237 -11.43 19.57 29.69
CA TRP G 237 -11.70 18.16 29.41
C TRP G 237 -12.98 17.98 28.59
N THR G 238 -13.99 18.82 28.84
CA THR G 238 -15.24 18.70 28.10
C THR G 238 -15.03 19.00 26.62
N SER G 239 -14.24 20.02 26.31
CA SER G 239 -13.98 20.40 24.93
C SER G 239 -13.23 19.28 24.19
N ILE G 250 -2.52 19.32 28.33
CA ILE G 250 -1.90 20.06 29.42
C ILE G 250 -2.98 20.59 30.37
N SER G 251 -3.11 19.94 31.52
CA SER G 251 -4.05 20.36 32.54
C SER G 251 -3.35 21.30 33.54
N ASN G 252 -4.15 21.94 34.38
CA ASN G 252 -3.62 22.78 35.45
C ASN G 252 -3.58 21.97 36.73
N SEP G 253 -2.84 22.46 37.73
CA SEP G 253 -2.64 21.68 38.98
CB SEP G 253 -1.44 20.72 38.82
OG SEP G 253 -0.36 21.38 38.18
C SEP G 253 -2.43 22.55 40.21
O SEP G 253 -2.24 23.77 40.09
P SEP G 253 0.67 20.31 37.56
O1P SEP G 253 -0.14 19.29 36.60
O2P SEP G 253 1.37 19.48 38.75
O3P SEP G 253 1.78 21.07 36.69
H SEP G 253 -2.46 23.25 37.81
HA SEP G 253 -3.45 21.14 39.16
HB2 SEP G 253 -1.72 19.97 38.28
HB3 SEP G 253 -1.16 20.42 39.70
N ALA G 254 -2.48 21.93 41.39
CA ALA G 254 -2.36 22.64 42.66
C ALA G 254 -1.19 23.62 42.65
N PRO G 255 -1.45 24.90 42.98
CA PRO G 255 -0.38 25.90 43.01
C PRO G 255 0.84 25.45 43.80
C ACT H . 44.76 1.54 -36.61
O ACT H . 44.57 0.81 -37.62
OXT ACT H . 45.67 2.40 -36.41
CH3 ACT H . 43.74 1.39 -35.45
H1 ACT H . 44.07 1.86 -34.66
H2 ACT H . 43.63 0.44 -35.25
H3 ACT H . 42.89 1.76 -35.72
C ACT I . -23.29 12.32 30.14
O ACT I . -22.31 12.75 29.47
OXT ACT I . -24.51 12.60 30.03
CH3 ACT I . -22.94 11.29 31.25
H1 ACT I . -23.49 10.50 31.15
H2 ACT I . -23.12 11.69 32.12
H3 ACT I . -22.01 11.05 31.19
#